data_6TO6
#
_entry.id   6TO6
#
_entity_poly.entity_id   1
_entity_poly.type   'polypeptide(L)'
_entity_poly.pdbx_seq_one_letter_code
;GSMSYDYSSLLGKITEKCGTQYNFAIAMGLSERTVSLKLNDKVTWKDDEILKAVHVLELNPQDIPKYFFNAKVH
;
_entity_poly.pdbx_strand_id   A
#
# COMPACT_ATOMS: atom_id res chain seq x y z
N GLY A 1 -2.60 8.83 -1.94
CA GLY A 1 -2.30 9.85 -0.91
C GLY A 1 -3.58 10.42 -0.37
N SER A 2 -3.56 11.63 0.16
CA SER A 2 -4.80 12.24 0.63
C SER A 2 -5.72 12.49 -0.57
N MET A 3 -5.12 12.77 -1.70
CA MET A 3 -5.82 12.88 -2.94
C MET A 3 -5.50 11.63 -3.74
N SER A 4 -6.53 10.95 -4.18
CA SER A 4 -6.42 9.69 -4.91
C SER A 4 -5.94 8.57 -3.97
N TYR A 5 -6.90 7.90 -3.36
CA TYR A 5 -6.71 6.73 -2.48
C TYR A 5 -5.97 7.03 -1.21
N ASP A 6 -6.72 7.07 -0.12
CA ASP A 6 -6.16 7.23 1.23
C ASP A 6 -5.74 5.84 1.73
N TYR A 7 -5.91 4.87 0.81
CA TYR A 7 -5.51 3.47 0.90
C TYR A 7 -6.36 2.72 1.91
N SER A 8 -7.55 3.21 2.14
CA SER A 8 -8.47 2.66 3.14
C SER A 8 -8.79 1.15 2.89
N SER A 9 -9.01 0.79 1.63
CA SER A 9 -9.30 -0.60 1.27
C SER A 9 -8.04 -1.44 1.46
N LEU A 10 -6.90 -0.84 1.15
CA LEU A 10 -5.61 -1.48 1.29
C LEU A 10 -5.29 -1.70 2.73
N LEU A 11 -5.46 -0.66 3.51
CA LEU A 11 -5.23 -0.65 4.91
C LEU A 11 -6.00 -1.75 5.61
N GLY A 12 -7.20 -2.04 5.10
CA GLY A 12 -7.99 -3.13 5.63
C GLY A 12 -7.25 -4.45 5.48
N LYS A 13 -6.72 -4.69 4.29
CA LYS A 13 -5.96 -5.88 3.99
C LYS A 13 -4.68 -5.90 4.77
N ILE A 14 -4.09 -4.74 4.93
CA ILE A 14 -2.90 -4.59 5.74
C ILE A 14 -3.18 -5.03 7.16
N THR A 15 -4.29 -4.61 7.72
CA THR A 15 -4.71 -5.04 9.04
C THR A 15 -4.99 -6.54 9.05
N GLU A 16 -5.62 -7.00 8.01
CA GLU A 16 -6.01 -8.37 7.87
C GLU A 16 -4.82 -9.32 7.78
N LYS A 17 -3.70 -8.85 7.29
CA LYS A 17 -2.56 -9.67 7.13
C LYS A 17 -1.48 -9.38 8.13
N CYS A 18 -1.22 -8.14 8.33
CA CYS A 18 -0.13 -7.75 9.09
C CYS A 18 -0.59 -7.10 10.37
N GLY A 19 -1.65 -6.32 10.29
CA GLY A 19 -2.05 -5.60 11.42
C GLY A 19 -2.11 -4.12 11.16
N THR A 20 -0.97 -3.56 10.96
CA THR A 20 -0.79 -2.11 10.80
C THR A 20 0.26 -1.82 9.76
N GLN A 21 0.51 -0.53 9.48
CA GLN A 21 1.57 -0.12 8.54
C GLN A 21 2.93 -0.55 9.10
N TYR A 22 3.02 -0.48 10.42
CA TYR A 22 4.18 -0.92 11.17
C TYR A 22 4.48 -2.36 10.83
N ASN A 23 3.49 -3.20 11.01
CA ASN A 23 3.62 -4.62 10.77
C ASN A 23 3.80 -4.93 9.29
N PHE A 24 3.13 -4.15 8.45
CA PHE A 24 3.27 -4.21 6.99
C PHE A 24 4.74 -4.16 6.65
N ALA A 25 5.37 -3.14 7.19
CA ALA A 25 6.82 -2.93 7.07
C ALA A 25 7.56 -4.21 7.44
N ILE A 26 7.28 -4.71 8.65
CA ILE A 26 7.89 -5.92 9.19
C ILE A 26 7.78 -7.10 8.23
N ALA A 27 6.57 -7.37 7.77
CA ALA A 27 6.29 -8.50 6.90
C ALA A 27 6.92 -8.32 5.52
N MET A 28 6.88 -7.10 5.00
CA MET A 28 7.42 -6.80 3.71
C MET A 28 8.95 -6.83 3.74
N GLY A 29 9.51 -6.55 4.89
CA GLY A 29 10.94 -6.51 5.02
C GLY A 29 11.47 -5.11 4.91
N LEU A 30 10.61 -4.18 5.24
CA LEU A 30 10.92 -2.77 5.19
C LEU A 30 10.94 -2.21 6.57
N SER A 31 11.50 -1.07 6.71
CA SER A 31 11.52 -0.39 7.96
C SER A 31 10.31 0.51 7.99
N GLU A 32 9.82 0.80 9.18
CA GLU A 32 8.65 1.65 9.35
C GLU A 32 8.94 3.03 8.78
N ARG A 33 10.19 3.44 8.90
CA ARG A 33 10.68 4.72 8.42
C ARG A 33 10.43 4.86 6.91
N THR A 34 10.73 3.80 6.21
CA THR A 34 10.66 3.76 4.77
C THR A 34 9.22 3.54 4.29
N VAL A 35 8.51 2.71 5.02
CA VAL A 35 7.14 2.42 4.74
C VAL A 35 6.31 3.60 4.88
N SER A 36 6.54 4.33 5.90
CA SER A 36 5.73 5.44 6.14
C SER A 36 6.01 6.59 5.14
N LEU A 37 7.06 6.44 4.34
CA LEU A 37 7.32 7.35 3.24
C LEU A 37 6.61 6.84 1.97
N LYS A 38 6.87 5.56 1.63
CA LYS A 38 6.30 4.92 0.45
C LYS A 38 4.82 4.70 0.48
N LEU A 39 4.34 4.18 1.58
CA LEU A 39 2.93 3.82 1.75
C LEU A 39 2.12 5.04 2.16
N ASN A 40 2.74 6.17 2.10
CA ASN A 40 2.08 7.35 2.48
C ASN A 40 1.80 8.21 1.26
N ASP A 41 2.84 8.88 0.73
CA ASP A 41 2.61 9.83 -0.39
C ASP A 41 3.88 10.32 -1.10
N LYS A 42 5.07 10.06 -0.56
CA LYS A 42 6.25 10.61 -1.15
C LYS A 42 6.78 9.69 -2.17
N VAL A 43 6.82 8.45 -1.83
CA VAL A 43 7.53 7.57 -2.64
C VAL A 43 6.64 6.52 -3.15
N THR A 44 5.94 6.92 -4.12
CA THR A 44 5.00 6.10 -4.83
C THR A 44 5.68 4.84 -5.40
N TRP A 45 5.03 3.71 -5.18
CA TRP A 45 5.54 2.39 -5.53
C TRP A 45 5.84 2.21 -7.01
N LYS A 46 6.90 1.51 -7.25
CA LYS A 46 7.23 1.00 -8.54
C LYS A 46 6.51 -0.32 -8.69
N ASP A 47 6.48 -0.86 -9.88
CA ASP A 47 5.71 -2.08 -10.17
C ASP A 47 6.15 -3.29 -9.36
N ASP A 48 7.44 -3.41 -9.09
CA ASP A 48 7.93 -4.54 -8.30
C ASP A 48 7.60 -4.34 -6.84
N GLU A 49 7.51 -3.08 -6.43
CA GLU A 49 7.20 -2.76 -5.04
C GLU A 49 5.73 -3.08 -4.79
N ILE A 50 4.91 -2.79 -5.80
CA ILE A 50 3.50 -3.12 -5.77
C ILE A 50 3.34 -4.65 -5.69
N LEU A 51 4.09 -5.34 -6.54
CA LEU A 51 4.07 -6.76 -6.65
C LEU A 51 4.45 -7.43 -5.32
N LYS A 52 5.45 -6.88 -4.66
CA LYS A 52 5.85 -7.38 -3.38
C LYS A 52 4.79 -7.23 -2.31
N ALA A 53 4.05 -6.12 -2.35
CA ALA A 53 2.95 -5.91 -1.43
C ALA A 53 1.85 -6.95 -1.73
N VAL A 54 1.60 -7.15 -3.01
CA VAL A 54 0.64 -8.15 -3.51
C VAL A 54 0.99 -9.55 -2.98
N HIS A 55 2.26 -9.83 -2.89
CA HIS A 55 2.77 -11.13 -2.46
C HIS A 55 2.52 -11.36 -0.97
N VAL A 56 2.57 -10.29 -0.22
CA VAL A 56 2.46 -10.34 1.23
C VAL A 56 1.00 -10.31 1.63
N LEU A 57 0.32 -9.35 1.09
CA LEU A 57 -1.04 -9.09 1.34
C LEU A 57 -1.97 -10.11 0.69
N GLU A 58 -1.47 -10.76 -0.35
CA GLU A 58 -2.24 -11.68 -1.18
C GLU A 58 -3.32 -10.94 -1.90
N LEU A 59 -2.89 -10.18 -2.85
CA LEU A 59 -3.73 -9.41 -3.70
C LEU A 59 -3.63 -9.97 -5.08
N ASN A 60 -4.20 -9.31 -6.03
CA ASN A 60 -4.14 -9.75 -7.39
C ASN A 60 -3.69 -8.59 -8.26
N PRO A 61 -2.89 -8.87 -9.32
CA PRO A 61 -2.38 -7.82 -10.22
C PRO A 61 -3.48 -7.06 -10.99
N GLN A 62 -4.65 -7.65 -11.11
CA GLN A 62 -5.75 -7.00 -11.81
C GLN A 62 -6.60 -6.20 -10.86
N ASP A 63 -6.52 -6.55 -9.61
CA ASP A 63 -7.27 -5.89 -8.52
C ASP A 63 -6.53 -4.63 -8.07
N ILE A 64 -5.36 -4.45 -8.66
CA ILE A 64 -4.45 -3.33 -8.37
C ILE A 64 -5.04 -1.90 -8.49
N PRO A 65 -5.81 -1.51 -9.56
CA PRO A 65 -6.22 -0.09 -9.75
C PRO A 65 -7.17 0.38 -8.67
N LYS A 66 -7.70 -0.56 -7.97
CA LYS A 66 -8.63 -0.32 -6.91
C LYS A 66 -7.86 0.15 -5.67
N TYR A 67 -6.69 -0.41 -5.48
CA TYR A 67 -5.85 -0.09 -4.36
C TYR A 67 -4.84 0.98 -4.73
N PHE A 68 -4.09 0.73 -5.78
CA PHE A 68 -3.03 1.60 -6.21
C PHE A 68 -3.24 1.91 -7.70
N PHE A 69 -3.89 2.98 -8.04
CA PHE A 69 -3.96 3.32 -9.46
C PHE A 69 -3.08 4.52 -9.70
N ASN A 70 -3.55 5.68 -9.32
CA ASN A 70 -2.74 6.85 -9.32
C ASN A 70 -2.13 6.97 -7.97
N ALA A 71 -2.99 7.27 -7.02
CA ALA A 71 -2.66 7.44 -5.59
C ALA A 71 -1.67 8.58 -5.42
N LYS A 72 -1.69 9.42 -6.40
CA LYS A 72 -0.83 10.57 -6.57
C LYS A 72 -1.24 11.11 -7.91
N VAL A 73 -1.48 12.36 -8.01
CA VAL A 73 -1.90 12.89 -9.29
C VAL A 73 -1.50 14.35 -9.46
N HIS A 74 -0.21 14.53 -9.64
CA HIS A 74 0.39 15.81 -9.88
C HIS A 74 1.85 15.56 -10.21
N GLY A 1 -1.30 18.64 4.61
CA GLY A 1 -1.76 17.28 4.89
C GLY A 1 -1.06 16.27 4.02
N SER A 2 -1.79 15.70 3.09
CA SER A 2 -1.27 14.69 2.22
C SER A 2 -1.87 14.91 0.84
N MET A 3 -1.04 14.89 -0.18
CA MET A 3 -1.51 15.02 -1.54
C MET A 3 -1.46 13.67 -2.22
N SER A 4 -1.75 13.66 -3.52
CA SER A 4 -1.73 12.47 -4.37
C SER A 4 -2.89 11.52 -4.04
N TYR A 5 -2.82 10.31 -4.60
CA TYR A 5 -3.82 9.28 -4.44
C TYR A 5 -4.12 8.97 -2.97
N ASP A 6 -5.39 8.80 -2.69
CA ASP A 6 -5.89 8.49 -1.35
C ASP A 6 -6.10 6.99 -1.23
N TYR A 7 -5.18 6.33 -0.56
CA TYR A 7 -5.13 4.86 -0.49
C TYR A 7 -6.02 4.27 0.62
N SER A 8 -7.14 4.91 0.93
CA SER A 8 -7.98 4.48 2.04
C SER A 8 -8.49 3.02 1.92
N SER A 9 -8.86 2.56 0.70
CA SER A 9 -9.33 1.18 0.52
C SER A 9 -8.20 0.17 0.80
N LEU A 10 -6.97 0.56 0.53
CA LEU A 10 -5.85 -0.29 0.76
C LEU A 10 -5.54 -0.35 2.21
N LEU A 11 -5.53 0.78 2.82
CA LEU A 11 -5.27 0.92 4.20
C LEU A 11 -6.23 0.08 5.06
N GLY A 12 -7.47 -0.11 4.57
CA GLY A 12 -8.45 -0.94 5.27
C GLY A 12 -7.97 -2.39 5.36
N LYS A 13 -7.50 -2.91 4.23
CA LYS A 13 -6.95 -4.25 4.14
C LYS A 13 -5.76 -4.37 5.05
N ILE A 14 -4.93 -3.37 5.00
CA ILE A 14 -3.73 -3.30 5.77
C ILE A 14 -4.01 -3.39 7.27
N THR A 15 -4.94 -2.60 7.75
CA THR A 15 -5.30 -2.61 9.16
C THR A 15 -5.83 -3.98 9.60
N GLU A 16 -6.53 -4.63 8.73
CA GLU A 16 -7.15 -5.87 9.07
C GLU A 16 -6.21 -7.08 8.96
N LYS A 17 -5.28 -7.03 8.03
CA LYS A 17 -4.41 -8.13 7.78
C LYS A 17 -3.15 -8.05 8.58
N CYS A 18 -2.66 -6.87 8.67
CA CYS A 18 -1.44 -6.62 9.26
C CYS A 18 -1.67 -5.84 10.52
N GLY A 19 -2.37 -4.75 10.37
CA GLY A 19 -2.62 -3.93 11.50
C GLY A 19 -2.37 -2.49 11.20
N THR A 20 -1.17 -2.22 10.81
CA THR A 20 -0.72 -0.87 10.58
C THR A 20 0.22 -0.86 9.38
N GLN A 21 0.73 0.32 9.03
CA GLN A 21 1.68 0.45 7.92
C GLN A 21 3.00 -0.16 8.34
N TYR A 22 3.25 -0.15 9.65
CA TYR A 22 4.40 -0.80 10.25
C TYR A 22 4.38 -2.26 9.94
N ASN A 23 3.32 -2.89 10.37
CA ASN A 23 3.11 -4.32 10.19
C ASN A 23 3.11 -4.68 8.71
N PHE A 24 2.49 -3.83 7.92
CA PHE A 24 2.45 -3.96 6.46
C PHE A 24 3.85 -4.03 5.93
N ALA A 25 4.65 -3.07 6.36
CA ALA A 25 6.05 -2.97 5.98
C ALA A 25 6.79 -4.26 6.31
N ILE A 26 6.54 -4.78 7.52
CA ILE A 26 7.14 -6.02 7.99
C ILE A 26 6.84 -7.17 7.03
N ALA A 27 5.57 -7.32 6.70
CA ALA A 27 5.12 -8.38 5.82
C ALA A 27 5.67 -8.24 4.40
N MET A 28 5.85 -7.01 3.96
CA MET A 28 6.39 -6.75 2.63
C MET A 28 7.89 -7.01 2.59
N GLY A 29 8.55 -6.67 3.67
CA GLY A 29 9.98 -6.78 3.74
C GLY A 29 10.63 -5.42 3.62
N LEU A 30 9.85 -4.40 3.91
CA LEU A 30 10.29 -3.02 3.84
C LEU A 30 10.38 -2.45 5.22
N SER A 31 10.91 -1.28 5.31
CA SER A 31 11.01 -0.59 6.56
C SER A 31 9.76 0.27 6.72
N GLU A 32 9.37 0.56 7.95
CA GLU A 32 8.14 1.28 8.27
C GLU A 32 8.08 2.61 7.56
N ARG A 33 9.12 3.41 7.73
CA ARG A 33 9.15 4.72 7.13
C ARG A 33 9.18 4.66 5.62
N THR A 34 9.74 3.60 5.08
CA THR A 34 9.85 3.43 3.64
C THR A 34 8.46 3.27 3.07
N VAL A 35 7.69 2.40 3.69
CA VAL A 35 6.33 2.19 3.36
C VAL A 35 5.54 3.40 3.54
N SER A 36 5.76 4.06 4.62
CA SER A 36 5.00 5.19 4.90
C SER A 36 5.30 6.37 3.93
N LEU A 37 6.36 6.26 3.14
CA LEU A 37 6.62 7.24 2.11
C LEU A 37 5.80 6.94 0.84
N LYS A 38 5.83 5.66 0.38
CA LYS A 38 5.04 5.24 -0.77
C LYS A 38 3.57 5.31 -0.45
N LEU A 39 3.23 4.63 0.61
CA LEU A 39 1.87 4.39 1.02
C LEU A 39 1.35 5.58 1.83
N ASN A 40 1.55 6.75 1.31
CA ASN A 40 1.03 7.93 1.90
C ASN A 40 0.88 9.01 0.87
N ASP A 41 1.99 9.48 0.30
CA ASP A 41 1.90 10.62 -0.61
C ASP A 41 3.13 10.85 -1.48
N LYS A 42 4.32 10.39 -1.10
CA LYS A 42 5.46 10.80 -1.83
C LYS A 42 5.75 9.90 -2.94
N VAL A 43 5.91 8.67 -2.62
CA VAL A 43 6.51 7.84 -3.57
C VAL A 43 5.52 6.83 -4.09
N THR A 44 5.95 6.11 -5.05
CA THR A 44 5.15 5.12 -5.66
C THR A 44 5.88 3.79 -5.44
N TRP A 45 5.19 2.72 -5.65
CA TRP A 45 5.79 1.41 -5.49
C TRP A 45 6.26 0.95 -6.83
N LYS A 46 7.36 0.26 -6.85
CA LYS A 46 7.78 -0.40 -8.03
C LYS A 46 6.99 -1.68 -8.11
N ASP A 47 6.91 -2.27 -9.28
CA ASP A 47 6.11 -3.48 -9.50
C ASP A 47 6.44 -4.59 -8.50
N ASP A 48 7.72 -4.84 -8.30
CA ASP A 48 8.17 -5.88 -7.35
C ASP A 48 7.79 -5.54 -5.92
N GLU A 49 7.59 -4.26 -5.63
CA GLU A 49 7.19 -3.86 -4.30
C GLU A 49 5.70 -4.14 -4.14
N ILE A 50 4.96 -3.81 -5.19
CA ILE A 50 3.52 -4.03 -5.26
C ILE A 50 3.20 -5.52 -5.05
N LEU A 51 3.91 -6.36 -5.78
CA LEU A 51 3.75 -7.79 -5.76
C LEU A 51 3.87 -8.39 -4.36
N LYS A 52 4.73 -7.80 -3.54
CA LYS A 52 4.94 -8.28 -2.20
C LYS A 52 3.69 -8.14 -1.36
N ALA A 53 3.06 -6.98 -1.49
CA ALA A 53 1.85 -6.68 -0.75
C ALA A 53 0.69 -7.50 -1.27
N VAL A 54 0.60 -7.60 -2.61
CA VAL A 54 -0.44 -8.39 -3.30
C VAL A 54 -0.47 -9.83 -2.80
N HIS A 55 0.70 -10.33 -2.51
CA HIS A 55 0.89 -11.70 -2.09
C HIS A 55 0.44 -11.92 -0.64
N VAL A 56 0.57 -10.90 0.15
CA VAL A 56 0.29 -11.02 1.59
C VAL A 56 -1.15 -10.70 1.86
N LEU A 57 -1.53 -9.54 1.41
CA LEU A 57 -2.82 -8.98 1.58
C LEU A 57 -3.86 -9.70 0.74
N GLU A 58 -3.38 -10.59 -0.11
CA GLU A 58 -4.20 -11.37 -1.02
C GLU A 58 -5.01 -10.48 -1.92
N LEU A 59 -4.31 -9.90 -2.86
CA LEU A 59 -4.89 -9.02 -3.82
C LEU A 59 -4.71 -9.63 -5.19
N ASN A 60 -5.13 -8.95 -6.20
CA ASN A 60 -5.02 -9.44 -7.54
C ASN A 60 -4.42 -8.35 -8.42
N PRO A 61 -3.56 -8.71 -9.42
CA PRO A 61 -2.95 -7.74 -10.35
C PRO A 61 -3.97 -6.86 -11.11
N GLN A 62 -5.21 -7.30 -11.24
CA GLN A 62 -6.24 -6.49 -11.87
C GLN A 62 -6.83 -5.51 -10.90
N ASP A 63 -6.83 -5.91 -9.65
CA ASP A 63 -7.46 -5.16 -8.56
C ASP A 63 -6.51 -4.07 -8.02
N ILE A 64 -5.37 -3.93 -8.68
CA ILE A 64 -4.31 -2.98 -8.31
C ILE A 64 -4.73 -1.46 -8.20
N PRO A 65 -5.51 -0.87 -9.17
CA PRO A 65 -5.80 0.57 -9.13
C PRO A 65 -6.82 0.91 -8.06
N LYS A 66 -7.39 -0.11 -7.54
CA LYS A 66 -8.36 -0.03 -6.50
C LYS A 66 -7.64 0.11 -5.15
N TYR A 67 -6.38 -0.29 -5.14
CA TYR A 67 -5.60 -0.31 -3.93
C TYR A 67 -4.45 0.66 -3.93
N PHE A 68 -3.54 0.46 -4.86
CA PHE A 68 -2.29 1.23 -4.89
C PHE A 68 -2.46 2.58 -5.56
N PHE A 69 -3.69 2.90 -5.82
CA PHE A 69 -4.06 4.17 -6.37
C PHE A 69 -5.28 4.66 -5.61
N ASN A 70 -6.38 3.90 -5.71
CA ASN A 70 -7.61 4.19 -5.09
C ASN A 70 -8.10 5.61 -5.43
N ALA A 71 -8.47 5.78 -6.69
CA ALA A 71 -8.92 7.06 -7.23
C ALA A 71 -10.41 7.31 -6.93
N LYS A 72 -10.81 6.87 -5.76
CA LYS A 72 -12.17 6.97 -5.22
C LYS A 72 -13.28 6.46 -6.14
N VAL A 73 -13.78 5.31 -5.81
CA VAL A 73 -14.89 4.68 -6.50
C VAL A 73 -16.01 4.47 -5.50
N HIS A 74 -16.19 5.50 -4.67
CA HIS A 74 -17.08 5.54 -3.51
C HIS A 74 -16.71 4.48 -2.48
N GLY A 1 -17.28 14.62 -4.92
CA GLY A 1 -16.99 13.22 -4.70
C GLY A 1 -15.74 12.83 -5.45
N SER A 2 -15.71 11.60 -5.96
CA SER A 2 -14.61 11.09 -6.78
C SER A 2 -13.32 10.97 -5.96
N MET A 3 -13.45 10.86 -4.66
CA MET A 3 -12.29 10.71 -3.81
C MET A 3 -12.22 9.29 -3.28
N SER A 4 -13.13 8.45 -3.75
CA SER A 4 -13.16 7.06 -3.37
C SER A 4 -12.18 6.24 -4.23
N TYR A 5 -10.94 6.55 -4.01
CA TYR A 5 -9.79 6.00 -4.72
C TYR A 5 -8.59 6.34 -3.84
N ASP A 6 -8.88 6.44 -2.58
CA ASP A 6 -7.98 6.95 -1.57
C ASP A 6 -7.05 5.89 -1.02
N TYR A 7 -6.07 6.33 -0.25
CA TYR A 7 -5.13 5.41 0.37
C TYR A 7 -5.51 5.13 1.83
N SER A 8 -6.61 5.66 2.28
CA SER A 8 -7.04 5.45 3.64
C SER A 8 -7.73 4.09 3.72
N SER A 9 -8.46 3.76 2.66
CA SER A 9 -9.05 2.44 2.49
C SER A 9 -7.94 1.39 2.43
N LEU A 10 -6.84 1.79 1.80
CA LEU A 10 -5.67 0.98 1.70
C LEU A 10 -5.12 0.72 3.08
N LEU A 11 -4.89 1.81 3.81
CA LEU A 11 -4.41 1.76 5.16
C LEU A 11 -5.31 0.90 6.03
N GLY A 12 -6.59 0.97 5.75
CA GLY A 12 -7.57 0.20 6.44
C GLY A 12 -7.35 -1.28 6.30
N LYS A 13 -7.17 -1.78 5.07
CA LYS A 13 -7.03 -3.16 4.90
C LYS A 13 -5.62 -3.59 5.37
N ILE A 14 -4.66 -2.65 5.35
CA ILE A 14 -3.30 -2.87 5.84
C ILE A 14 -3.35 -3.25 7.33
N THR A 15 -4.25 -2.62 8.06
CA THR A 15 -4.43 -2.88 9.47
C THR A 15 -4.88 -4.34 9.70
N GLU A 16 -5.66 -4.84 8.80
CA GLU A 16 -6.21 -6.16 8.92
C GLU A 16 -5.33 -7.23 8.26
N LYS A 17 -4.37 -6.80 7.47
CA LYS A 17 -3.50 -7.69 6.78
C LYS A 17 -2.16 -7.80 7.45
N CYS A 18 -1.68 -6.69 7.90
CA CYS A 18 -0.43 -6.60 8.49
C CYS A 18 -0.59 -6.09 9.89
N GLY A 19 -1.29 -5.00 10.02
CA GLY A 19 -1.49 -4.41 11.30
C GLY A 19 -1.42 -2.93 11.24
N THR A 20 -0.34 -2.45 10.68
CA THR A 20 -0.02 -1.03 10.58
C THR A 20 0.96 -0.85 9.43
N GLN A 21 1.39 0.39 9.19
CA GLN A 21 2.39 0.69 8.18
C GLN A 21 3.75 0.09 8.59
N TYR A 22 3.93 -0.03 9.89
CA TYR A 22 5.11 -0.63 10.48
C TYR A 22 5.17 -2.07 10.09
N ASN A 23 4.14 -2.79 10.48
CA ASN A 23 4.00 -4.22 10.21
C ASN A 23 4.11 -4.53 8.71
N PHE A 24 3.52 -3.64 7.90
CA PHE A 24 3.62 -3.69 6.43
C PHE A 24 5.09 -3.81 6.05
N ALA A 25 5.85 -2.83 6.52
CA ALA A 25 7.27 -2.73 6.26
C ALA A 25 7.98 -4.01 6.67
N ILE A 26 7.66 -4.49 7.88
CA ILE A 26 8.24 -5.67 8.47
C ILE A 26 8.08 -6.90 7.57
N ALA A 27 6.85 -7.17 7.19
CA ALA A 27 6.52 -8.37 6.41
C ALA A 27 6.99 -8.26 4.96
N MET A 28 7.16 -7.04 4.48
CA MET A 28 7.63 -6.80 3.17
C MET A 28 9.15 -6.84 3.11
N GLY A 29 9.78 -6.34 4.14
CA GLY A 29 11.23 -6.27 4.19
C GLY A 29 11.73 -4.86 3.97
N LEU A 30 10.90 -3.90 4.28
CA LEU A 30 11.22 -2.49 4.12
C LEU A 30 11.47 -1.83 5.45
N SER A 31 12.01 -0.64 5.39
CA SER A 31 12.13 0.20 6.54
C SER A 31 10.82 0.98 6.54
N GLU A 32 10.23 1.22 7.70
CA GLU A 32 8.87 1.78 7.73
C GLU A 32 8.76 3.14 7.12
N ARG A 33 9.81 3.93 7.25
CA ARG A 33 9.80 5.22 6.69
C ARG A 33 9.77 5.17 5.18
N THR A 34 10.41 4.16 4.62
CA THR A 34 10.54 4.03 3.19
C THR A 34 9.18 3.77 2.57
N VAL A 35 8.45 2.87 3.20
CA VAL A 35 7.11 2.51 2.79
C VAL A 35 6.26 3.72 2.89
N SER A 36 6.39 4.37 4.04
CA SER A 36 5.63 5.51 4.35
C SER A 36 5.80 6.63 3.33
N LEU A 37 7.02 6.86 2.90
CA LEU A 37 7.30 7.94 1.97
C LEU A 37 6.65 7.70 0.61
N LYS A 38 6.67 6.44 0.17
CA LYS A 38 6.06 6.05 -1.09
C LYS A 38 4.57 6.13 -1.01
N LEU A 39 4.09 5.69 0.12
CA LEU A 39 2.69 5.60 0.39
C LEU A 39 2.09 6.95 0.66
N ASN A 40 2.88 7.83 1.20
CA ASN A 40 2.37 9.10 1.58
C ASN A 40 2.43 10.11 0.46
N ASP A 41 3.64 10.56 0.09
CA ASP A 41 3.71 11.72 -0.82
C ASP A 41 5.06 11.92 -1.49
N LYS A 42 6.14 11.29 -1.02
CA LYS A 42 7.41 11.61 -1.58
C LYS A 42 7.75 10.77 -2.73
N VAL A 43 7.41 9.52 -2.66
CA VAL A 43 7.95 8.66 -3.63
C VAL A 43 6.87 7.93 -4.38
N THR A 44 7.28 7.30 -5.43
CA THR A 44 6.39 6.61 -6.33
C THR A 44 6.50 5.09 -6.08
N TRP A 45 5.54 4.34 -6.58
CA TRP A 45 5.60 2.90 -6.56
C TRP A 45 5.94 2.38 -7.93
N LYS A 46 6.96 1.58 -7.98
CA LYS A 46 7.30 0.89 -9.18
C LYS A 46 6.55 -0.42 -9.17
N ASP A 47 6.52 -1.12 -10.29
CA ASP A 47 5.81 -2.41 -10.37
C ASP A 47 6.45 -3.41 -9.44
N ASP A 48 7.73 -3.24 -9.20
CA ASP A 48 8.50 -4.08 -8.27
C ASP A 48 7.90 -3.99 -6.88
N GLU A 49 7.55 -2.77 -6.51
CA GLU A 49 7.00 -2.48 -5.20
C GLU A 49 5.63 -3.07 -5.12
N ILE A 50 4.84 -2.84 -6.17
CA ILE A 50 3.49 -3.34 -6.29
C ILE A 50 3.48 -4.86 -6.18
N LEU A 51 4.31 -5.51 -6.98
CA LEU A 51 4.43 -6.94 -7.03
C LEU A 51 4.70 -7.54 -5.67
N LYS A 52 5.64 -6.99 -4.98
CA LYS A 52 5.98 -7.52 -3.70
C LYS A 52 4.95 -7.21 -2.64
N ALA A 53 4.25 -6.10 -2.79
CA ALA A 53 3.16 -5.76 -1.90
C ALA A 53 1.99 -6.71 -2.12
N VAL A 54 1.81 -7.16 -3.38
CA VAL A 54 0.75 -8.12 -3.76
C VAL A 54 0.84 -9.38 -2.91
N HIS A 55 2.05 -9.80 -2.67
CA HIS A 55 2.33 -11.04 -1.99
C HIS A 55 2.09 -10.92 -0.50
N VAL A 56 2.32 -9.76 0.02
CA VAL A 56 2.26 -9.56 1.44
C VAL A 56 0.87 -9.09 1.86
N LEU A 57 0.47 -8.01 1.27
CA LEU A 57 -0.74 -7.32 1.56
C LEU A 57 -1.95 -7.90 0.91
N GLU A 58 -1.77 -8.88 0.02
CA GLU A 58 -2.85 -9.44 -0.78
C GLU A 58 -3.42 -8.40 -1.73
N LEU A 59 -2.95 -8.42 -2.92
CA LEU A 59 -3.44 -7.54 -3.93
C LEU A 59 -3.75 -8.34 -5.14
N ASN A 60 -4.34 -7.72 -6.09
CA ASN A 60 -4.67 -8.32 -7.32
C ASN A 60 -4.59 -7.23 -8.34
N PRO A 61 -4.14 -7.51 -9.58
CA PRO A 61 -3.99 -6.49 -10.64
C PRO A 61 -5.29 -5.73 -10.96
N GLN A 62 -6.42 -6.31 -10.63
CA GLN A 62 -7.72 -5.71 -10.90
C GLN A 62 -8.17 -4.91 -9.69
N ASP A 63 -7.51 -5.14 -8.57
CA ASP A 63 -7.86 -4.49 -7.30
C ASP A 63 -6.93 -3.31 -7.10
N ILE A 64 -5.84 -3.32 -7.86
CA ILE A 64 -4.81 -2.27 -7.82
C ILE A 64 -5.38 -0.83 -7.92
N PRO A 65 -6.25 -0.48 -8.92
CA PRO A 65 -6.65 0.92 -9.13
C PRO A 65 -7.55 1.46 -8.04
N LYS A 66 -8.06 0.57 -7.24
CA LYS A 66 -8.91 0.94 -6.14
C LYS A 66 -8.05 1.54 -5.05
N TYR A 67 -6.92 0.92 -4.80
CA TYR A 67 -6.02 1.35 -3.78
C TYR A 67 -4.96 2.30 -4.37
N PHE A 68 -4.22 1.78 -5.32
CA PHE A 68 -3.07 2.45 -5.87
C PHE A 68 -3.40 3.13 -7.18
N PHE A 69 -3.97 4.30 -7.08
CA PHE A 69 -4.26 5.10 -8.26
C PHE A 69 -4.49 6.52 -7.82
N ASN A 70 -5.39 6.67 -6.84
CA ASN A 70 -5.78 7.90 -6.24
C ASN A 70 -6.40 8.93 -7.20
N ALA A 71 -7.59 9.37 -6.86
CA ALA A 71 -8.30 10.37 -7.64
C ALA A 71 -8.45 11.64 -6.83
N LYS A 72 -7.50 11.83 -5.94
CA LYS A 72 -7.43 12.99 -5.07
C LYS A 72 -6.06 13.65 -5.30
N VAL A 73 -5.44 13.22 -6.37
CA VAL A 73 -4.10 13.66 -6.71
C VAL A 73 -4.16 14.48 -8.00
N HIS A 74 -5.37 14.86 -8.33
CA HIS A 74 -5.72 15.56 -9.55
C HIS A 74 -5.44 14.68 -10.77
N GLY A 1 -12.61 5.73 -0.76
CA GLY A 1 -12.59 4.40 -1.34
C GLY A 1 -13.46 4.31 -2.57
N SER A 2 -14.67 4.83 -2.49
CA SER A 2 -15.58 4.80 -3.60
C SER A 2 -15.31 5.98 -4.55
N MET A 3 -14.80 7.06 -4.01
CA MET A 3 -14.38 8.20 -4.79
C MET A 3 -12.88 8.08 -4.98
N SER A 4 -12.42 8.23 -6.23
CA SER A 4 -11.02 8.03 -6.63
C SER A 4 -10.55 6.60 -6.28
N TYR A 5 -9.26 6.34 -6.33
CA TYR A 5 -8.74 5.04 -5.96
C TYR A 5 -8.87 4.91 -4.44
N ASP A 6 -8.15 5.80 -3.79
CA ASP A 6 -8.13 6.00 -2.32
C ASP A 6 -7.58 4.81 -1.53
N TYR A 7 -6.69 5.11 -0.58
CA TYR A 7 -5.95 4.08 0.14
C TYR A 7 -6.75 3.39 1.23
N SER A 8 -8.04 3.68 1.37
CA SER A 8 -8.84 3.00 2.40
C SER A 8 -8.90 1.50 2.11
N SER A 9 -8.92 1.16 0.83
CA SER A 9 -8.91 -0.21 0.38
C SER A 9 -7.61 -0.89 0.81
N LEU A 10 -6.54 -0.14 0.71
CA LEU A 10 -5.21 -0.63 0.97
C LEU A 10 -4.98 -0.72 2.49
N LEU A 11 -5.34 0.35 3.19
CA LEU A 11 -5.21 0.46 4.63
C LEU A 11 -6.04 -0.65 5.31
N GLY A 12 -7.18 -0.98 4.70
CA GLY A 12 -8.02 -2.03 5.19
C GLY A 12 -7.32 -3.37 5.19
N LYS A 13 -6.66 -3.69 4.08
CA LYS A 13 -5.94 -4.92 3.93
C LYS A 13 -4.73 -4.94 4.82
N ILE A 14 -4.12 -3.80 4.98
CA ILE A 14 -2.99 -3.65 5.89
C ILE A 14 -3.42 -4.05 7.30
N THR A 15 -4.54 -3.54 7.72
CA THR A 15 -5.03 -3.79 9.06
C THR A 15 -5.47 -5.27 9.20
N GLU A 16 -5.91 -5.83 8.11
CA GLU A 16 -6.43 -7.15 8.05
C GLU A 16 -5.34 -8.19 8.15
N LYS A 17 -4.32 -7.96 7.40
CA LYS A 17 -3.28 -8.93 7.26
C LYS A 17 -2.12 -8.69 8.16
N CYS A 18 -1.80 -7.47 8.34
CA CYS A 18 -0.64 -7.12 9.01
C CYS A 18 -0.99 -6.54 10.34
N GLY A 19 -2.02 -5.77 10.37
CA GLY A 19 -2.38 -5.12 11.57
C GLY A 19 -2.23 -3.65 11.44
N THR A 20 -1.02 -3.25 11.25
CA THR A 20 -0.66 -1.86 11.18
C THR A 20 0.28 -1.66 10.02
N GLN A 21 0.52 -0.42 9.65
CA GLN A 21 1.42 -0.06 8.56
C GLN A 21 2.83 -0.35 8.97
N TYR A 22 3.00 -0.35 10.25
CA TYR A 22 4.24 -0.70 10.88
C TYR A 22 4.55 -2.15 10.58
N ASN A 23 3.63 -3.02 10.98
CA ASN A 23 3.76 -4.47 10.75
C ASN A 23 3.91 -4.78 9.27
N PHE A 24 3.17 -4.04 8.47
CA PHE A 24 3.20 -4.07 7.01
C PHE A 24 4.64 -3.90 6.54
N ALA A 25 5.23 -2.78 6.98
CA ALA A 25 6.63 -2.45 6.67
C ALA A 25 7.56 -3.59 7.06
N ILE A 26 7.37 -4.11 8.29
CA ILE A 26 8.17 -5.20 8.84
C ILE A 26 8.19 -6.40 7.90
N ALA A 27 7.00 -6.83 7.49
CA ALA A 27 6.83 -8.00 6.63
C ALA A 27 7.45 -7.78 5.25
N MET A 28 7.33 -6.57 4.75
CA MET A 28 7.85 -6.22 3.44
C MET A 28 9.35 -5.93 3.45
N GLY A 29 9.94 -5.92 4.64
CA GLY A 29 11.35 -5.64 4.77
C GLY A 29 11.64 -4.18 4.56
N LEU A 30 10.70 -3.36 4.95
CA LEU A 30 10.78 -1.94 4.79
C LEU A 30 10.86 -1.26 6.12
N SER A 31 11.12 0.00 6.09
CA SER A 31 11.08 0.83 7.23
C SER A 31 9.80 1.61 7.09
N GLU A 32 9.11 1.85 8.19
CA GLU A 32 7.79 2.48 8.18
C GLU A 32 7.73 3.80 7.46
N ARG A 33 8.73 4.62 7.63
CA ARG A 33 8.77 5.91 7.04
C ARG A 33 8.86 5.78 5.54
N THR A 34 9.63 4.82 5.13
CA THR A 34 9.92 4.60 3.74
C THR A 34 8.65 4.18 3.02
N VAL A 35 7.85 3.35 3.69
CA VAL A 35 6.58 2.96 3.16
C VAL A 35 5.74 4.16 3.15
N SER A 36 5.66 4.82 4.29
CA SER A 36 4.79 5.95 4.51
C SER A 36 5.04 7.12 3.54
N LEU A 37 6.21 7.20 2.95
CA LEU A 37 6.43 8.21 1.92
C LEU A 37 5.67 7.80 0.66
N LYS A 38 5.86 6.57 0.23
CA LYS A 38 5.17 6.03 -0.92
C LYS A 38 3.68 5.91 -0.63
N LEU A 39 3.41 5.45 0.56
CA LEU A 39 2.11 5.14 1.07
C LEU A 39 1.34 6.42 1.52
N ASN A 40 1.89 7.57 1.20
CA ASN A 40 1.19 8.83 1.46
C ASN A 40 1.22 9.73 0.20
N ASP A 41 1.93 9.25 -0.83
CA ASP A 41 2.13 9.95 -2.12
C ASP A 41 3.17 11.06 -2.02
N LYS A 42 4.33 10.68 -1.62
CA LYS A 42 5.47 11.50 -1.77
C LYS A 42 6.23 10.93 -2.89
N VAL A 43 6.11 9.64 -3.03
CA VAL A 43 6.86 8.93 -3.96
C VAL A 43 5.97 7.79 -4.39
N THR A 44 6.42 6.99 -5.29
CA THR A 44 5.64 5.86 -5.73
C THR A 44 6.30 4.56 -5.29
N TRP A 45 5.55 3.51 -5.25
CA TRP A 45 6.10 2.20 -4.97
C TRP A 45 6.68 1.65 -6.25
N LYS A 46 7.79 0.96 -6.16
CA LYS A 46 8.30 0.30 -7.30
C LYS A 46 7.42 -0.90 -7.56
N ASP A 47 7.43 -1.39 -8.78
CA ASP A 47 6.61 -2.56 -9.15
C ASP A 47 6.93 -3.73 -8.25
N ASP A 48 8.20 -3.87 -7.94
CA ASP A 48 8.73 -4.88 -7.01
C ASP A 48 8.04 -4.81 -5.62
N GLU A 49 7.76 -3.61 -5.19
CA GLU A 49 7.17 -3.40 -3.88
C GLU A 49 5.70 -3.75 -3.94
N ILE A 50 5.09 -3.47 -5.08
CA ILE A 50 3.71 -3.79 -5.31
C ILE A 50 3.53 -5.32 -5.35
N LEU A 51 4.40 -6.00 -6.13
CA LEU A 51 4.41 -7.44 -6.28
C LEU A 51 4.43 -8.12 -4.92
N LYS A 52 5.32 -7.61 -4.10
CA LYS A 52 5.60 -8.13 -2.80
C LYS A 52 4.38 -8.01 -1.90
N ALA A 53 3.72 -6.86 -1.96
CA ALA A 53 2.55 -6.61 -1.15
C ALA A 53 1.38 -7.48 -1.60
N VAL A 54 1.21 -7.62 -2.91
CA VAL A 54 0.14 -8.47 -3.52
C VAL A 54 0.22 -9.90 -2.99
N HIS A 55 1.42 -10.34 -2.71
CA HIS A 55 1.68 -11.70 -2.25
C HIS A 55 1.28 -11.85 -0.79
N VAL A 56 1.49 -10.82 -0.03
CA VAL A 56 1.31 -10.87 1.42
C VAL A 56 -0.12 -10.57 1.76
N LEU A 57 -0.58 -9.49 1.24
CA LEU A 57 -1.85 -8.99 1.45
C LEU A 57 -2.91 -9.81 0.69
N GLU A 58 -2.44 -10.60 -0.28
CA GLU A 58 -3.28 -11.42 -1.17
C GLU A 58 -4.21 -10.53 -1.97
N LEU A 59 -3.66 -9.93 -2.97
CA LEU A 59 -4.40 -9.03 -3.79
C LEU A 59 -4.50 -9.54 -5.19
N ASN A 60 -5.31 -8.93 -5.96
CA ASN A 60 -5.50 -9.31 -7.33
C ASN A 60 -4.91 -8.22 -8.20
N PRO A 61 -4.30 -8.53 -9.34
CA PRO A 61 -3.72 -7.53 -10.27
C PRO A 61 -4.75 -6.49 -10.74
N GLN A 62 -5.98 -6.92 -10.79
CA GLN A 62 -7.08 -6.07 -11.23
C GLN A 62 -7.56 -5.16 -10.10
N ASP A 63 -7.22 -5.53 -8.89
CA ASP A 63 -7.66 -4.80 -7.69
C ASP A 63 -6.66 -3.70 -7.38
N ILE A 64 -5.47 -3.84 -7.96
CA ILE A 64 -4.31 -2.94 -7.76
C ILE A 64 -4.57 -1.40 -7.84
N PRO A 65 -5.40 -0.86 -8.81
CA PRO A 65 -5.60 0.59 -8.91
C PRO A 65 -6.22 1.15 -7.66
N LYS A 66 -7.00 0.34 -7.01
CA LYS A 66 -7.76 0.74 -5.84
C LYS A 66 -6.83 0.84 -4.63
N TYR A 67 -5.61 0.38 -4.79
CA TYR A 67 -4.67 0.33 -3.74
C TYR A 67 -3.46 1.19 -4.03
N PHE A 68 -2.66 0.77 -4.97
CA PHE A 68 -1.35 1.37 -5.19
C PHE A 68 -1.34 2.47 -6.22
N PHE A 69 -2.48 2.96 -6.57
CA PHE A 69 -2.56 4.05 -7.47
C PHE A 69 -2.88 5.28 -6.70
N ASN A 70 -1.87 6.06 -6.56
CA ASN A 70 -1.87 7.31 -5.88
C ASN A 70 -3.04 8.20 -6.29
N ALA A 71 -3.97 8.32 -5.36
CA ALA A 71 -5.19 9.09 -5.58
C ALA A 71 -4.99 10.52 -5.18
N LYS A 72 -3.80 10.96 -5.33
CA LYS A 72 -3.43 12.28 -5.00
C LYS A 72 -2.57 12.79 -6.07
N VAL A 73 -3.08 13.76 -6.74
CA VAL A 73 -2.45 14.42 -7.78
C VAL A 73 -2.67 15.89 -7.52
N HIS A 74 -1.71 16.49 -6.85
CA HIS A 74 -1.73 17.89 -6.47
C HIS A 74 -2.73 18.15 -5.35
N GLY A 1 -8.41 19.30 1.41
CA GLY A 1 -7.11 19.46 2.07
C GLY A 1 -6.08 18.64 1.38
N SER A 2 -5.05 18.26 2.09
CA SER A 2 -3.98 17.46 1.55
C SER A 2 -4.46 16.03 1.28
N MET A 3 -4.29 15.59 0.05
CA MET A 3 -4.68 14.26 -0.33
C MET A 3 -3.80 13.75 -1.45
N SER A 4 -3.64 12.47 -1.48
CA SER A 4 -2.93 11.81 -2.52
C SER A 4 -3.63 10.49 -2.67
N TYR A 5 -4.65 10.47 -3.53
CA TYR A 5 -5.46 9.28 -3.78
C TYR A 5 -6.26 8.93 -2.50
N ASP A 6 -6.78 7.73 -2.45
CA ASP A 6 -7.47 7.23 -1.27
C ASP A 6 -6.86 5.93 -0.85
N TYR A 7 -6.49 5.82 0.38
CA TYR A 7 -5.85 4.61 0.85
C TYR A 7 -6.74 3.79 1.74
N SER A 8 -8.02 4.09 1.86
CA SER A 8 -8.86 3.38 2.85
C SER A 8 -8.95 1.87 2.58
N SER A 9 -9.09 1.52 1.31
CA SER A 9 -9.15 0.14 0.88
C SER A 9 -7.79 -0.54 1.09
N LEU A 10 -6.74 0.22 0.87
CA LEU A 10 -5.38 -0.27 0.94
C LEU A 10 -5.03 -0.47 2.42
N LEU A 11 -5.37 0.52 3.24
CA LEU A 11 -5.19 0.49 4.66
C LEU A 11 -5.99 -0.65 5.28
N GLY A 12 -7.11 -0.98 4.64
CA GLY A 12 -7.94 -2.08 5.08
C GLY A 12 -7.19 -3.39 5.07
N LYS A 13 -6.57 -3.69 3.94
CA LYS A 13 -5.81 -4.89 3.77
C LYS A 13 -4.60 -4.91 4.65
N ILE A 14 -3.99 -3.76 4.78
CA ILE A 14 -2.87 -3.57 5.69
C ILE A 14 -3.28 -3.98 7.10
N THR A 15 -4.44 -3.55 7.51
CA THR A 15 -4.94 -3.86 8.82
C THR A 15 -5.27 -5.35 8.93
N GLU A 16 -5.90 -5.86 7.90
CA GLU A 16 -6.34 -7.23 7.85
C GLU A 16 -5.21 -8.23 7.95
N LYS A 17 -4.14 -7.96 7.28
CA LYS A 17 -3.10 -8.90 7.15
C LYS A 17 -1.97 -8.66 8.07
N CYS A 18 -1.60 -7.45 8.20
CA CYS A 18 -0.48 -7.10 8.91
C CYS A 18 -0.91 -6.60 10.24
N GLY A 19 -1.94 -5.80 10.25
CA GLY A 19 -2.36 -5.19 11.45
C GLY A 19 -2.33 -3.72 11.35
N THR A 20 -1.16 -3.21 11.16
CA THR A 20 -0.92 -1.78 11.08
C THR A 20 0.14 -1.51 10.02
N GLN A 21 0.41 -0.23 9.78
CA GLN A 21 1.39 0.22 8.84
C GLN A 21 2.79 -0.24 9.28
N TYR A 22 2.96 -0.34 10.58
CA TYR A 22 4.18 -0.78 11.19
C TYR A 22 4.45 -2.21 10.82
N ASN A 23 3.50 -3.03 11.17
CA ASN A 23 3.51 -4.48 10.91
C ASN A 23 3.71 -4.74 9.41
N PHE A 24 3.03 -3.94 8.61
CA PHE A 24 3.10 -3.96 7.13
C PHE A 24 4.54 -3.86 6.69
N ALA A 25 5.19 -2.81 7.17
CA ALA A 25 6.59 -2.54 6.88
C ALA A 25 7.45 -3.73 7.27
N ILE A 26 7.22 -4.25 8.46
CA ILE A 26 7.97 -5.38 9.01
C ILE A 26 7.89 -6.59 8.11
N ALA A 27 6.68 -6.92 7.71
CA ALA A 27 6.41 -8.06 6.84
C ALA A 27 7.06 -7.89 5.47
N MET A 28 7.12 -6.65 4.99
CA MET A 28 7.73 -6.35 3.70
C MET A 28 9.24 -6.18 3.79
N GLY A 29 9.77 -6.16 5.00
CA GLY A 29 11.19 -5.97 5.20
C GLY A 29 11.57 -4.51 5.01
N LEU A 30 10.65 -3.65 5.32
CA LEU A 30 10.82 -2.24 5.20
C LEU A 30 10.90 -1.61 6.55
N SER A 31 11.29 -0.40 6.55
CA SER A 31 11.29 0.39 7.71
C SER A 31 10.07 1.26 7.61
N GLU A 32 9.31 1.34 8.67
CA GLU A 32 8.04 2.09 8.72
C GLU A 32 8.08 3.44 8.04
N ARG A 33 9.10 4.23 8.30
CA ARG A 33 9.23 5.54 7.75
C ARG A 33 9.28 5.51 6.23
N THR A 34 9.95 4.51 5.67
CA THR A 34 10.16 4.42 4.23
C THR A 34 8.83 4.20 3.54
N VAL A 35 8.04 3.32 4.10
CA VAL A 35 6.74 2.98 3.60
C VAL A 35 5.85 4.18 3.75
N SER A 36 5.96 4.81 4.90
CA SER A 36 5.16 5.91 5.23
C SER A 36 5.43 7.10 4.30
N LEU A 37 6.70 7.32 3.94
CA LEU A 37 7.08 8.44 3.07
C LEU A 37 6.49 8.29 1.68
N LYS A 38 6.41 7.04 1.21
CA LYS A 38 5.83 6.71 -0.06
C LYS A 38 4.34 6.98 -0.08
N LEU A 39 3.71 6.55 0.98
CA LEU A 39 2.28 6.70 1.15
C LEU A 39 1.93 8.16 1.43
N ASN A 40 2.87 8.85 2.04
CA ASN A 40 2.68 10.21 2.46
C ASN A 40 2.59 11.16 1.29
N ASP A 41 3.70 11.33 0.54
CA ASP A 41 3.75 12.33 -0.55
C ASP A 41 5.11 12.39 -1.26
N LYS A 42 6.19 11.95 -0.59
CA LYS A 42 7.49 12.19 -1.13
C LYS A 42 7.84 11.19 -2.15
N VAL A 43 7.59 9.96 -1.84
CA VAL A 43 8.15 8.96 -2.64
C VAL A 43 7.07 8.11 -3.25
N THR A 44 7.47 7.17 -4.02
CA THR A 44 6.58 6.31 -4.71
C THR A 44 6.94 4.86 -4.43
N TRP A 45 6.00 3.97 -4.64
CA TRP A 45 6.26 2.56 -4.58
C TRP A 45 6.62 2.12 -5.97
N LYS A 46 7.72 1.46 -6.12
CA LYS A 46 8.09 0.94 -7.40
C LYS A 46 7.29 -0.33 -7.66
N ASP A 47 7.23 -0.75 -8.91
CA ASP A 47 6.41 -1.90 -9.33
C ASP A 47 6.77 -3.16 -8.57
N ASP A 48 8.05 -3.33 -8.31
CA ASP A 48 8.54 -4.47 -7.55
C ASP A 48 8.00 -4.43 -6.14
N GLU A 49 7.90 -3.24 -5.59
CA GLU A 49 7.45 -3.07 -4.21
C GLU A 49 5.98 -3.41 -4.14
N ILE A 50 5.26 -2.99 -5.17
CA ILE A 50 3.86 -3.27 -5.31
C ILE A 50 3.64 -4.78 -5.37
N LEU A 51 4.43 -5.47 -6.21
CA LEU A 51 4.37 -6.89 -6.36
C LEU A 51 4.57 -7.61 -5.04
N LYS A 52 5.54 -7.17 -4.28
CA LYS A 52 5.81 -7.77 -3.03
C LYS A 52 4.70 -7.58 -2.03
N ALA A 53 4.10 -6.40 -2.03
CA ALA A 53 2.96 -6.12 -1.17
C ALA A 53 1.79 -7.04 -1.56
N VAL A 54 1.55 -7.15 -2.86
CA VAL A 54 0.50 -8.02 -3.43
C VAL A 54 0.64 -9.47 -2.95
N HIS A 55 1.86 -9.91 -2.78
CA HIS A 55 2.15 -11.28 -2.41
C HIS A 55 1.95 -11.52 -0.93
N VAL A 56 2.17 -10.50 -0.16
CA VAL A 56 2.10 -10.61 1.29
C VAL A 56 0.68 -10.40 1.76
N LEU A 57 0.16 -9.30 1.35
CA LEU A 57 -1.14 -8.84 1.69
C LEU A 57 -2.23 -9.65 0.98
N GLU A 58 -1.84 -10.29 -0.11
CA GLU A 58 -2.73 -11.08 -0.97
C GLU A 58 -3.71 -10.19 -1.69
N LEU A 59 -3.20 -9.48 -2.64
CA LEU A 59 -3.98 -8.58 -3.44
C LEU A 59 -4.05 -9.14 -4.82
N ASN A 60 -4.84 -8.56 -5.65
CA ASN A 60 -4.95 -9.02 -6.99
C ASN A 60 -4.35 -7.96 -7.91
N PRO A 61 -3.65 -8.36 -8.99
CA PRO A 61 -3.02 -7.42 -9.93
C PRO A 61 -4.03 -6.58 -10.72
N GLN A 62 -5.28 -7.01 -10.75
CA GLN A 62 -6.32 -6.29 -11.48
C GLN A 62 -6.96 -5.24 -10.61
N ASP A 63 -6.85 -5.42 -9.30
CA ASP A 63 -7.51 -4.51 -8.35
C ASP A 63 -6.50 -3.47 -7.83
N ILE A 64 -5.31 -3.49 -8.41
CA ILE A 64 -4.20 -2.57 -8.07
C ILE A 64 -4.56 -1.06 -8.14
N PRO A 65 -5.28 -0.54 -9.20
CA PRO A 65 -5.59 0.88 -9.30
C PRO A 65 -6.70 1.25 -8.35
N LYS A 66 -7.21 0.26 -7.70
CA LYS A 66 -8.24 0.42 -6.72
C LYS A 66 -7.63 0.38 -5.31
N TYR A 67 -6.28 0.31 -5.26
CA TYR A 67 -5.54 0.39 -4.03
C TYR A 67 -4.54 1.53 -4.05
N PHE A 68 -3.45 1.32 -4.77
CA PHE A 68 -2.29 2.24 -4.76
C PHE A 68 -2.57 3.51 -5.53
N PHE A 69 -3.41 3.41 -6.54
CA PHE A 69 -3.71 4.56 -7.36
C PHE A 69 -5.20 4.76 -7.36
N ASN A 70 -5.80 4.42 -6.27
CA ASN A 70 -7.16 4.50 -6.08
C ASN A 70 -7.60 5.95 -5.96
N ALA A 71 -8.31 6.44 -6.96
CA ALA A 71 -8.84 7.79 -6.96
C ALA A 71 -10.20 7.80 -6.29
N LYS A 72 -10.29 6.98 -5.26
CA LYS A 72 -11.45 6.67 -4.53
C LYS A 72 -12.49 6.08 -5.43
N VAL A 73 -12.18 4.89 -5.81
CA VAL A 73 -12.95 4.08 -6.64
C VAL A 73 -13.27 2.85 -5.82
N HIS A 74 -14.36 2.90 -5.12
CA HIS A 74 -14.71 1.84 -4.24
C HIS A 74 -16.20 1.67 -4.28
N GLY A 1 -0.01 13.45 2.03
CA GLY A 1 -0.52 12.22 1.42
C GLY A 1 -2.01 12.10 1.64
N SER A 2 -2.64 11.17 0.91
CA SER A 2 -4.08 10.90 1.01
C SER A 2 -4.96 12.13 0.73
N MET A 3 -4.38 13.14 0.08
CA MET A 3 -5.10 14.36 -0.30
C MET A 3 -5.48 14.26 -1.77
N SER A 4 -5.27 13.08 -2.27
CA SER A 4 -5.56 12.68 -3.59
C SER A 4 -5.49 11.18 -3.47
N TYR A 5 -6.41 10.47 -4.12
CA TYR A 5 -6.50 8.99 -3.99
C TYR A 5 -6.96 8.58 -2.59
N ASP A 6 -7.20 7.31 -2.41
CA ASP A 6 -7.58 6.76 -1.12
C ASP A 6 -6.70 5.60 -0.79
N TYR A 7 -6.21 5.56 0.41
CA TYR A 7 -5.38 4.46 0.82
C TYR A 7 -6.04 3.64 1.88
N SER A 8 -7.29 3.96 2.20
CA SER A 8 -8.04 3.22 3.20
C SER A 8 -8.28 1.80 2.68
N SER A 9 -8.48 1.73 1.37
CA SER A 9 -8.64 0.48 0.68
C SER A 9 -7.38 -0.39 0.82
N LEU A 10 -6.24 0.26 0.77
CA LEU A 10 -4.96 -0.41 0.78
C LEU A 10 -4.56 -0.74 2.23
N LEU A 11 -4.87 0.17 3.14
CA LEU A 11 -4.64 0.02 4.55
C LEU A 11 -5.43 -1.16 5.13
N GLY A 12 -6.53 -1.51 4.49
CA GLY A 12 -7.34 -2.65 4.93
C GLY A 12 -6.53 -3.94 4.99
N LYS A 13 -5.88 -4.29 3.87
CA LYS A 13 -5.06 -5.46 3.77
C LYS A 13 -3.88 -5.38 4.71
N ILE A 14 -3.34 -4.18 4.81
CA ILE A 14 -2.23 -3.91 5.71
C ILE A 14 -2.61 -4.26 7.15
N THR A 15 -3.75 -3.79 7.58
CA THR A 15 -4.23 -4.03 8.92
C THR A 15 -4.49 -5.52 9.15
N GLU A 16 -5.04 -6.16 8.16
CA GLU A 16 -5.40 -7.55 8.26
C GLU A 16 -4.22 -8.51 8.22
N LYS A 17 -3.17 -8.13 7.54
CA LYS A 17 -2.06 -9.00 7.41
C LYS A 17 -1.00 -8.65 8.40
N CYS A 18 -0.66 -7.42 8.43
CA CYS A 18 0.43 -6.97 9.16
C CYS A 18 -0.06 -6.37 10.44
N GLY A 19 -1.06 -5.55 10.34
CA GLY A 19 -1.56 -4.91 11.48
C GLY A 19 -1.50 -3.43 11.37
N THR A 20 -0.30 -2.95 11.20
CA THR A 20 -0.03 -1.53 11.16
C THR A 20 1.00 -1.26 10.07
N GLN A 21 1.28 0.02 9.81
CA GLN A 21 2.31 0.39 8.85
C GLN A 21 3.70 -0.03 9.33
N TYR A 22 3.84 -0.15 10.64
CA TYR A 22 5.09 -0.60 11.24
C TYR A 22 5.31 -2.04 10.90
N ASN A 23 4.32 -2.82 11.21
CA ASN A 23 4.35 -4.25 10.94
C ASN A 23 4.49 -4.52 9.45
N PHE A 24 3.80 -3.70 8.68
CA PHE A 24 3.87 -3.72 7.22
C PHE A 24 5.31 -3.60 6.77
N ALA A 25 5.98 -2.61 7.34
CA ALA A 25 7.40 -2.37 7.11
C ALA A 25 8.21 -3.62 7.43
N ILE A 26 7.94 -4.22 8.58
CA ILE A 26 8.62 -5.43 9.03
C ILE A 26 8.46 -6.56 8.01
N ALA A 27 7.21 -6.81 7.62
CA ALA A 27 6.87 -7.87 6.69
C ALA A 27 7.48 -7.64 5.32
N MET A 28 7.41 -6.40 4.86
CA MET A 28 7.94 -6.01 3.54
C MET A 28 9.46 -6.00 3.52
N GLY A 29 10.06 -5.75 4.66
CA GLY A 29 11.50 -5.66 4.74
C GLY A 29 11.95 -4.24 4.54
N LEU A 30 11.10 -3.32 4.96
CA LEU A 30 11.30 -1.91 4.79
C LEU A 30 11.50 -1.25 6.12
N SER A 31 11.90 -0.02 6.08
CA SER A 31 12.02 0.77 7.26
C SER A 31 10.71 1.51 7.36
N GLU A 32 10.20 1.64 8.57
CA GLU A 32 8.87 2.20 8.80
C GLU A 32 8.63 3.54 8.16
N ARG A 33 9.57 4.42 8.26
CA ARG A 33 9.46 5.71 7.70
C ARG A 33 9.42 5.69 6.19
N THR A 34 10.14 4.76 5.63
CA THR A 34 10.30 4.64 4.21
C THR A 34 9.00 4.19 3.60
N VAL A 35 8.34 3.26 4.28
CA VAL A 35 7.06 2.78 3.84
C VAL A 35 6.08 3.87 3.97
N SER A 36 6.19 4.57 5.09
CA SER A 36 5.30 5.63 5.37
C SER A 36 5.37 6.67 4.27
N LEU A 37 6.59 7.01 3.84
CA LEU A 37 6.83 7.96 2.75
C LEU A 37 6.26 7.43 1.42
N LYS A 38 6.47 6.14 1.14
CA LYS A 38 5.99 5.50 -0.07
C LYS A 38 4.49 5.61 -0.17
N LEU A 39 3.83 5.31 0.94
CA LEU A 39 2.39 5.33 1.04
C LEU A 39 1.90 6.75 1.28
N ASN A 40 2.84 7.64 1.53
CA ASN A 40 2.53 9.04 1.75
C ASN A 40 2.59 9.77 0.43
N ASP A 41 2.99 9.02 -0.58
CA ASP A 41 3.06 9.43 -2.00
C ASP A 41 4.27 10.33 -2.25
N LYS A 42 5.26 10.23 -1.37
CA LYS A 42 6.47 10.99 -1.50
C LYS A 42 7.37 10.32 -2.42
N VAL A 43 7.20 9.04 -2.50
CA VAL A 43 8.09 8.28 -3.23
C VAL A 43 7.28 7.44 -4.16
N THR A 44 7.93 6.75 -5.03
CA THR A 44 7.28 6.00 -6.05
C THR A 44 7.23 4.49 -5.74
N TRP A 45 6.08 3.90 -5.93
CA TRP A 45 5.97 2.46 -5.85
C TRP A 45 6.44 1.86 -7.15
N LYS A 46 7.68 1.44 -7.17
CA LYS A 46 8.22 0.77 -8.30
C LYS A 46 7.55 -0.57 -8.46
N ASP A 47 7.55 -1.09 -9.66
CA ASP A 47 6.90 -2.38 -9.96
C ASP A 47 7.39 -3.50 -9.04
N ASP A 48 8.67 -3.49 -8.77
CA ASP A 48 9.30 -4.48 -7.89
C ASP A 48 8.74 -4.41 -6.48
N GLU A 49 8.39 -3.20 -6.05
CA GLU A 49 7.85 -2.97 -4.71
C GLU A 49 6.47 -3.59 -4.64
N ILE A 50 5.73 -3.36 -5.71
CA ILE A 50 4.39 -3.84 -5.85
C ILE A 50 4.38 -5.36 -5.86
N LEU A 51 5.30 -5.95 -6.63
CA LEU A 51 5.43 -7.36 -6.76
C LEU A 51 5.62 -8.03 -5.42
N LYS A 52 6.38 -7.42 -4.55
CA LYS A 52 6.61 -7.94 -3.25
C LYS A 52 5.33 -7.83 -2.42
N ALA A 53 4.76 -6.63 -2.38
CA ALA A 53 3.55 -6.35 -1.59
C ALA A 53 2.39 -7.28 -1.98
N VAL A 54 2.20 -7.47 -3.27
CA VAL A 54 1.12 -8.30 -3.81
C VAL A 54 1.20 -9.76 -3.30
N HIS A 55 2.39 -10.23 -3.01
CA HIS A 55 2.56 -11.62 -2.60
C HIS A 55 2.48 -11.75 -1.09
N VAL A 56 2.81 -10.70 -0.42
CA VAL A 56 2.89 -10.73 1.03
C VAL A 56 1.52 -10.43 1.59
N LEU A 57 1.00 -9.33 1.18
CA LEU A 57 -0.26 -8.85 1.57
C LEU A 57 -1.38 -9.63 0.90
N GLU A 58 -1.03 -10.26 -0.21
CA GLU A 58 -1.95 -11.02 -1.06
C GLU A 58 -2.96 -10.11 -1.74
N LEU A 59 -2.56 -9.62 -2.86
CA LEU A 59 -3.37 -8.76 -3.66
C LEU A 59 -3.54 -9.42 -5.00
N ASN A 60 -4.32 -8.83 -5.84
CA ASN A 60 -4.55 -9.38 -7.15
C ASN A 60 -4.31 -8.29 -8.17
N PRO A 61 -3.77 -8.63 -9.38
CA PRO A 61 -3.55 -7.66 -10.47
C PRO A 61 -4.80 -6.79 -10.79
N GLN A 62 -5.99 -7.34 -10.58
CA GLN A 62 -7.24 -6.65 -10.80
C GLN A 62 -7.34 -5.47 -9.81
N ASP A 63 -6.90 -5.71 -8.60
CA ASP A 63 -7.03 -4.80 -7.52
C ASP A 63 -5.91 -3.77 -7.47
N ILE A 64 -4.93 -3.87 -8.35
CA ILE A 64 -3.82 -2.91 -8.38
C ILE A 64 -4.30 -1.44 -8.53
N PRO A 65 -5.14 -1.09 -9.56
CA PRO A 65 -5.66 0.28 -9.73
C PRO A 65 -6.71 0.59 -8.69
N LYS A 66 -7.12 -0.43 -8.02
CA LYS A 66 -8.14 -0.39 -7.00
C LYS A 66 -7.55 -0.11 -5.64
N TYR A 67 -6.25 -0.23 -5.51
CA TYR A 67 -5.58 0.03 -4.27
C TYR A 67 -4.62 1.18 -4.41
N PHE A 68 -3.62 1.01 -5.26
CA PHE A 68 -2.56 1.99 -5.42
C PHE A 68 -3.03 3.22 -6.18
N PHE A 69 -4.12 3.06 -6.91
CA PHE A 69 -4.67 4.15 -7.67
C PHE A 69 -6.13 4.33 -7.35
N ASN A 70 -6.54 3.89 -6.17
CA ASN A 70 -7.85 4.05 -5.68
C ASN A 70 -8.28 5.51 -5.75
N ALA A 71 -9.21 5.79 -6.61
CA ALA A 71 -9.72 7.12 -6.76
C ALA A 71 -11.11 7.18 -6.19
N LYS A 72 -11.35 6.41 -5.16
CA LYS A 72 -12.65 6.34 -4.56
C LYS A 72 -12.81 7.40 -3.53
N VAL A 73 -12.97 8.55 -4.05
CA VAL A 73 -13.20 9.72 -3.33
C VAL A 73 -14.28 10.47 -4.10
N HIS A 74 -15.49 10.45 -3.63
CA HIS A 74 -16.56 11.11 -4.36
C HIS A 74 -16.69 12.57 -3.93
N GLY A 1 -8.91 17.18 -2.59
CA GLY A 1 -8.04 16.05 -2.29
C GLY A 1 -6.76 16.15 -3.05
N SER A 2 -6.25 15.01 -3.51
CA SER A 2 -5.06 14.90 -4.35
C SER A 2 -3.78 15.13 -3.54
N MET A 3 -3.92 15.15 -2.23
CA MET A 3 -2.81 15.26 -1.31
C MET A 3 -2.89 14.07 -0.39
N SER A 4 -2.04 13.08 -0.67
CA SER A 4 -2.04 11.79 0.01
C SER A 4 -3.26 10.98 -0.46
N TYR A 5 -3.02 9.81 -1.01
CA TYR A 5 -4.10 8.94 -1.43
C TYR A 5 -4.84 8.39 -0.22
N ASP A 6 -6.02 7.91 -0.43
CA ASP A 6 -6.80 7.40 0.67
C ASP A 6 -6.56 5.93 0.83
N TYR A 7 -5.73 5.60 1.74
CA TYR A 7 -5.36 4.23 1.94
C TYR A 7 -6.26 3.53 2.93
N SER A 8 -7.42 4.09 3.22
CA SER A 8 -8.33 3.47 4.21
C SER A 8 -8.77 2.07 3.72
N SER A 9 -8.96 1.95 2.43
CA SER A 9 -9.35 0.70 1.81
C SER A 9 -8.18 -0.31 1.80
N LEU A 10 -6.97 0.22 1.86
CA LEU A 10 -5.77 -0.60 1.81
C LEU A 10 -5.35 -0.96 3.25
N LEU A 11 -5.55 -0.03 4.17
CA LEU A 11 -5.22 -0.15 5.57
C LEU A 11 -5.93 -1.31 6.26
N GLY A 12 -7.14 -1.64 5.79
CA GLY A 12 -7.86 -2.77 6.37
C GLY A 12 -7.10 -4.06 6.16
N LYS A 13 -6.60 -4.23 4.95
CA LYS A 13 -5.79 -5.34 4.57
C LYS A 13 -4.51 -5.32 5.38
N ILE A 14 -3.95 -4.15 5.53
CA ILE A 14 -2.74 -3.95 6.31
C ILE A 14 -2.95 -4.38 7.76
N THR A 15 -4.00 -3.88 8.39
CA THR A 15 -4.32 -4.21 9.77
C THR A 15 -4.52 -5.70 9.97
N GLU A 16 -5.25 -6.30 9.09
CA GLU A 16 -5.58 -7.68 9.25
C GLU A 16 -4.44 -8.64 8.89
N LYS A 17 -3.48 -8.20 8.11
CA LYS A 17 -2.39 -9.01 7.76
C LYS A 17 -1.22 -8.73 8.66
N CYS A 18 -0.86 -7.49 8.72
CA CYS A 18 0.31 -7.08 9.34
C CYS A 18 -0.03 -6.44 10.66
N GLY A 19 -1.00 -5.57 10.66
CA GLY A 19 -1.36 -4.91 11.84
C GLY A 19 -1.37 -3.44 11.65
N THR A 20 -0.23 -2.93 11.34
CA THR A 20 0.01 -1.50 11.23
C THR A 20 0.92 -1.25 10.05
N GLN A 21 1.17 0.02 9.73
CA GLN A 21 2.10 0.39 8.67
C GLN A 21 3.53 0.05 9.11
N TYR A 22 3.72 -0.05 10.42
CA TYR A 22 4.99 -0.45 11.00
C TYR A 22 5.23 -1.91 10.70
N ASN A 23 4.28 -2.72 11.11
CA ASN A 23 4.33 -4.16 10.91
C ASN A 23 4.42 -4.50 9.43
N PHE A 24 3.71 -3.72 8.63
CA PHE A 24 3.74 -3.79 7.17
C PHE A 24 5.18 -3.75 6.70
N ALA A 25 5.86 -2.71 7.17
CA ALA A 25 7.27 -2.50 6.89
C ALA A 25 8.08 -3.72 7.33
N ILE A 26 7.83 -4.18 8.55
CA ILE A 26 8.51 -5.32 9.13
C ILE A 26 8.39 -6.56 8.25
N ALA A 27 7.16 -6.90 7.88
CA ALA A 27 6.85 -8.07 7.08
C ALA A 27 7.46 -7.97 5.68
N MET A 28 7.44 -6.78 5.13
CA MET A 28 7.97 -6.55 3.80
C MET A 28 9.48 -6.32 3.80
N GLY A 29 10.08 -6.27 4.97
CA GLY A 29 11.51 -6.05 5.08
C GLY A 29 11.88 -4.64 4.68
N LEU A 30 10.99 -3.74 4.95
CA LEU A 30 11.14 -2.36 4.60
C LEU A 30 11.40 -1.54 5.83
N SER A 31 11.85 -0.38 5.62
CA SER A 31 12.16 0.51 6.68
C SER A 31 10.92 1.37 6.96
N GLU A 32 10.67 1.62 8.24
CA GLU A 32 9.47 2.32 8.74
C GLU A 32 9.20 3.65 7.99
N ARG A 33 10.20 4.51 7.90
CA ARG A 33 10.05 5.76 7.22
C ARG A 33 9.85 5.55 5.74
N THR A 34 10.52 4.55 5.20
CA THR A 34 10.52 4.28 3.78
C THR A 34 9.11 3.85 3.35
N VAL A 35 8.51 3.04 4.18
CA VAL A 35 7.17 2.63 4.02
C VAL A 35 6.26 3.75 4.15
N SER A 36 6.45 4.52 5.14
CA SER A 36 5.53 5.52 5.41
C SER A 36 5.64 6.70 4.39
N LEU A 37 6.69 6.70 3.61
CA LEU A 37 6.86 7.66 2.57
C LEU A 37 6.22 7.17 1.26
N LYS A 38 6.33 5.87 0.99
CA LYS A 38 5.70 5.26 -0.17
C LYS A 38 4.20 5.07 0.04
N LEU A 39 3.89 4.44 1.14
CA LEU A 39 2.55 4.04 1.49
C LEU A 39 1.77 5.18 2.15
N ASN A 40 2.04 6.39 1.75
CA ASN A 40 1.29 7.48 2.30
C ASN A 40 1.08 8.59 1.30
N ASP A 41 2.17 9.17 0.80
CA ASP A 41 1.99 10.37 -0.01
C ASP A 41 3.15 10.75 -0.90
N LYS A 42 4.41 10.52 -0.49
CA LYS A 42 5.44 11.22 -1.25
C LYS A 42 5.95 10.45 -2.46
N VAL A 43 6.10 9.17 -2.33
CA VAL A 43 6.61 8.39 -3.42
C VAL A 43 5.71 7.22 -3.70
N THR A 44 5.77 6.77 -4.91
CA THR A 44 4.98 5.69 -5.39
C THR A 44 5.74 4.37 -5.25
N TRP A 45 5.11 3.28 -5.65
CA TRP A 45 5.72 1.98 -5.55
C TRP A 45 6.29 1.54 -6.86
N LYS A 46 7.44 0.95 -6.82
CA LYS A 46 7.98 0.30 -7.96
C LYS A 46 7.36 -1.09 -8.01
N ASP A 47 7.46 -1.76 -9.13
CA ASP A 47 6.87 -3.08 -9.28
C ASP A 47 7.49 -4.07 -8.33
N ASP A 48 8.76 -3.86 -8.04
CA ASP A 48 9.51 -4.70 -7.08
C ASP A 48 8.90 -4.62 -5.71
N GLU A 49 8.35 -3.48 -5.37
CA GLU A 49 7.74 -3.28 -4.08
C GLU A 49 6.37 -3.96 -4.10
N ILE A 50 5.65 -3.71 -5.18
CA ILE A 50 4.30 -4.20 -5.41
C ILE A 50 4.24 -5.74 -5.40
N LEU A 51 5.19 -6.37 -6.07
CA LEU A 51 5.23 -7.83 -6.17
C LEU A 51 5.32 -8.52 -4.81
N LYS A 52 5.86 -7.83 -3.83
CA LYS A 52 5.92 -8.35 -2.50
C LYS A 52 4.64 -8.06 -1.76
N ALA A 53 4.14 -6.83 -1.90
CA ALA A 53 2.90 -6.40 -1.24
C ALA A 53 1.74 -7.32 -1.62
N VAL A 54 1.64 -7.66 -2.90
CA VAL A 54 0.59 -8.54 -3.42
C VAL A 54 0.63 -9.94 -2.74
N HIS A 55 1.79 -10.35 -2.30
CA HIS A 55 1.97 -11.65 -1.69
C HIS A 55 1.81 -11.63 -0.18
N VAL A 56 1.97 -10.49 0.42
CA VAL A 56 1.88 -10.37 1.86
C VAL A 56 0.46 -10.06 2.23
N LEU A 57 0.01 -8.96 1.70
CA LEU A 57 -1.28 -8.43 1.91
C LEU A 57 -2.35 -9.24 1.18
N GLU A 58 -1.91 -10.02 0.19
CA GLU A 58 -2.78 -10.82 -0.66
C GLU A 58 -3.71 -9.93 -1.46
N LEU A 59 -3.20 -9.44 -2.55
CA LEU A 59 -3.92 -8.51 -3.39
C LEU A 59 -4.00 -9.07 -4.79
N ASN A 60 -4.46 -8.28 -5.74
CA ASN A 60 -4.57 -8.72 -7.11
C ASN A 60 -4.05 -7.63 -8.04
N PRO A 61 -3.38 -7.98 -9.16
CA PRO A 61 -2.86 -7.01 -10.15
C PRO A 61 -3.98 -6.16 -10.79
N GLN A 62 -5.18 -6.68 -10.83
CA GLN A 62 -6.29 -5.95 -11.43
C GLN A 62 -7.01 -5.12 -10.38
N ASP A 63 -6.60 -5.27 -9.14
CA ASP A 63 -7.25 -4.56 -8.05
C ASP A 63 -6.27 -3.53 -7.48
N ILE A 64 -5.17 -3.35 -8.19
CA ILE A 64 -4.12 -2.38 -7.86
C ILE A 64 -4.65 -0.94 -7.70
N PRO A 65 -5.48 -0.38 -8.65
CA PRO A 65 -5.90 1.01 -8.57
C PRO A 65 -6.98 1.23 -7.54
N LYS A 66 -7.46 0.13 -7.04
CA LYS A 66 -8.47 0.12 -6.03
C LYS A 66 -7.84 0.35 -4.68
N TYR A 67 -6.60 -0.09 -4.55
CA TYR A 67 -5.85 0.10 -3.34
C TYR A 67 -4.88 1.25 -3.45
N PHE A 68 -3.90 1.06 -4.31
CA PHE A 68 -2.77 1.96 -4.42
C PHE A 68 -3.11 3.22 -5.19
N PHE A 69 -4.31 3.31 -5.71
CA PHE A 69 -4.67 4.45 -6.49
C PHE A 69 -6.03 4.99 -6.03
N ASN A 70 -6.39 4.65 -4.80
CA ASN A 70 -7.57 5.14 -4.18
C ASN A 70 -7.46 6.63 -3.93
N ALA A 71 -7.87 7.38 -4.91
CA ALA A 71 -7.85 8.78 -4.81
C ALA A 71 -9.23 9.30 -4.53
N LYS A 72 -9.72 8.98 -3.35
CA LYS A 72 -10.94 9.55 -2.88
C LYS A 72 -10.78 11.05 -2.74
N VAL A 73 -11.62 11.80 -3.40
CA VAL A 73 -11.58 13.26 -3.28
C VAL A 73 -12.71 13.72 -2.36
N HIS A 74 -13.25 12.76 -1.66
CA HIS A 74 -14.35 12.95 -0.75
C HIS A 74 -14.02 12.22 0.52
N GLY A 1 -9.81 20.21 -2.78
CA GLY A 1 -8.82 19.46 -3.53
C GLY A 1 -8.94 17.99 -3.27
N SER A 2 -7.84 17.36 -3.00
CA SER A 2 -7.81 15.95 -2.72
C SER A 2 -6.76 15.70 -1.65
N MET A 3 -6.67 14.48 -1.18
CA MET A 3 -5.73 14.10 -0.12
C MET A 3 -4.38 13.67 -0.73
N SER A 4 -4.28 13.82 -2.05
CA SER A 4 -3.17 13.32 -2.87
C SER A 4 -3.26 11.81 -2.90
N TYR A 5 -4.07 11.33 -3.84
CA TYR A 5 -4.53 9.94 -3.88
C TYR A 5 -5.43 9.66 -2.68
N ASP A 6 -5.82 8.45 -2.56
CA ASP A 6 -6.54 7.95 -1.43
C ASP A 6 -6.32 6.50 -1.49
N TYR A 7 -6.19 5.87 -0.38
CA TYR A 7 -5.85 4.48 -0.35
C TYR A 7 -6.78 3.74 0.57
N SER A 8 -7.99 4.28 0.78
CA SER A 8 -8.97 3.69 1.70
C SER A 8 -9.16 2.17 1.48
N SER A 9 -9.32 1.78 0.23
CA SER A 9 -9.52 0.39 -0.14
C SER A 9 -8.31 -0.48 0.26
N LEU A 10 -7.13 0.10 0.17
CA LEU A 10 -5.89 -0.58 0.46
C LEU A 10 -5.61 -0.58 1.92
N LEU A 11 -5.79 0.56 2.52
CA LEU A 11 -5.54 0.78 3.90
C LEU A 11 -6.33 -0.23 4.74
N GLY A 12 -7.58 -0.46 4.34
CA GLY A 12 -8.41 -1.43 5.01
C GLY A 12 -7.84 -2.83 4.91
N LYS A 13 -7.28 -3.15 3.76
CA LYS A 13 -6.71 -4.43 3.50
C LYS A 13 -5.37 -4.57 4.24
N ILE A 14 -4.59 -3.48 4.32
CA ILE A 14 -3.32 -3.44 5.06
C ILE A 14 -3.58 -3.81 6.51
N THR A 15 -4.69 -3.32 7.02
CA THR A 15 -5.08 -3.54 8.38
C THR A 15 -5.42 -5.02 8.61
N GLU A 16 -5.98 -5.63 7.59
CA GLU A 16 -6.44 -6.98 7.69
C GLU A 16 -5.32 -7.97 7.59
N LYS A 17 -4.31 -7.62 6.84
CA LYS A 17 -3.24 -8.50 6.60
C LYS A 17 -2.18 -8.30 7.61
N CYS A 18 -1.76 -7.09 7.71
CA CYS A 18 -0.63 -6.76 8.41
C CYS A 18 -1.01 -6.17 9.72
N GLY A 19 -1.96 -5.26 9.71
CA GLY A 19 -2.28 -4.59 10.91
C GLY A 19 -2.19 -3.13 10.73
N THR A 20 -1.02 -2.68 10.47
CA THR A 20 -0.71 -1.27 10.32
C THR A 20 0.25 -1.12 9.15
N GLN A 21 0.56 0.12 8.79
CA GLN A 21 1.51 0.39 7.69
C GLN A 21 2.91 0.05 8.10
N TYR A 22 3.09 0.02 9.38
CA TYR A 22 4.33 -0.36 10.02
C TYR A 22 4.57 -1.84 9.74
N ASN A 23 3.56 -2.63 10.08
CA ASN A 23 3.54 -4.09 9.89
C ASN A 23 3.64 -4.43 8.40
N PHE A 24 2.98 -3.61 7.59
CA PHE A 24 2.98 -3.68 6.12
C PHE A 24 4.41 -3.68 5.62
N ALA A 25 5.14 -2.67 6.06
CA ALA A 25 6.55 -2.47 5.76
C ALA A 25 7.36 -3.74 6.05
N ILE A 26 7.11 -4.34 7.20
CA ILE A 26 7.81 -5.54 7.66
C ILE A 26 7.65 -6.69 6.67
N ALA A 27 6.42 -6.91 6.24
CA ALA A 27 6.08 -7.99 5.32
C ALA A 27 6.68 -7.75 3.94
N MET A 28 6.83 -6.50 3.58
CA MET A 28 7.38 -6.11 2.29
C MET A 28 8.91 -6.08 2.32
N GLY A 29 9.45 -5.81 3.49
CA GLY A 29 10.88 -5.72 3.65
C GLY A 29 11.33 -4.29 3.53
N LEU A 30 10.47 -3.40 3.92
CA LEU A 30 10.71 -1.98 3.86
C LEU A 30 10.85 -1.42 5.23
N SER A 31 11.30 -0.21 5.29
CA SER A 31 11.33 0.52 6.50
C SER A 31 10.05 1.35 6.48
N GLU A 32 9.32 1.42 7.58
CA GLU A 32 8.01 2.09 7.60
C GLU A 32 7.99 3.47 7.01
N ARG A 33 9.05 4.22 7.22
CA ARG A 33 9.14 5.57 6.76
C ARG A 33 9.14 5.63 5.23
N THR A 34 9.77 4.66 4.61
CA THR A 34 9.92 4.63 3.18
C THR A 34 8.57 4.40 2.53
N VAL A 35 7.83 3.47 3.09
CA VAL A 35 6.51 3.13 2.63
C VAL A 35 5.62 4.31 2.87
N SER A 36 5.83 4.95 4.01
CA SER A 36 5.05 6.07 4.38
C SER A 36 5.23 7.21 3.39
N LEU A 37 6.47 7.51 2.99
CA LEU A 37 6.72 8.59 2.04
C LEU A 37 6.01 8.32 0.69
N LYS A 38 6.06 7.06 0.27
CA LYS A 38 5.45 6.63 -0.95
C LYS A 38 3.94 6.62 -0.89
N LEU A 39 3.43 6.27 0.24
CA LEU A 39 2.01 6.21 0.42
C LEU A 39 1.49 7.57 0.59
N ASN A 40 2.11 8.26 1.49
CA ASN A 40 1.54 9.39 2.07
C ASN A 40 1.29 10.51 1.09
N ASP A 41 2.32 10.88 0.34
CA ASP A 41 2.20 12.07 -0.50
C ASP A 41 3.36 12.30 -1.45
N LYS A 42 4.53 11.73 -1.21
CA LYS A 42 5.65 12.18 -1.95
C LYS A 42 5.96 11.33 -3.10
N VAL A 43 5.99 10.05 -2.90
CA VAL A 43 6.58 9.24 -3.89
C VAL A 43 5.62 8.15 -4.31
N THR A 44 6.11 7.19 -5.05
CA THR A 44 5.35 6.05 -5.46
C THR A 44 6.17 4.79 -5.24
N TRP A 45 5.53 3.66 -5.31
CA TRP A 45 6.18 2.39 -5.11
C TRP A 45 6.72 1.89 -6.42
N LYS A 46 7.83 1.18 -6.35
CA LYS A 46 8.39 0.53 -7.49
C LYS A 46 7.56 -0.69 -7.76
N ASP A 47 7.55 -1.16 -8.97
CA ASP A 47 6.84 -2.39 -9.35
C ASP A 47 7.30 -3.55 -8.48
N ASP A 48 8.60 -3.58 -8.19
CA ASP A 48 9.19 -4.58 -7.31
C ASP A 48 8.62 -4.49 -5.90
N GLU A 49 8.35 -3.28 -5.46
CA GLU A 49 7.85 -3.06 -4.13
C GLU A 49 6.39 -3.50 -4.10
N ILE A 50 5.69 -3.14 -5.16
CA ILE A 50 4.31 -3.51 -5.36
C ILE A 50 4.15 -5.04 -5.34
N LEU A 51 5.10 -5.75 -5.98
CA LEU A 51 5.12 -7.18 -6.04
C LEU A 51 5.03 -7.81 -4.65
N LYS A 52 5.78 -7.26 -3.71
CA LYS A 52 5.80 -7.75 -2.37
C LYS A 52 4.51 -7.56 -1.65
N ALA A 53 3.93 -6.38 -1.83
CA ALA A 53 2.65 -6.06 -1.22
C ALA A 53 1.56 -6.98 -1.76
N VAL A 54 1.53 -7.13 -3.09
CA VAL A 54 0.55 -8.01 -3.79
C VAL A 54 0.63 -9.45 -3.27
N HIS A 55 1.81 -9.85 -2.87
CA HIS A 55 2.08 -11.20 -2.37
C HIS A 55 1.48 -11.38 -0.99
N VAL A 56 1.53 -10.35 -0.22
CA VAL A 56 1.13 -10.40 1.17
C VAL A 56 -0.35 -10.12 1.31
N LEU A 57 -0.73 -9.03 0.71
CA LEU A 57 -2.04 -8.50 0.73
C LEU A 57 -3.00 -9.32 -0.12
N GLU A 58 -2.43 -10.27 -0.87
CA GLU A 58 -3.14 -11.17 -1.75
C GLU A 58 -3.95 -10.38 -2.77
N LEU A 59 -3.23 -9.72 -3.62
CA LEU A 59 -3.83 -8.87 -4.63
C LEU A 59 -3.54 -9.44 -6.00
N ASN A 60 -3.80 -8.67 -7.02
CA ASN A 60 -3.58 -9.09 -8.38
C ASN A 60 -3.03 -7.88 -9.15
N PRO A 61 -2.20 -8.08 -10.21
CA PRO A 61 -1.70 -6.97 -11.08
C PRO A 61 -2.84 -6.08 -11.61
N GLN A 62 -3.99 -6.67 -11.79
CA GLN A 62 -5.17 -5.95 -12.26
C GLN A 62 -5.84 -5.15 -11.14
N ASP A 63 -5.45 -5.41 -9.91
CA ASP A 63 -5.98 -4.75 -8.77
C ASP A 63 -5.11 -3.60 -8.36
N ILE A 64 -3.98 -3.44 -9.02
CA ILE A 64 -3.02 -2.39 -8.70
C ILE A 64 -3.63 -0.95 -8.70
N PRO A 65 -4.42 -0.53 -9.74
CA PRO A 65 -4.97 0.84 -9.77
C PRO A 65 -6.13 1.00 -8.83
N LYS A 66 -6.57 -0.11 -8.32
CA LYS A 66 -7.68 -0.16 -7.41
C LYS A 66 -7.18 0.09 -5.99
N TYR A 67 -5.90 -0.13 -5.77
CA TYR A 67 -5.32 0.01 -4.47
C TYR A 67 -4.28 1.10 -4.38
N PHE A 68 -3.17 0.90 -5.06
CA PHE A 68 -2.03 1.78 -4.93
C PHE A 68 -2.23 3.09 -5.66
N PHE A 69 -3.12 3.09 -6.62
CA PHE A 69 -3.37 4.30 -7.38
C PHE A 69 -4.85 4.57 -7.40
N ASN A 70 -5.53 4.10 -6.34
CA ASN A 70 -6.92 4.27 -6.12
C ASN A 70 -7.39 5.68 -6.39
N ALA A 71 -7.22 6.55 -5.41
CA ALA A 71 -7.62 7.98 -5.47
C ALA A 71 -9.09 8.11 -5.85
N LYS A 72 -9.83 7.09 -5.57
CA LYS A 72 -11.18 7.02 -6.02
C LYS A 72 -12.14 6.94 -4.88
N VAL A 73 -12.54 8.10 -4.44
CA VAL A 73 -13.53 8.23 -3.44
C VAL A 73 -14.84 8.59 -4.08
N HIS A 74 -15.62 7.60 -4.35
CA HIS A 74 -16.89 7.80 -4.96
C HIS A 74 -17.98 7.36 -4.01
N GLY A 1 -11.98 -0.82 2.58
CA GLY A 1 -13.16 -1.00 1.74
C GLY A 1 -12.83 -0.80 0.29
N SER A 2 -13.76 -1.02 -0.59
CA SER A 2 -13.51 -0.89 -2.02
C SER A 2 -14.07 0.44 -2.56
N MET A 3 -14.53 1.28 -1.65
CA MET A 3 -15.12 2.56 -2.01
C MET A 3 -14.16 3.70 -1.79
N SER A 4 -14.30 4.74 -2.62
CA SER A 4 -13.51 5.96 -2.54
C SER A 4 -12.00 5.75 -2.78
N TYR A 5 -11.27 6.82 -2.75
CA TYR A 5 -9.84 6.78 -2.87
C TYR A 5 -9.20 7.39 -1.67
N ASP A 6 -8.95 6.59 -0.71
CA ASP A 6 -8.28 6.99 0.51
C ASP A 6 -7.29 5.88 0.84
N TYR A 7 -6.81 5.22 -0.24
CA TYR A 7 -6.01 3.98 -0.18
C TYR A 7 -6.86 2.89 0.45
N SER A 8 -8.15 3.10 0.32
CA SER A 8 -9.22 2.34 0.89
C SER A 8 -9.04 0.83 0.80
N SER A 9 -8.80 0.34 -0.40
CA SER A 9 -8.74 -1.07 -0.64
C SER A 9 -7.42 -1.65 -0.14
N LEU A 10 -6.44 -0.79 -0.02
CA LEU A 10 -5.13 -1.20 0.39
C LEU A 10 -5.02 -1.18 1.87
N LEU A 11 -5.36 -0.07 2.47
CA LEU A 11 -5.24 0.15 3.87
C LEU A 11 -6.04 -0.92 4.65
N GLY A 12 -7.24 -1.20 4.16
CA GLY A 12 -8.06 -2.23 4.76
C GLY A 12 -7.41 -3.59 4.64
N LYS A 13 -6.83 -3.85 3.48
CA LYS A 13 -6.18 -5.07 3.18
C LYS A 13 -4.95 -5.23 4.08
N ILE A 14 -4.20 -4.14 4.23
CA ILE A 14 -3.02 -4.07 5.09
C ILE A 14 -3.40 -4.44 6.50
N THR A 15 -4.49 -3.89 6.96
CA THR A 15 -4.96 -4.12 8.30
C THR A 15 -5.33 -5.59 8.52
N GLU A 16 -6.02 -6.15 7.57
CA GLU A 16 -6.50 -7.48 7.71
C GLU A 16 -5.43 -8.55 7.48
N LYS A 17 -4.36 -8.17 6.85
CA LYS A 17 -3.34 -9.10 6.56
C LYS A 17 -2.18 -8.96 7.50
N CYS A 18 -1.76 -7.75 7.69
CA CYS A 18 -0.63 -7.47 8.44
C CYS A 18 -1.04 -6.83 9.72
N GLY A 19 -1.92 -5.88 9.64
CA GLY A 19 -2.33 -5.19 10.80
C GLY A 19 -2.20 -3.72 10.64
N THR A 20 -0.99 -3.32 10.43
CA THR A 20 -0.63 -1.93 10.33
C THR A 20 0.41 -1.78 9.23
N GLN A 21 0.79 -0.54 8.93
CA GLN A 21 1.81 -0.25 7.93
C GLN A 21 3.14 -0.69 8.47
N TYR A 22 3.22 -0.64 9.77
CA TYR A 22 4.35 -1.14 10.54
C TYR A 22 4.56 -2.60 10.20
N ASN A 23 3.53 -3.39 10.42
CA ASN A 23 3.58 -4.83 10.16
C ASN A 23 3.75 -5.12 8.68
N PHE A 24 3.10 -4.32 7.86
CA PHE A 24 3.23 -4.38 6.40
C PHE A 24 4.69 -4.33 6.04
N ALA A 25 5.33 -3.30 6.58
CA ALA A 25 6.75 -3.06 6.41
C ALA A 25 7.55 -4.33 6.69
N ILE A 26 7.27 -4.96 7.83
CA ILE A 26 7.93 -6.17 8.28
C ILE A 26 7.77 -7.31 7.26
N ALA A 27 6.54 -7.54 6.87
CA ALA A 27 6.20 -8.63 5.96
C ALA A 27 6.76 -8.39 4.55
N MET A 28 6.72 -7.15 4.10
CA MET A 28 7.22 -6.77 2.83
C MET A 28 8.74 -6.86 2.81
N GLY A 29 9.36 -6.35 3.85
CA GLY A 29 10.80 -6.29 3.91
C GLY A 29 11.28 -4.87 3.83
N LEU A 30 10.48 -3.98 4.36
CA LEU A 30 10.73 -2.58 4.37
C LEU A 30 10.87 -2.09 5.78
N SER A 31 11.28 -0.88 5.92
CA SER A 31 11.27 -0.21 7.15
C SER A 31 9.99 0.58 7.18
N GLU A 32 9.28 0.59 8.30
CA GLU A 32 7.97 1.25 8.40
C GLU A 32 8.02 2.69 7.92
N ARG A 33 9.11 3.34 8.21
CA ARG A 33 9.44 4.69 7.81
C ARG A 33 9.32 4.85 6.29
N THR A 34 9.89 3.91 5.59
CA THR A 34 10.00 3.94 4.16
C THR A 34 8.63 3.80 3.53
N VAL A 35 7.85 2.89 4.08
CA VAL A 35 6.51 2.62 3.60
C VAL A 35 5.69 3.82 3.89
N SER A 36 5.91 4.43 5.04
CA SER A 36 5.17 5.58 5.43
C SER A 36 5.40 6.73 4.44
N LEU A 37 6.65 6.91 4.00
CA LEU A 37 6.97 7.95 3.05
C LEU A 37 6.33 7.64 1.67
N LYS A 38 6.47 6.38 1.24
CA LYS A 38 5.93 5.91 -0.04
C LYS A 38 4.43 5.90 -0.11
N LEU A 39 3.82 5.35 0.88
CA LEU A 39 2.39 5.16 0.91
C LEU A 39 1.68 6.46 1.17
N ASN A 40 2.35 7.40 1.80
CA ASN A 40 1.69 8.63 2.09
C ASN A 40 1.67 9.54 0.87
N ASP A 41 2.83 10.00 0.42
CA ASP A 41 2.84 11.03 -0.61
C ASP A 41 4.19 11.30 -1.26
N LYS A 42 5.31 11.03 -0.59
CA LYS A 42 6.57 11.50 -1.10
C LYS A 42 7.08 10.65 -2.17
N VAL A 43 6.84 9.40 -2.06
CA VAL A 43 7.49 8.54 -2.93
C VAL A 43 6.47 7.65 -3.58
N THR A 44 6.90 6.88 -4.50
CA THR A 44 6.06 6.00 -5.23
C THR A 44 6.64 4.57 -5.10
N TRP A 45 5.95 3.60 -5.64
CA TRP A 45 6.39 2.24 -5.60
C TRP A 45 6.91 1.83 -6.95
N LYS A 46 8.00 1.14 -6.95
CA LYS A 46 8.52 0.52 -8.14
C LYS A 46 7.72 -0.76 -8.37
N ASP A 47 7.82 -1.30 -9.55
CA ASP A 47 7.05 -2.50 -9.92
C ASP A 47 7.40 -3.67 -9.03
N ASP A 48 8.68 -3.79 -8.71
CA ASP A 48 9.18 -4.83 -7.80
C ASP A 48 8.52 -4.74 -6.44
N GLU A 49 8.26 -3.51 -6.01
CA GLU A 49 7.67 -3.25 -4.72
C GLU A 49 6.20 -3.66 -4.76
N ILE A 50 5.55 -3.32 -5.86
CA ILE A 50 4.17 -3.68 -6.10
C ILE A 50 4.01 -5.20 -6.10
N LEU A 51 4.81 -5.88 -6.91
CA LEU A 51 4.81 -7.31 -7.05
C LEU A 51 4.96 -7.99 -5.70
N LYS A 52 5.90 -7.53 -4.95
CA LYS A 52 6.25 -8.12 -3.70
C LYS A 52 5.12 -7.93 -2.68
N ALA A 53 4.47 -6.78 -2.72
CA ALA A 53 3.33 -6.52 -1.85
C ALA A 53 2.14 -7.39 -2.25
N VAL A 54 1.91 -7.50 -3.55
CA VAL A 54 0.83 -8.32 -4.13
C VAL A 54 0.96 -9.80 -3.69
N HIS A 55 2.18 -10.23 -3.47
CA HIS A 55 2.45 -11.61 -3.12
C HIS A 55 2.27 -11.85 -1.62
N VAL A 56 2.41 -10.81 -0.86
CA VAL A 56 2.33 -10.94 0.58
C VAL A 56 0.91 -10.72 1.02
N LEU A 57 0.42 -9.56 0.71
CA LEU A 57 -0.86 -9.09 1.04
C LEU A 57 -1.95 -9.81 0.26
N GLU A 58 -1.56 -10.43 -0.83
CA GLU A 58 -2.46 -11.09 -1.76
C GLU A 58 -3.41 -10.07 -2.37
N LEU A 59 -2.90 -9.38 -3.36
CA LEU A 59 -3.62 -8.33 -3.99
C LEU A 59 -4.03 -8.75 -5.38
N ASN A 60 -4.88 -8.00 -6.00
CA ASN A 60 -5.36 -8.33 -7.32
C ASN A 60 -4.89 -7.30 -8.34
N PRO A 61 -4.55 -7.73 -9.58
CA PRO A 61 -4.06 -6.84 -10.65
C PRO A 61 -5.10 -5.80 -11.10
N GLN A 62 -6.37 -6.09 -10.93
CA GLN A 62 -7.43 -5.19 -11.38
C GLN A 62 -7.70 -4.18 -10.29
N ASP A 63 -7.26 -4.52 -9.11
CA ASP A 63 -7.52 -3.75 -7.93
C ASP A 63 -6.31 -2.89 -7.62
N ILE A 64 -5.31 -2.93 -8.51
CA ILE A 64 -4.10 -2.12 -8.38
C ILE A 64 -4.37 -0.60 -8.20
N PRO A 65 -5.33 0.03 -8.98
CA PRO A 65 -5.64 1.45 -8.81
C PRO A 65 -6.39 1.70 -7.51
N LYS A 66 -6.99 0.65 -7.03
CA LYS A 66 -7.78 0.68 -5.83
C LYS A 66 -6.84 0.69 -4.62
N TYR A 67 -5.62 0.21 -4.85
CA TYR A 67 -4.62 0.14 -3.84
C TYR A 67 -3.68 1.34 -3.90
N PHE A 68 -2.92 1.43 -4.98
CA PHE A 68 -1.79 2.34 -5.06
C PHE A 68 -2.09 3.66 -5.76
N PHE A 69 -3.27 3.81 -6.30
CA PHE A 69 -3.60 5.02 -7.03
C PHE A 69 -4.71 5.75 -6.35
N ASN A 70 -4.37 6.60 -5.45
CA ASN A 70 -5.27 7.32 -4.69
C ASN A 70 -5.75 8.51 -5.50
N ALA A 71 -6.76 8.20 -6.31
CA ALA A 71 -7.45 9.10 -7.24
C ALA A 71 -6.50 9.70 -8.24
N LYS A 72 -5.42 9.01 -8.42
CA LYS A 72 -4.41 9.37 -9.36
C LYS A 72 -4.15 8.22 -10.22
N VAL A 73 -5.06 8.03 -11.09
CA VAL A 73 -5.04 6.97 -11.99
C VAL A 73 -4.81 7.58 -13.37
N HIS A 74 -3.73 8.35 -13.45
CA HIS A 74 -3.35 9.12 -14.62
C HIS A 74 -4.40 10.22 -14.86
N GLY A 1 -6.48 13.22 0.61
CA GLY A 1 -7.69 12.47 0.25
C GLY A 1 -8.35 11.90 1.49
N SER A 2 -8.91 12.76 2.31
CA SER A 2 -9.53 12.37 3.58
C SER A 2 -10.98 11.85 3.37
N MET A 3 -11.24 11.22 2.23
CA MET A 3 -12.55 10.67 1.89
C MET A 3 -12.47 9.94 0.57
N SER A 4 -12.13 10.68 -0.43
CA SER A 4 -12.15 10.18 -1.78
C SER A 4 -10.91 9.43 -2.20
N TYR A 5 -10.98 8.12 -2.01
CA TYR A 5 -10.08 7.13 -2.61
C TYR A 5 -8.61 7.54 -2.59
N ASP A 6 -8.09 7.72 -1.42
CA ASP A 6 -6.68 8.07 -1.29
C ASP A 6 -5.85 6.80 -1.36
N TYR A 7 -5.75 6.16 -0.25
CA TYR A 7 -5.18 4.84 -0.14
C TYR A 7 -6.08 4.07 0.77
N SER A 8 -7.26 4.63 0.95
CA SER A 8 -8.29 4.17 1.86
C SER A 8 -8.58 2.67 1.70
N SER A 9 -8.68 2.24 0.45
CA SER A 9 -8.93 0.86 0.10
C SER A 9 -7.84 -0.04 0.68
N LEU A 10 -6.61 0.41 0.53
CA LEU A 10 -5.46 -0.30 0.98
C LEU A 10 -5.34 -0.25 2.46
N LEU A 11 -5.47 0.94 2.99
CA LEU A 11 -5.37 1.20 4.39
C LEU A 11 -6.33 0.31 5.21
N GLY A 12 -7.49 0.01 4.64
CA GLY A 12 -8.43 -0.86 5.30
C GLY A 12 -7.96 -2.31 5.28
N LYS A 13 -7.38 -2.72 4.16
CA LYS A 13 -6.90 -4.05 3.96
C LYS A 13 -5.61 -4.29 4.77
N ILE A 14 -4.85 -3.23 4.97
CA ILE A 14 -3.62 -3.29 5.77
C ILE A 14 -3.97 -3.73 7.19
N THR A 15 -5.03 -3.19 7.73
CA THR A 15 -5.48 -3.53 9.06
C THR A 15 -5.85 -5.01 9.14
N GLU A 16 -6.45 -5.47 8.08
CA GLU A 16 -6.97 -6.80 7.99
C GLU A 16 -5.88 -7.86 7.88
N LYS A 17 -4.78 -7.49 7.27
CA LYS A 17 -3.74 -8.41 7.05
C LYS A 17 -2.63 -8.25 8.02
N CYS A 18 -2.18 -7.05 8.15
CA CYS A 18 -1.03 -6.76 8.86
C CYS A 18 -1.40 -6.27 10.21
N GLY A 19 -2.42 -5.46 10.27
CA GLY A 19 -2.78 -4.87 11.49
C GLY A 19 -2.74 -3.40 11.41
N THR A 20 -1.57 -2.89 11.20
CA THR A 20 -1.33 -1.46 11.16
C THR A 20 -0.33 -1.15 10.04
N GLN A 21 -0.06 0.12 9.83
CA GLN A 21 0.85 0.56 8.79
C GLN A 21 2.29 0.23 9.15
N TYR A 22 2.54 0.09 10.44
CA TYR A 22 3.86 -0.31 10.92
C TYR A 22 4.06 -1.75 10.56
N ASN A 23 3.11 -2.54 10.98
CA ASN A 23 3.07 -4.00 10.74
C ASN A 23 3.21 -4.30 9.23
N PHE A 24 2.61 -3.43 8.42
CA PHE A 24 2.68 -3.49 6.94
C PHE A 24 4.13 -3.51 6.51
N ALA A 25 4.85 -2.50 6.93
CA ALA A 25 6.28 -2.34 6.66
C ALA A 25 7.03 -3.59 7.13
N ILE A 26 6.68 -4.09 8.32
CA ILE A 26 7.28 -5.28 8.91
C ILE A 26 7.10 -6.50 7.97
N ALA A 27 5.85 -6.76 7.60
CA ALA A 27 5.49 -7.91 6.77
C ALA A 27 6.14 -7.85 5.41
N MET A 28 6.20 -6.65 4.84
CA MET A 28 6.82 -6.46 3.55
C MET A 28 8.33 -6.55 3.63
N GLY A 29 8.86 -6.31 4.81
CA GLY A 29 10.29 -6.30 5.01
C GLY A 29 10.85 -4.97 4.58
N LEU A 30 10.22 -3.93 5.02
CA LEU A 30 10.59 -2.58 4.69
C LEU A 30 10.86 -1.79 5.94
N SER A 31 11.48 -0.68 5.77
CA SER A 31 11.76 0.22 6.85
C SER A 31 10.57 1.19 6.97
N GLU A 32 10.24 1.63 8.20
CA GLU A 32 9.07 2.49 8.45
C GLU A 32 9.10 3.70 7.54
N ARG A 33 10.24 4.34 7.51
CA ARG A 33 10.44 5.56 6.78
C ARG A 33 10.25 5.34 5.31
N THR A 34 10.85 4.29 4.82
CA THR A 34 10.86 3.96 3.41
C THR A 34 9.43 3.72 2.93
N VAL A 35 8.67 3.05 3.75
CA VAL A 35 7.29 2.85 3.54
C VAL A 35 6.57 4.12 3.55
N SER A 36 6.87 4.92 4.52
CA SER A 36 6.13 6.09 4.70
C SER A 36 6.45 7.14 3.60
N LEU A 37 7.53 6.92 2.87
CA LEU A 37 7.89 7.76 1.75
C LEU A 37 7.06 7.36 0.52
N LYS A 38 7.13 6.07 0.19
CA LYS A 38 6.46 5.49 -0.96
C LYS A 38 4.98 5.44 -0.82
N LEU A 39 4.53 4.97 0.32
CA LEU A 39 3.13 4.76 0.61
C LEU A 39 2.44 6.07 0.97
N ASN A 40 3.17 7.15 0.86
CA ASN A 40 2.55 8.40 1.09
C ASN A 40 2.47 9.20 -0.20
N ASP A 41 3.60 9.79 -0.63
CA ASP A 41 3.54 10.76 -1.75
C ASP A 41 4.92 11.20 -2.28
N LYS A 42 6.04 10.79 -1.66
CA LYS A 42 7.28 11.31 -2.10
C LYS A 42 7.85 10.48 -3.19
N VAL A 43 7.66 9.19 -3.11
CA VAL A 43 8.41 8.36 -3.98
C VAL A 43 7.51 7.29 -4.56
N THR A 44 8.06 6.51 -5.44
CA THR A 44 7.31 5.51 -6.13
C THR A 44 7.64 4.10 -5.61
N TRP A 45 6.71 3.20 -5.81
CA TRP A 45 6.93 1.81 -5.55
C TRP A 45 7.50 1.21 -6.79
N LYS A 46 8.51 0.44 -6.66
CA LYS A 46 9.04 -0.24 -7.78
C LYS A 46 8.26 -1.52 -7.97
N ASP A 47 8.21 -1.99 -9.20
CA ASP A 47 7.42 -3.19 -9.57
C ASP A 47 7.75 -4.39 -8.69
N ASP A 48 9.02 -4.52 -8.38
CA ASP A 48 9.56 -5.58 -7.52
C ASP A 48 9.08 -5.42 -6.06
N GLU A 49 8.79 -4.21 -5.67
CA GLU A 49 8.34 -3.93 -4.31
C GLU A 49 6.84 -4.15 -4.24
N ILE A 50 6.15 -3.74 -5.32
CA ILE A 50 4.71 -3.90 -5.44
C ILE A 50 4.31 -5.36 -5.31
N LEU A 51 5.06 -6.23 -6.00
CA LEU A 51 4.77 -7.66 -6.01
C LEU A 51 4.85 -8.30 -4.61
N LYS A 52 5.59 -7.66 -3.71
CA LYS A 52 5.70 -8.11 -2.36
C LYS A 52 4.41 -7.84 -1.62
N ALA A 53 3.93 -6.60 -1.75
CA ALA A 53 2.70 -6.16 -1.09
C ALA A 53 1.54 -6.99 -1.56
N VAL A 54 1.51 -7.23 -2.86
CA VAL A 54 0.49 -8.07 -3.51
C VAL A 54 0.42 -9.44 -2.85
N HIS A 55 1.55 -10.01 -2.55
CA HIS A 55 1.60 -11.35 -2.00
C HIS A 55 1.35 -11.43 -0.52
N VAL A 56 1.47 -10.32 0.16
CA VAL A 56 1.26 -10.28 1.58
C VAL A 56 -0.20 -9.99 1.86
N LEU A 57 -0.66 -8.94 1.24
CA LEU A 57 -1.97 -8.43 1.36
C LEU A 57 -2.99 -9.29 0.60
N GLU A 58 -2.49 -10.26 -0.17
CA GLU A 58 -3.29 -11.19 -0.97
C GLU A 58 -4.02 -10.50 -2.10
N LEU A 59 -3.36 -9.54 -2.68
CA LEU A 59 -3.91 -8.80 -3.76
C LEU A 59 -3.54 -9.47 -5.07
N ASN A 60 -3.82 -8.82 -6.16
CA ASN A 60 -3.55 -9.31 -7.47
C ASN A 60 -3.21 -8.11 -8.35
N PRO A 61 -2.39 -8.25 -9.42
CA PRO A 61 -2.07 -7.16 -10.37
C PRO A 61 -3.31 -6.39 -10.90
N GLN A 62 -4.44 -7.07 -10.94
CA GLN A 62 -5.69 -6.46 -11.41
C GLN A 62 -6.27 -5.53 -10.36
N ASP A 63 -5.90 -5.78 -9.13
CA ASP A 63 -6.36 -5.04 -8.01
C ASP A 63 -5.42 -3.89 -7.70
N ILE A 64 -4.42 -3.69 -8.53
CA ILE A 64 -3.47 -2.60 -8.30
C ILE A 64 -4.13 -1.21 -8.36
N PRO A 65 -4.94 -0.85 -9.40
CA PRO A 65 -5.58 0.46 -9.48
C PRO A 65 -6.75 0.57 -8.52
N LYS A 66 -7.06 -0.56 -7.96
CA LYS A 66 -8.12 -0.70 -7.01
C LYS A 66 -7.62 -0.35 -5.60
N TYR A 67 -6.30 -0.31 -5.46
CA TYR A 67 -5.66 -0.05 -4.17
C TYR A 67 -4.66 1.10 -4.22
N PHE A 68 -3.72 1.01 -5.12
CA PHE A 68 -2.61 1.93 -5.19
C PHE A 68 -2.90 3.08 -6.16
N PHE A 69 -4.13 3.47 -6.29
CA PHE A 69 -4.46 4.51 -7.21
C PHE A 69 -5.15 5.62 -6.49
N ASN A 70 -4.42 6.64 -6.21
CA ASN A 70 -4.92 7.83 -5.63
C ASN A 70 -5.94 8.48 -6.57
N ALA A 71 -7.22 8.43 -6.24
CA ALA A 71 -8.23 9.08 -7.10
C ALA A 71 -8.53 10.47 -6.57
N LYS A 72 -7.60 10.96 -5.85
CA LYS A 72 -7.59 12.29 -5.34
C LYS A 72 -6.16 12.72 -5.19
N VAL A 73 -5.60 13.09 -6.30
CA VAL A 73 -4.25 13.52 -6.36
C VAL A 73 -4.22 14.95 -6.88
N HIS A 74 -4.49 15.85 -5.96
CA HIS A 74 -4.60 17.28 -6.20
C HIS A 74 -5.79 17.55 -7.15
N GLY A 1 -14.19 2.53 5.66
CA GLY A 1 -14.52 2.00 4.35
C GLY A 1 -13.59 2.55 3.32
N SER A 2 -14.10 2.86 2.16
CA SER A 2 -13.33 3.43 1.11
C SER A 2 -13.63 4.93 0.98
N MET A 3 -12.88 5.73 1.69
CA MET A 3 -13.02 7.17 1.65
C MET A 3 -12.20 7.76 0.53
N SER A 4 -12.86 7.96 -0.61
CA SER A 4 -12.27 8.55 -1.79
C SER A 4 -11.05 7.74 -2.31
N TYR A 5 -10.42 8.28 -3.31
CA TYR A 5 -9.28 7.66 -3.90
C TYR A 5 -8.01 8.25 -3.37
N ASP A 6 -7.82 8.04 -2.11
CA ASP A 6 -6.62 8.45 -1.41
C ASP A 6 -5.71 7.25 -1.32
N TYR A 7 -5.90 6.45 -0.29
CA TYR A 7 -5.30 5.13 -0.11
C TYR A 7 -6.18 4.35 0.83
N SER A 8 -7.40 4.85 1.01
CA SER A 8 -8.32 4.37 2.03
C SER A 8 -8.66 2.87 1.88
N SER A 9 -8.92 2.42 0.65
CA SER A 9 -9.27 1.02 0.40
C SER A 9 -8.07 0.12 0.78
N LEU A 10 -6.87 0.65 0.53
CA LEU A 10 -5.63 -0.03 0.83
C LEU A 10 -5.40 -0.06 2.30
N LEU A 11 -5.58 1.06 2.93
CA LEU A 11 -5.39 1.20 4.31
C LEU A 11 -6.28 0.23 5.11
N GLY A 12 -7.52 0.08 4.67
CA GLY A 12 -8.42 -0.88 5.29
C GLY A 12 -7.95 -2.30 5.08
N LYS A 13 -7.44 -2.56 3.89
CA LYS A 13 -6.94 -3.85 3.50
C LYS A 13 -5.71 -4.19 4.35
N ILE A 14 -4.88 -3.19 4.58
CA ILE A 14 -3.71 -3.31 5.42
C ILE A 14 -4.11 -3.70 6.83
N THR A 15 -5.14 -3.07 7.36
CA THR A 15 -5.64 -3.38 8.68
C THR A 15 -6.09 -4.85 8.76
N GLU A 16 -6.77 -5.29 7.74
CA GLU A 16 -7.33 -6.61 7.71
C GLU A 16 -6.26 -7.70 7.49
N LYS A 17 -5.13 -7.34 6.91
CA LYS A 17 -4.10 -8.28 6.66
C LYS A 17 -3.04 -8.24 7.72
N CYS A 18 -2.60 -7.07 8.00
CA CYS A 18 -1.48 -6.87 8.79
C CYS A 18 -1.86 -6.23 10.10
N GLY A 19 -2.73 -5.26 10.05
CA GLY A 19 -3.05 -4.55 11.22
C GLY A 19 -2.95 -3.10 11.02
N THR A 20 -1.76 -2.65 10.81
CA THR A 20 -1.44 -1.25 10.70
C THR A 20 -0.37 -1.10 9.64
N GLN A 21 0.05 0.14 9.37
CA GLN A 21 1.08 0.41 8.38
C GLN A 21 2.41 -0.13 8.88
N TYR A 22 2.57 -0.13 10.20
CA TYR A 22 3.74 -0.71 10.85
C TYR A 22 3.83 -2.16 10.49
N ASN A 23 2.77 -2.88 10.80
CA ASN A 23 2.70 -4.31 10.51
C ASN A 23 2.89 -4.59 9.02
N PHE A 24 2.30 -3.73 8.18
CA PHE A 24 2.44 -3.80 6.72
C PHE A 24 3.89 -3.80 6.36
N ALA A 25 4.58 -2.83 6.91
CA ALA A 25 5.99 -2.63 6.72
C ALA A 25 6.75 -3.92 7.07
N ILE A 26 6.42 -4.49 8.21
CA ILE A 26 7.05 -5.72 8.70
C ILE A 26 6.85 -6.85 7.71
N ALA A 27 5.61 -7.01 7.27
CA ALA A 27 5.25 -8.07 6.35
C ALA A 27 5.91 -7.88 4.99
N MET A 28 6.02 -6.63 4.55
CA MET A 28 6.66 -6.31 3.33
C MET A 28 8.16 -6.56 3.42
N GLY A 29 8.75 -6.14 4.52
CA GLY A 29 10.19 -6.32 4.74
C GLY A 29 10.90 -4.99 4.89
N LEU A 30 10.14 -3.94 5.07
CA LEU A 30 10.66 -2.60 5.20
C LEU A 30 10.34 -2.03 6.54
N SER A 31 10.94 -0.94 6.84
CA SER A 31 10.67 -0.26 8.08
C SER A 31 9.49 0.69 7.87
N GLU A 32 8.74 0.95 8.93
CA GLU A 32 7.56 1.83 8.88
C GLU A 32 7.89 3.16 8.23
N ARG A 33 8.96 3.77 8.69
CA ARG A 33 9.42 5.07 8.23
C ARG A 33 9.65 5.05 6.71
N THR A 34 10.22 3.95 6.26
CA THR A 34 10.59 3.78 4.88
C THR A 34 9.33 3.55 4.03
N VAL A 35 8.42 2.74 4.54
CA VAL A 35 7.16 2.50 3.92
C VAL A 35 6.40 3.73 3.77
N SER A 36 6.42 4.52 4.79
CA SER A 36 5.62 5.66 4.80
C SER A 36 6.08 6.67 3.74
N LEU A 37 7.29 6.50 3.22
CA LEU A 37 7.78 7.33 2.18
C LEU A 37 7.12 6.95 0.84
N LYS A 38 7.22 5.66 0.47
CA LYS A 38 6.65 5.16 -0.76
C LYS A 38 5.13 5.15 -0.71
N LEU A 39 4.61 4.69 0.41
CA LEU A 39 3.19 4.50 0.59
C LEU A 39 2.44 5.81 0.78
N ASN A 40 3.15 6.90 0.87
CA ASN A 40 2.47 8.14 0.93
C ASN A 40 2.63 8.90 -0.38
N ASP A 41 3.83 9.46 -0.60
CA ASP A 41 4.12 10.28 -1.81
C ASP A 41 5.56 10.82 -1.83
N LYS A 42 6.42 10.44 -0.87
CA LYS A 42 7.75 10.97 -0.80
C LYS A 42 8.55 10.44 -1.97
N VAL A 43 8.26 9.22 -2.32
CA VAL A 43 8.81 8.54 -3.42
C VAL A 43 7.71 7.68 -4.00
N THR A 44 7.92 7.13 -5.14
CA THR A 44 6.93 6.34 -5.79
C THR A 44 7.30 4.86 -5.70
N TRP A 45 6.33 3.99 -5.85
CA TRP A 45 6.61 2.58 -5.88
C TRP A 45 7.14 2.21 -7.24
N LYS A 46 8.09 1.33 -7.27
CA LYS A 46 8.49 0.76 -8.51
C LYS A 46 7.51 -0.36 -8.74
N ASP A 47 7.35 -0.78 -9.97
CA ASP A 47 6.39 -1.86 -10.30
C ASP A 47 6.75 -3.12 -9.53
N ASP A 48 8.04 -3.31 -9.37
CA ASP A 48 8.64 -4.43 -8.64
C ASP A 48 8.30 -4.35 -7.15
N GLU A 49 8.14 -3.14 -6.67
CA GLU A 49 7.83 -2.93 -5.25
C GLU A 49 6.35 -3.19 -5.02
N ILE A 50 5.57 -2.91 -6.05
CA ILE A 50 4.14 -3.18 -6.02
C ILE A 50 3.92 -4.71 -5.92
N LEU A 51 4.72 -5.46 -6.70
CA LEU A 51 4.70 -6.92 -6.73
C LEU A 51 4.81 -7.50 -5.33
N LYS A 52 5.69 -6.89 -4.59
CA LYS A 52 6.05 -7.29 -3.27
C LYS A 52 4.87 -7.14 -2.31
N ALA A 53 4.16 -6.04 -2.42
CA ALA A 53 2.99 -5.79 -1.59
C ALA A 53 1.83 -6.70 -1.99
N VAL A 54 1.65 -6.85 -3.31
CA VAL A 54 0.63 -7.75 -3.91
C VAL A 54 0.75 -9.16 -3.35
N HIS A 55 1.96 -9.61 -3.24
CA HIS A 55 2.28 -10.96 -2.79
C HIS A 55 1.91 -11.17 -1.33
N VAL A 56 1.99 -10.13 -0.57
CA VAL A 56 1.78 -10.22 0.86
C VAL A 56 0.31 -10.07 1.18
N LEU A 57 -0.27 -9.09 0.58
CA LEU A 57 -1.63 -8.72 0.77
C LEU A 57 -2.59 -9.65 0.02
N GLU A 58 -2.01 -10.58 -0.75
CA GLU A 58 -2.74 -11.59 -1.55
C GLU A 58 -3.57 -10.91 -2.63
N LEU A 59 -3.02 -9.85 -3.18
CA LEU A 59 -3.71 -9.05 -4.15
C LEU A 59 -3.65 -9.66 -5.53
N ASN A 60 -4.28 -8.99 -6.46
CA ASN A 60 -4.37 -9.40 -7.82
C ASN A 60 -4.06 -8.19 -8.71
N PRO A 61 -3.47 -8.38 -9.90
CA PRO A 61 -3.20 -7.28 -10.85
C PRO A 61 -4.44 -6.40 -11.15
N GLN A 62 -5.64 -6.98 -11.09
CA GLN A 62 -6.86 -6.22 -11.36
C GLN A 62 -7.34 -5.47 -10.11
N ASP A 63 -6.78 -5.84 -8.98
CA ASP A 63 -7.10 -5.27 -7.70
C ASP A 63 -6.29 -4.00 -7.48
N ILE A 64 -5.21 -3.87 -8.24
CA ILE A 64 -4.25 -2.76 -8.16
C ILE A 64 -4.84 -1.33 -8.12
N PRO A 65 -5.82 -0.94 -9.02
CA PRO A 65 -6.28 0.45 -9.12
C PRO A 65 -7.13 0.86 -7.95
N LYS A 66 -7.42 -0.06 -7.12
CA LYS A 66 -8.24 0.20 -5.96
C LYS A 66 -7.34 0.54 -4.76
N TYR A 67 -6.05 0.25 -4.91
CA TYR A 67 -5.14 0.42 -3.83
C TYR A 67 -4.06 1.43 -4.14
N PHE A 68 -3.32 1.17 -5.19
CA PHE A 68 -2.15 1.96 -5.54
C PHE A 68 -2.51 3.03 -6.55
N PHE A 69 -3.69 3.56 -6.44
CA PHE A 69 -4.15 4.54 -7.37
C PHE A 69 -4.78 5.67 -6.60
N ASN A 70 -4.08 6.73 -6.49
CA ASN A 70 -4.52 7.90 -5.94
C ASN A 70 -5.18 8.73 -7.02
N ALA A 71 -6.41 9.14 -6.83
CA ALA A 71 -7.05 9.96 -7.83
C ALA A 71 -7.19 11.37 -7.31
N LYS A 72 -6.33 11.67 -6.37
CA LYS A 72 -6.21 12.95 -5.72
C LYS A 72 -7.47 13.41 -4.98
N VAL A 73 -7.37 13.41 -3.71
CA VAL A 73 -8.36 13.97 -2.85
C VAL A 73 -7.61 14.89 -1.91
N HIS A 74 -7.51 16.13 -2.36
CA HIS A 74 -6.62 17.14 -1.82
C HIS A 74 -5.22 16.81 -2.31
N GLY A 1 -18.55 1.38 -3.77
CA GLY A 1 -17.26 1.14 -4.39
C GLY A 1 -16.18 1.75 -3.55
N SER A 2 -14.98 1.79 -4.06
CA SER A 2 -13.90 2.34 -3.33
C SER A 2 -13.95 3.88 -3.42
N MET A 3 -13.90 4.40 -4.67
CA MET A 3 -13.92 5.86 -4.98
C MET A 3 -12.68 6.54 -4.45
N SER A 4 -12.62 6.64 -3.16
CA SER A 4 -11.53 7.22 -2.48
C SER A 4 -10.55 6.11 -2.14
N TYR A 5 -9.65 5.83 -3.06
CA TYR A 5 -8.64 4.82 -2.83
C TYR A 5 -7.70 5.40 -1.82
N ASP A 6 -6.94 6.37 -2.30
CA ASP A 6 -6.07 7.28 -1.54
C ASP A 6 -5.19 6.57 -0.51
N TYR A 7 -4.86 5.31 -0.80
CA TYR A 7 -4.09 4.43 0.09
C TYR A 7 -4.85 4.07 1.40
N SER A 8 -6.02 4.66 1.59
CA SER A 8 -6.85 4.42 2.76
C SER A 8 -7.50 3.05 2.61
N SER A 9 -7.89 2.73 1.38
CA SER A 9 -8.43 1.43 1.06
C SER A 9 -7.30 0.38 1.22
N LEU A 10 -6.08 0.84 0.97
CA LEU A 10 -4.90 0.00 1.07
C LEU A 10 -4.61 -0.30 2.51
N LEU A 11 -4.71 0.73 3.32
CA LEU A 11 -4.51 0.64 4.72
C LEU A 11 -5.44 -0.40 5.36
N GLY A 12 -6.60 -0.59 4.76
CA GLY A 12 -7.52 -1.61 5.22
C GLY A 12 -6.90 -2.99 5.05
N LYS A 13 -6.39 -3.26 3.85
CA LYS A 13 -5.74 -4.49 3.54
C LYS A 13 -4.51 -4.68 4.40
N ILE A 14 -3.76 -3.62 4.53
CA ILE A 14 -2.55 -3.60 5.34
C ILE A 14 -2.84 -4.04 6.78
N THR A 15 -3.86 -3.48 7.37
CA THR A 15 -4.22 -3.80 8.73
C THR A 15 -4.76 -5.23 8.84
N GLU A 16 -5.51 -5.65 7.88
CA GLU A 16 -6.12 -6.94 7.90
C GLU A 16 -5.19 -8.09 7.53
N LYS A 17 -4.09 -7.79 6.86
CA LYS A 17 -3.19 -8.80 6.44
C LYS A 17 -1.89 -8.76 7.22
N CYS A 18 -1.35 -7.60 7.37
CA CYS A 18 -0.10 -7.43 7.97
C CYS A 18 -0.33 -7.04 9.39
N GLY A 19 -1.25 -6.14 9.58
CA GLY A 19 -1.57 -5.71 10.88
C GLY A 19 -1.59 -4.23 11.00
N THR A 20 -0.49 -3.63 10.66
CA THR A 20 -0.29 -2.19 10.77
C THR A 20 0.69 -1.79 9.70
N GLN A 21 1.01 -0.50 9.63
CA GLN A 21 1.97 0.01 8.65
C GLN A 21 3.38 -0.42 9.06
N TYR A 22 3.56 -0.65 10.36
CA TYR A 22 4.81 -1.15 10.90
C TYR A 22 5.03 -2.55 10.40
N ASN A 23 4.04 -3.37 10.64
CA ASN A 23 4.04 -4.77 10.22
C ASN A 23 4.21 -4.86 8.69
N PHE A 24 3.56 -3.94 7.98
CA PHE A 24 3.67 -3.79 6.52
C PHE A 24 5.12 -3.69 6.15
N ALA A 25 5.79 -2.74 6.79
CA ALA A 25 7.22 -2.50 6.61
C ALA A 25 8.00 -3.82 6.76
N ILE A 26 7.71 -4.54 7.84
CA ILE A 26 8.34 -5.82 8.16
C ILE A 26 8.14 -6.83 7.02
N ALA A 27 6.90 -6.97 6.58
CA ALA A 27 6.51 -7.91 5.54
C ALA A 27 7.11 -7.54 4.17
N MET A 28 7.23 -6.25 3.94
CA MET A 28 7.77 -5.71 2.70
C MET A 28 9.29 -5.73 2.68
N GLY A 29 9.90 -5.93 3.83
CA GLY A 29 11.35 -5.91 3.91
C GLY A 29 11.85 -4.49 3.94
N LEU A 30 11.06 -3.65 4.52
CA LEU A 30 11.33 -2.25 4.59
C LEU A 30 11.48 -1.85 6.03
N SER A 31 11.82 -0.63 6.23
CA SER A 31 11.89 -0.08 7.53
C SER A 31 10.72 0.87 7.63
N GLU A 32 10.17 1.03 8.82
CA GLU A 32 8.98 1.86 8.99
C GLU A 32 9.18 3.29 8.53
N ARG A 33 10.38 3.77 8.68
CA ARG A 33 10.74 5.11 8.30
C ARG A 33 10.57 5.28 6.79
N THR A 34 11.12 4.34 6.08
CA THR A 34 11.16 4.33 4.63
C THR A 34 9.74 4.14 4.10
N VAL A 35 8.98 3.31 4.77
CA VAL A 35 7.62 3.06 4.49
C VAL A 35 6.82 4.27 4.64
N SER A 36 7.12 5.02 5.64
CA SER A 36 6.34 6.14 5.89
C SER A 36 6.61 7.28 4.87
N LEU A 37 7.65 7.10 4.07
CA LEU A 37 7.94 8.02 3.00
C LEU A 37 7.23 7.55 1.72
N LYS A 38 7.41 6.26 1.41
CA LYS A 38 6.83 5.63 0.25
C LYS A 38 5.31 5.53 0.31
N LEU A 39 4.84 5.00 1.40
CA LEU A 39 3.43 4.69 1.59
C LEU A 39 2.65 5.92 2.04
N ASN A 40 3.30 7.05 2.03
CA ASN A 40 2.62 8.26 2.38
C ASN A 40 2.26 9.03 1.13
N ASP A 41 3.30 9.53 0.40
CA ASP A 41 3.06 10.38 -0.79
C ASP A 41 4.35 10.86 -1.49
N LYS A 42 5.53 10.78 -0.84
CA LYS A 42 6.69 11.38 -1.44
C LYS A 42 7.30 10.49 -2.41
N VAL A 43 7.32 9.24 -2.08
CA VAL A 43 8.06 8.36 -2.87
C VAL A 43 7.18 7.27 -3.29
N THR A 44 7.30 6.95 -4.48
CA THR A 44 6.48 5.97 -5.07
C THR A 44 7.27 4.66 -5.19
N TRP A 45 6.57 3.60 -5.38
CA TRP A 45 7.11 2.28 -5.42
C TRP A 45 7.59 1.95 -6.82
N LYS A 46 8.64 1.15 -6.89
CA LYS A 46 9.09 0.59 -8.12
C LYS A 46 8.09 -0.53 -8.43
N ASP A 47 7.89 -0.88 -9.68
CA ASP A 47 7.00 -2.00 -10.06
C ASP A 47 7.27 -3.26 -9.24
N ASP A 48 8.54 -3.52 -8.97
CA ASP A 48 8.94 -4.68 -8.17
C ASP A 48 8.42 -4.59 -6.76
N GLU A 49 8.37 -3.37 -6.24
CA GLU A 49 7.95 -3.14 -4.87
C GLU A 49 6.45 -3.32 -4.79
N ILE A 50 5.78 -2.92 -5.87
CA ILE A 50 4.35 -3.08 -5.99
C ILE A 50 4.02 -4.58 -6.00
N LEU A 51 4.77 -5.34 -6.80
CA LEU A 51 4.63 -6.75 -6.91
C LEU A 51 4.83 -7.45 -5.55
N LYS A 52 5.76 -6.92 -4.75
CA LYS A 52 5.98 -7.42 -3.42
C LYS A 52 4.71 -7.26 -2.59
N ALA A 53 4.14 -6.06 -2.64
CA ALA A 53 2.93 -5.74 -1.89
C ALA A 53 1.75 -6.60 -2.36
N VAL A 54 1.58 -6.69 -3.67
CA VAL A 54 0.51 -7.48 -4.30
C VAL A 54 0.54 -8.93 -3.82
N HIS A 55 1.73 -9.45 -3.63
CA HIS A 55 1.90 -10.85 -3.26
C HIS A 55 1.66 -11.07 -1.77
N VAL A 56 1.87 -10.05 -0.98
CA VAL A 56 1.76 -10.15 0.46
C VAL A 56 0.35 -9.85 0.90
N LEU A 57 -0.11 -8.72 0.45
CA LEU A 57 -1.39 -8.21 0.75
C LEU A 57 -2.48 -8.96 0.00
N GLU A 58 -2.07 -9.71 -1.02
CA GLU A 58 -2.93 -10.54 -1.86
C GLU A 58 -3.85 -9.67 -2.69
N LEU A 59 -3.26 -9.07 -3.71
CA LEU A 59 -3.98 -8.17 -4.57
C LEU A 59 -3.95 -8.68 -6.00
N ASN A 60 -4.62 -8.01 -6.86
CA ASN A 60 -4.69 -8.38 -8.25
C ASN A 60 -4.35 -7.14 -9.09
N PRO A 61 -3.80 -7.29 -10.33
CA PRO A 61 -3.44 -6.14 -11.21
C PRO A 61 -4.59 -5.13 -11.39
N GLN A 62 -5.82 -5.58 -11.25
CA GLN A 62 -6.95 -4.67 -11.42
C GLN A 62 -7.33 -4.00 -10.11
N ASP A 63 -6.67 -4.39 -9.06
CA ASP A 63 -6.84 -3.81 -7.79
C ASP A 63 -5.89 -2.69 -7.60
N ILE A 64 -4.86 -2.67 -8.44
CA ILE A 64 -3.83 -1.65 -8.39
C ILE A 64 -4.39 -0.19 -8.34
N PRO A 65 -5.41 0.20 -9.19
CA PRO A 65 -5.94 1.56 -9.16
C PRO A 65 -6.79 1.83 -7.94
N LYS A 66 -7.18 0.77 -7.28
CA LYS A 66 -8.00 0.86 -6.09
C LYS A 66 -7.13 1.11 -4.86
N TYR A 67 -5.81 0.98 -5.03
CA TYR A 67 -4.91 1.10 -3.92
C TYR A 67 -3.81 2.12 -4.15
N PHE A 68 -3.07 1.96 -5.22
CA PHE A 68 -1.86 2.74 -5.46
C PHE A 68 -2.14 4.08 -6.14
N PHE A 69 -3.38 4.41 -6.29
CA PHE A 69 -3.79 5.59 -6.90
C PHE A 69 -4.43 6.46 -5.87
N ASN A 70 -3.87 7.58 -5.76
CA ASN A 70 -4.31 8.62 -4.90
C ASN A 70 -5.68 9.08 -5.36
N ALA A 71 -6.52 9.49 -4.44
CA ALA A 71 -7.83 9.94 -4.81
C ALA A 71 -7.89 11.43 -4.62
N LYS A 72 -6.74 12.01 -4.67
CA LYS A 72 -6.58 13.43 -4.54
C LYS A 72 -6.46 13.97 -5.95
N VAL A 73 -7.54 14.41 -6.51
CA VAL A 73 -7.51 14.91 -7.84
C VAL A 73 -8.03 16.35 -7.89
N HIS A 74 -7.24 17.21 -7.33
CA HIS A 74 -7.53 18.61 -7.30
C HIS A 74 -6.69 19.26 -8.35
N GLY A 1 -21.41 4.57 -10.59
CA GLY A 1 -20.46 3.91 -9.72
C GLY A 1 -19.97 4.85 -8.66
N SER A 2 -19.54 4.32 -7.56
CA SER A 2 -19.04 5.13 -6.49
C SER A 2 -17.53 5.26 -6.60
N MET A 3 -17.04 6.46 -6.80
CA MET A 3 -15.62 6.70 -6.90
C MET A 3 -15.07 6.94 -5.52
N SER A 4 -14.69 5.88 -4.88
CA SER A 4 -14.15 5.95 -3.54
C SER A 4 -12.67 5.58 -3.58
N TYR A 5 -11.83 6.58 -3.63
CA TYR A 5 -10.41 6.41 -3.72
C TYR A 5 -9.70 7.18 -2.64
N ASP A 6 -8.92 6.48 -1.87
CA ASP A 6 -8.09 7.01 -0.79
C ASP A 6 -7.25 5.83 -0.39
N TYR A 7 -6.22 6.01 0.39
CA TYR A 7 -5.45 4.86 0.79
C TYR A 7 -6.13 4.17 1.97
N SER A 8 -7.29 4.65 2.35
CA SER A 8 -8.05 4.10 3.44
C SER A 8 -8.43 2.62 3.17
N SER A 9 -8.80 2.30 1.92
CA SER A 9 -9.13 0.92 1.55
C SER A 9 -7.89 0.05 1.72
N LEU A 10 -6.75 0.62 1.33
CA LEU A 10 -5.46 -0.02 1.46
C LEU A 10 -5.14 -0.23 2.91
N LEU A 11 -5.27 0.82 3.67
CA LEU A 11 -5.00 0.81 5.07
C LEU A 11 -5.87 -0.24 5.78
N GLY A 12 -7.11 -0.40 5.33
CA GLY A 12 -7.99 -1.42 5.89
C GLY A 12 -7.43 -2.82 5.67
N LYS A 13 -6.93 -3.06 4.47
CA LYS A 13 -6.32 -4.30 4.10
C LYS A 13 -5.02 -4.49 4.90
N ILE A 14 -4.31 -3.41 5.09
CA ILE A 14 -3.11 -3.39 5.90
C ILE A 14 -3.43 -3.74 7.35
N THR A 15 -4.51 -3.18 7.86
CA THR A 15 -4.95 -3.40 9.25
C THR A 15 -5.33 -4.88 9.46
N GLU A 16 -5.71 -5.51 8.39
CA GLU A 16 -6.15 -6.85 8.38
C GLU A 16 -4.99 -7.82 8.40
N LYS A 17 -4.04 -7.55 7.58
CA LYS A 17 -2.97 -8.45 7.38
C LYS A 17 -1.80 -8.17 8.25
N CYS A 18 -1.55 -6.95 8.46
CA CYS A 18 -0.44 -6.53 9.15
C CYS A 18 -0.85 -5.98 10.47
N GLY A 19 -1.85 -5.13 10.45
CA GLY A 19 -2.25 -4.49 11.64
C GLY A 19 -2.25 -3.00 11.52
N THR A 20 -1.10 -2.47 11.27
CA THR A 20 -0.91 -1.03 11.19
C THR A 20 0.07 -0.74 10.07
N GLN A 21 0.34 0.54 9.83
CA GLN A 21 1.28 0.97 8.80
C GLN A 21 2.71 0.59 9.21
N TYR A 22 2.95 0.54 10.50
CA TYR A 22 4.24 0.13 11.03
C TYR A 22 4.46 -1.31 10.72
N ASN A 23 3.50 -2.10 11.11
CA ASN A 23 3.48 -3.54 10.88
C ASN A 23 3.62 -3.86 9.40
N PHE A 24 2.97 -3.04 8.57
CA PHE A 24 3.07 -3.13 7.10
C PHE A 24 4.51 -3.10 6.69
N ALA A 25 5.17 -2.03 7.11
CA ALA A 25 6.58 -1.82 6.85
C ALA A 25 7.39 -3.05 7.28
N ILE A 26 7.09 -3.55 8.49
CA ILE A 26 7.72 -4.73 9.07
C ILE A 26 7.53 -5.95 8.16
N ALA A 27 6.29 -6.22 7.81
CA ALA A 27 5.90 -7.37 7.02
C ALA A 27 6.47 -7.33 5.62
N MET A 28 6.49 -6.15 5.02
CA MET A 28 7.01 -5.98 3.71
C MET A 28 8.52 -6.15 3.71
N GLY A 29 9.14 -5.69 4.78
CA GLY A 29 10.58 -5.79 4.92
C GLY A 29 11.25 -4.47 4.66
N LEU A 30 10.50 -3.40 4.83
CA LEU A 30 11.01 -2.06 4.60
C LEU A 30 11.09 -1.32 5.89
N SER A 31 11.96 -0.35 5.93
CA SER A 31 12.04 0.52 7.08
C SER A 31 10.74 1.32 7.16
N GLU A 32 10.36 1.69 8.38
CA GLU A 32 9.13 2.44 8.61
C GLU A 32 9.08 3.68 7.73
N ARG A 33 10.16 4.41 7.69
CA ARG A 33 10.25 5.63 6.95
C ARG A 33 10.27 5.41 5.45
N THR A 34 10.67 4.24 4.99
CA THR A 34 10.65 3.97 3.55
C THR A 34 9.18 3.93 3.11
N VAL A 35 8.39 3.24 3.89
CA VAL A 35 6.98 3.20 3.73
C VAL A 35 6.38 4.51 3.96
N SER A 36 6.82 5.15 4.97
CA SER A 36 6.23 6.36 5.32
C SER A 36 6.62 7.49 4.34
N LEU A 37 7.61 7.27 3.47
CA LEU A 37 7.91 8.19 2.39
C LEU A 37 7.18 7.81 1.10
N LYS A 38 7.22 6.50 0.77
CA LYS A 38 6.59 5.94 -0.42
C LYS A 38 5.11 6.12 -0.42
N LEU A 39 4.53 5.91 0.71
CA LEU A 39 3.13 6.02 0.87
C LEU A 39 2.72 7.48 1.15
N ASN A 40 3.69 8.31 1.52
CA ASN A 40 3.40 9.66 1.95
C ASN A 40 3.32 10.66 0.83
N ASP A 41 4.36 10.77 0.01
CA ASP A 41 4.37 11.83 -1.03
C ASP A 41 5.52 11.74 -2.03
N LYS A 42 6.67 11.23 -1.62
CA LYS A 42 7.84 11.39 -2.41
C LYS A 42 7.96 10.36 -3.43
N VAL A 43 7.43 9.23 -3.16
CA VAL A 43 7.69 8.19 -4.02
C VAL A 43 6.40 7.55 -4.44
N THR A 44 6.51 6.65 -5.32
CA THR A 44 5.41 5.92 -5.86
C THR A 44 5.83 4.46 -5.91
N TRP A 45 4.94 3.60 -6.28
CA TRP A 45 5.25 2.21 -6.30
C TRP A 45 5.61 1.75 -7.69
N LYS A 46 6.77 1.15 -7.81
CA LYS A 46 7.18 0.54 -9.04
C LYS A 46 6.43 -0.77 -9.16
N ASP A 47 6.49 -1.40 -10.30
CA ASP A 47 5.74 -2.62 -10.51
C ASP A 47 6.12 -3.70 -9.55
N ASP A 48 7.40 -3.83 -9.29
CA ASP A 48 7.89 -4.83 -8.36
C ASP A 48 7.38 -4.57 -6.96
N GLU A 49 7.26 -3.29 -6.61
CA GLU A 49 6.82 -2.89 -5.26
C GLU A 49 5.39 -3.34 -5.09
N ILE A 50 4.61 -3.12 -6.14
CA ILE A 50 3.22 -3.51 -6.19
C ILE A 50 3.11 -5.03 -6.03
N LEU A 51 3.87 -5.75 -6.83
CA LEU A 51 3.88 -7.18 -6.86
C LEU A 51 4.29 -7.79 -5.52
N LYS A 52 5.15 -7.12 -4.80
CA LYS A 52 5.54 -7.59 -3.50
C LYS A 52 4.41 -7.45 -2.51
N ALA A 53 3.70 -6.32 -2.57
CA ALA A 53 2.54 -6.10 -1.72
C ALA A 53 1.46 -7.13 -2.06
N VAL A 54 1.32 -7.41 -3.36
CA VAL A 54 0.40 -8.45 -3.88
C VAL A 54 0.61 -9.80 -3.20
N HIS A 55 1.85 -10.10 -2.88
CA HIS A 55 2.20 -11.37 -2.31
C HIS A 55 2.12 -11.40 -0.80
N VAL A 56 2.31 -10.27 -0.16
CA VAL A 56 2.36 -10.24 1.29
C VAL A 56 0.96 -10.01 1.82
N LEU A 57 0.45 -8.85 1.50
CA LEU A 57 -0.83 -8.40 1.88
C LEU A 57 -1.93 -9.18 1.19
N GLU A 58 -1.56 -9.77 0.07
CA GLU A 58 -2.46 -10.51 -0.80
C GLU A 58 -3.41 -9.59 -1.51
N LEU A 59 -3.06 -9.26 -2.69
CA LEU A 59 -3.88 -8.45 -3.53
C LEU A 59 -3.92 -9.11 -4.86
N ASN A 60 -4.75 -8.63 -5.69
CA ASN A 60 -4.86 -9.14 -7.00
C ASN A 60 -4.46 -8.03 -7.93
N PRO A 61 -3.78 -8.31 -9.06
CA PRO A 61 -3.36 -7.29 -10.02
C PRO A 61 -4.52 -6.40 -10.53
N GLN A 62 -5.75 -6.92 -10.48
CA GLN A 62 -6.89 -6.14 -10.94
C GLN A 62 -7.56 -5.43 -9.76
N ASP A 63 -7.07 -5.70 -8.55
CA ASP A 63 -7.60 -5.06 -7.33
C ASP A 63 -6.76 -3.81 -7.10
N ILE A 64 -5.58 -3.83 -7.72
CA ILE A 64 -4.53 -2.78 -7.62
C ILE A 64 -4.97 -1.30 -7.86
N PRO A 65 -5.88 -0.95 -8.85
CA PRO A 65 -6.16 0.45 -9.15
C PRO A 65 -6.85 1.15 -7.99
N LYS A 66 -7.50 0.35 -7.20
CA LYS A 66 -8.28 0.78 -6.07
C LYS A 66 -7.34 1.24 -4.94
N TYR A 67 -6.12 0.70 -4.95
CA TYR A 67 -5.19 0.95 -3.90
C TYR A 67 -4.09 1.94 -4.29
N PHE A 68 -3.44 1.70 -5.42
CA PHE A 68 -2.24 2.47 -5.74
C PHE A 68 -2.40 3.42 -6.93
N PHE A 69 -3.52 3.38 -7.60
CA PHE A 69 -3.69 4.20 -8.81
C PHE A 69 -4.22 5.59 -8.55
N ASN A 70 -5.49 5.69 -8.25
CA ASN A 70 -6.11 6.98 -8.08
C ASN A 70 -6.39 7.23 -6.62
N ALA A 71 -5.93 6.32 -5.78
CA ALA A 71 -6.18 6.38 -4.34
C ALA A 71 -5.10 7.18 -3.66
N LYS A 72 -4.50 8.04 -4.43
CA LYS A 72 -3.42 8.86 -3.98
C LYS A 72 -3.93 10.10 -3.33
N VAL A 73 -4.56 9.86 -2.26
CA VAL A 73 -5.06 10.86 -1.45
C VAL A 73 -4.30 10.74 -0.16
N HIS A 74 -3.36 11.60 0.01
CA HIS A 74 -2.50 11.61 1.15
C HIS A 74 -2.13 13.03 1.48
N GLY A 1 -13.05 3.28 -10.01
CA GLY A 1 -13.28 3.07 -8.59
C GLY A 1 -13.47 4.38 -7.87
N SER A 2 -14.52 4.48 -7.09
CA SER A 2 -14.80 5.69 -6.38
C SER A 2 -14.19 5.64 -4.98
N MET A 3 -13.24 6.54 -4.72
CA MET A 3 -12.53 6.71 -3.44
C MET A 3 -11.49 5.59 -3.22
N SER A 4 -11.29 4.78 -4.23
CA SER A 4 -10.31 3.70 -4.19
C SER A 4 -8.89 4.29 -4.13
N TYR A 5 -8.74 5.46 -4.76
CA TYR A 5 -7.46 6.17 -4.92
C TYR A 5 -7.07 6.89 -3.63
N ASP A 6 -7.96 6.83 -2.66
CA ASP A 6 -7.74 7.39 -1.32
C ASP A 6 -6.89 6.41 -0.51
N TYR A 7 -6.74 5.22 -1.08
CA TYR A 7 -5.98 4.09 -0.55
C TYR A 7 -6.71 3.41 0.60
N SER A 8 -7.91 3.84 0.89
CA SER A 8 -8.69 3.25 1.98
C SER A 8 -9.03 1.78 1.72
N SER A 9 -9.25 1.44 0.45
CA SER A 9 -9.50 0.06 0.07
C SER A 9 -8.19 -0.74 0.24
N LEU A 10 -7.07 -0.08 -0.02
CA LEU A 10 -5.74 -0.68 0.11
C LEU A 10 -5.45 -0.93 1.56
N LEU A 11 -5.67 0.09 2.36
CA LEU A 11 -5.49 0.05 3.76
C LEU A 11 -6.39 -1.02 4.36
N GLY A 12 -7.55 -1.23 3.75
CA GLY A 12 -8.45 -2.27 4.16
C GLY A 12 -7.81 -3.63 4.03
N LYS A 13 -7.22 -3.89 2.88
CA LYS A 13 -6.51 -5.11 2.63
C LYS A 13 -5.36 -5.25 3.59
N ILE A 14 -4.66 -4.15 3.79
CA ILE A 14 -3.56 -4.08 4.74
C ILE A 14 -4.03 -4.46 6.15
N THR A 15 -5.19 -3.98 6.54
CA THR A 15 -5.76 -4.25 7.85
C THR A 15 -6.14 -5.73 7.98
N GLU A 16 -6.61 -6.29 6.90
CA GLU A 16 -7.10 -7.63 6.93
C GLU A 16 -6.02 -8.66 6.73
N LYS A 17 -4.92 -8.26 6.16
CA LYS A 17 -3.87 -9.18 5.89
C LYS A 17 -2.72 -9.03 6.84
N CYS A 18 -2.46 -7.84 7.24
CA CYS A 18 -1.36 -7.57 8.04
C CYS A 18 -1.86 -7.10 9.39
N GLY A 19 -2.78 -6.17 9.34
CA GLY A 19 -3.33 -5.63 10.54
C GLY A 19 -3.33 -4.14 10.50
N THR A 20 -2.16 -3.60 10.42
CA THR A 20 -1.94 -2.18 10.39
C THR A 20 -0.81 -1.90 9.42
N GLN A 21 -0.48 -0.62 9.23
CA GLN A 21 0.58 -0.22 8.37
C GLN A 21 1.91 -0.72 8.94
N TYR A 22 1.98 -0.76 10.26
CA TYR A 22 3.12 -1.26 11.01
C TYR A 22 3.38 -2.70 10.64
N ASN A 23 2.38 -3.50 10.88
CA ASN A 23 2.40 -4.95 10.59
C ASN A 23 2.74 -5.21 9.13
N PHE A 24 2.20 -4.37 8.24
CA PHE A 24 2.48 -4.42 6.80
C PHE A 24 3.95 -4.26 6.57
N ALA A 25 4.48 -3.22 7.17
CA ALA A 25 5.89 -2.89 7.11
C ALA A 25 6.74 -4.09 7.55
N ILE A 26 6.32 -4.73 8.64
CA ILE A 26 6.99 -5.91 9.18
C ILE A 26 7.07 -7.02 8.12
N ALA A 27 5.94 -7.32 7.52
CA ALA A 27 5.84 -8.38 6.51
C ALA A 27 6.60 -8.03 5.23
N MET A 28 6.68 -6.75 4.94
CA MET A 28 7.35 -6.25 3.74
C MET A 28 8.85 -6.03 3.94
N GLY A 29 9.30 -6.12 5.18
CA GLY A 29 10.70 -5.86 5.47
C GLY A 29 11.00 -4.39 5.38
N LEU A 30 10.06 -3.61 5.83
CA LEU A 30 10.12 -2.18 5.78
C LEU A 30 9.90 -1.61 7.16
N SER A 31 10.09 -0.34 7.26
CA SER A 31 9.81 0.38 8.44
C SER A 31 8.59 1.25 8.15
N GLU A 32 7.62 1.26 9.07
CA GLU A 32 6.30 1.92 8.90
C GLU A 32 6.38 3.30 8.25
N ARG A 33 7.34 4.10 8.68
CA ARG A 33 7.53 5.45 8.18
C ARG A 33 7.83 5.44 6.71
N THR A 34 8.72 4.56 6.35
CA THR A 34 9.26 4.47 5.01
C THR A 34 8.14 4.06 4.04
N VAL A 35 7.33 3.09 4.47
CA VAL A 35 6.22 2.60 3.69
C VAL A 35 5.24 3.70 3.48
N SER A 36 4.96 4.40 4.58
CA SER A 36 4.00 5.44 4.57
C SER A 36 4.43 6.56 3.61
N LEU A 37 5.73 6.85 3.56
CA LEU A 37 6.25 7.89 2.68
C LEU A 37 5.98 7.54 1.21
N LYS A 38 6.18 6.27 0.86
CA LYS A 38 5.96 5.80 -0.48
C LYS A 38 4.48 5.65 -0.78
N LEU A 39 3.71 5.29 0.22
CA LEU A 39 2.30 5.07 0.07
C LEU A 39 1.63 6.35 -0.19
N ASN A 40 1.93 7.26 0.70
CA ASN A 40 1.17 8.43 0.83
C ASN A 40 1.30 9.36 -0.36
N ASP A 41 2.49 9.93 -0.53
CA ASP A 41 2.71 10.99 -1.56
C ASP A 41 4.16 11.54 -1.57
N LYS A 42 4.99 11.16 -0.61
CA LYS A 42 6.32 11.69 -0.50
C LYS A 42 7.18 11.21 -1.67
N VAL A 43 6.99 9.97 -2.00
CA VAL A 43 7.67 9.35 -3.11
C VAL A 43 6.74 8.26 -3.62
N THR A 44 6.93 7.80 -4.81
CA THR A 44 6.10 6.76 -5.36
C THR A 44 6.69 5.40 -4.97
N TRP A 45 5.89 4.37 -5.03
CA TRP A 45 6.36 3.03 -4.76
C TRP A 45 7.18 2.54 -5.93
N LYS A 46 8.15 1.72 -5.67
CA LYS A 46 8.83 1.02 -6.72
C LYS A 46 7.91 -0.10 -7.14
N ASP A 47 8.01 -0.53 -8.37
CA ASP A 47 7.15 -1.59 -8.87
C ASP A 47 7.41 -2.88 -8.11
N ASP A 48 8.63 -3.05 -7.64
CA ASP A 48 9.01 -4.22 -6.82
C ASP A 48 8.24 -4.22 -5.51
N GLU A 49 8.04 -3.03 -4.95
CA GLU A 49 7.33 -2.88 -3.68
C GLU A 49 5.86 -3.20 -3.91
N ILE A 50 5.35 -2.76 -5.04
CA ILE A 50 3.98 -3.02 -5.44
C ILE A 50 3.76 -4.52 -5.61
N LEU A 51 4.63 -5.17 -6.40
CA LEU A 51 4.57 -6.59 -6.69
C LEU A 51 4.55 -7.40 -5.41
N LYS A 52 5.45 -7.08 -4.53
CA LYS A 52 5.65 -7.79 -3.31
C LYS A 52 4.43 -7.65 -2.39
N ALA A 53 3.78 -6.49 -2.48
CA ALA A 53 2.55 -6.26 -1.74
C ALA A 53 1.42 -7.07 -2.37
N VAL A 54 1.32 -7.01 -3.70
CA VAL A 54 0.31 -7.78 -4.51
C VAL A 54 0.20 -9.23 -4.07
N HIS A 55 1.35 -9.84 -3.86
CA HIS A 55 1.46 -11.25 -3.50
C HIS A 55 0.86 -11.51 -2.11
N VAL A 56 0.96 -10.54 -1.26
CA VAL A 56 0.53 -10.67 0.12
C VAL A 56 -0.92 -10.21 0.26
N LEU A 57 -1.21 -9.11 -0.39
CA LEU A 57 -2.43 -8.40 -0.32
C LEU A 57 -3.50 -9.00 -1.23
N GLU A 58 -3.16 -10.14 -1.85
CA GLU A 58 -4.08 -10.97 -2.65
C GLU A 58 -4.49 -10.25 -3.93
N LEU A 59 -3.66 -9.37 -4.40
CA LEU A 59 -4.02 -8.56 -5.52
C LEU A 59 -3.64 -9.20 -6.84
N ASN A 60 -3.97 -8.51 -7.90
CA ASN A 60 -3.69 -8.89 -9.26
C ASN A 60 -3.31 -7.61 -9.99
N PRO A 61 -2.44 -7.67 -11.04
CA PRO A 61 -2.06 -6.51 -11.86
C PRO A 61 -3.27 -5.65 -12.32
N GLN A 62 -4.41 -6.28 -12.51
CA GLN A 62 -5.61 -5.58 -12.98
C GLN A 62 -6.26 -4.75 -11.86
N ASP A 63 -5.91 -5.08 -10.64
CA ASP A 63 -6.39 -4.40 -9.48
C ASP A 63 -5.48 -3.23 -9.15
N ILE A 64 -4.36 -3.12 -9.86
CA ILE A 64 -3.37 -2.09 -9.62
C ILE A 64 -3.87 -0.64 -9.77
N PRO A 65 -4.56 -0.24 -10.88
CA PRO A 65 -4.93 1.18 -11.08
C PRO A 65 -6.09 1.63 -10.19
N LYS A 66 -6.60 0.67 -9.48
CA LYS A 66 -7.67 0.90 -8.53
C LYS A 66 -7.05 1.35 -7.20
N TYR A 67 -6.03 0.61 -6.78
CA TYR A 67 -5.37 0.82 -5.49
C TYR A 67 -4.14 1.70 -5.63
N PHE A 68 -3.19 1.24 -6.41
CA PHE A 68 -1.93 1.90 -6.54
C PHE A 68 -1.95 2.86 -7.70
N PHE A 69 -2.64 3.93 -7.54
CA PHE A 69 -2.71 4.93 -8.53
C PHE A 69 -2.89 6.24 -7.83
N ASN A 70 -1.90 7.07 -7.96
CA ASN A 70 -1.85 8.34 -7.32
C ASN A 70 -2.87 9.30 -7.89
N ALA A 71 -3.93 9.57 -7.14
CA ALA A 71 -4.93 10.56 -7.55
C ALA A 71 -4.95 11.71 -6.59
N LYS A 72 -3.81 11.88 -5.92
CA LYS A 72 -3.61 12.91 -4.90
C LYS A 72 -4.33 12.69 -3.61
N VAL A 73 -3.55 12.51 -2.60
CA VAL A 73 -4.00 12.43 -1.30
C VAL A 73 -3.28 13.55 -0.55
N HIS A 74 -3.86 14.73 -0.69
CA HIS A 74 -3.34 15.98 -0.15
C HIS A 74 -2.07 16.39 -0.90
N GLY A 1 -15.16 14.25 -0.55
CA GLY A 1 -15.91 13.02 -0.75
C GLY A 1 -15.47 12.31 -2.00
N SER A 2 -16.43 11.99 -2.86
CA SER A 2 -16.19 11.29 -4.13
C SER A 2 -15.55 9.89 -3.88
N MET A 3 -15.04 9.28 -4.93
CA MET A 3 -14.39 7.97 -4.84
C MET A 3 -12.90 8.15 -4.46
N SER A 4 -12.62 9.17 -3.66
CA SER A 4 -11.28 9.44 -3.21
C SER A 4 -10.79 8.29 -2.35
N TYR A 5 -9.87 7.52 -2.89
CA TYR A 5 -9.31 6.38 -2.18
C TYR A 5 -8.51 6.86 -0.99
N ASP A 6 -7.55 7.72 -1.32
CA ASP A 6 -6.56 8.32 -0.39
C ASP A 6 -6.03 7.31 0.64
N TYR A 7 -5.74 6.12 0.13
CA TYR A 7 -5.15 5.01 0.89
C TYR A 7 -6.02 4.51 2.05
N SER A 8 -7.24 5.00 2.19
CA SER A 8 -8.05 4.60 3.32
C SER A 8 -8.43 3.12 3.19
N SER A 9 -8.72 2.71 1.97
CA SER A 9 -9.05 1.32 1.69
C SER A 9 -7.77 0.46 1.80
N LEU A 10 -6.63 1.10 1.61
CA LEU A 10 -5.36 0.42 1.63
C LEU A 10 -4.92 0.22 3.07
N LEU A 11 -5.04 1.26 3.87
CA LEU A 11 -4.67 1.23 5.27
C LEU A 11 -5.58 0.24 6.03
N GLY A 12 -6.86 0.21 5.64
CA GLY A 12 -7.81 -0.74 6.24
C GLY A 12 -7.40 -2.17 5.97
N LYS A 13 -6.94 -2.43 4.76
CA LYS A 13 -6.51 -3.70 4.33
C LYS A 13 -5.23 -4.09 5.10
N ILE A 14 -4.38 -3.09 5.34
CA ILE A 14 -3.16 -3.26 6.13
C ILE A 14 -3.48 -3.69 7.55
N THR A 15 -4.39 -2.99 8.20
CA THR A 15 -4.76 -3.28 9.57
C THR A 15 -5.29 -4.71 9.71
N GLU A 16 -6.06 -5.14 8.75
CA GLU A 16 -6.69 -6.40 8.77
C GLU A 16 -5.69 -7.53 8.54
N LYS A 17 -4.66 -7.26 7.77
CA LYS A 17 -3.75 -8.28 7.39
C LYS A 17 -2.47 -8.28 8.17
N CYS A 18 -2.02 -7.12 8.49
CA CYS A 18 -0.81 -6.96 9.13
C CYS A 18 -1.02 -6.40 10.50
N GLY A 19 -1.91 -5.45 10.61
CA GLY A 19 -2.11 -4.82 11.87
C GLY A 19 -1.94 -3.36 11.77
N THR A 20 -0.75 -2.97 11.45
CA THR A 20 -0.37 -1.58 11.34
C THR A 20 0.56 -1.43 10.16
N GLN A 21 0.91 -0.22 9.83
CA GLN A 21 1.84 0.05 8.75
C GLN A 21 3.25 -0.40 9.14
N TYR A 22 3.52 -0.45 10.44
CA TYR A 22 4.79 -0.97 10.96
C TYR A 22 4.88 -2.44 10.63
N ASN A 23 3.86 -3.15 11.03
CA ASN A 23 3.73 -4.59 10.77
C ASN A 23 3.84 -4.87 9.27
N PHE A 24 3.22 -3.99 8.50
CA PHE A 24 3.24 -4.02 7.04
C PHE A 24 4.66 -3.90 6.56
N ALA A 25 5.32 -2.87 7.04
CA ALA A 25 6.74 -2.59 6.73
C ALA A 25 7.61 -3.82 6.92
N ILE A 26 7.41 -4.51 8.04
CA ILE A 26 8.15 -5.73 8.37
C ILE A 26 7.93 -6.78 7.30
N ALA A 27 6.67 -6.94 6.93
CA ALA A 27 6.27 -7.92 5.92
C ALA A 27 6.88 -7.56 4.55
N MET A 28 6.91 -6.29 4.27
CA MET A 28 7.47 -5.77 3.02
C MET A 28 8.98 -5.96 2.97
N GLY A 29 9.62 -5.67 4.08
CA GLY A 29 11.06 -5.72 4.14
C GLY A 29 11.62 -4.32 4.04
N LEU A 30 10.82 -3.37 4.45
CA LEU A 30 11.19 -1.98 4.43
C LEU A 30 11.13 -1.43 5.81
N SER A 31 11.68 -0.31 5.96
CA SER A 31 11.59 0.41 7.18
C SER A 31 10.30 1.19 7.17
N GLU A 32 9.64 1.28 8.32
CA GLU A 32 8.32 1.92 8.48
C GLU A 32 8.28 3.28 7.79
N ARG A 33 9.28 4.10 8.05
CA ARG A 33 9.35 5.44 7.52
C ARG A 33 9.39 5.41 6.00
N THR A 34 10.12 4.46 5.48
CA THR A 34 10.35 4.35 4.06
C THR A 34 9.06 4.02 3.34
N VAL A 35 8.28 3.12 3.93
CA VAL A 35 7.03 2.71 3.40
C VAL A 35 6.12 3.87 3.44
N SER A 36 6.09 4.49 4.58
CA SER A 36 5.23 5.57 4.82
C SER A 36 5.52 6.76 3.88
N LEU A 37 6.80 6.97 3.56
CA LEU A 37 7.17 8.03 2.64
C LEU A 37 6.72 7.70 1.22
N LYS A 38 6.86 6.42 0.84
CA LYS A 38 6.40 5.92 -0.43
C LYS A 38 4.91 5.95 -0.55
N LEU A 39 4.27 5.71 0.54
CA LEU A 39 2.85 5.72 0.63
C LEU A 39 2.35 7.12 0.56
N ASN A 40 2.86 7.95 1.43
CA ASN A 40 2.32 9.25 1.64
C ASN A 40 2.40 10.15 0.42
N ASP A 41 3.63 10.46 -0.02
CA ASP A 41 3.78 11.48 -1.07
C ASP A 41 5.23 11.69 -1.54
N LYS A 42 6.23 11.21 -0.80
CA LYS A 42 7.58 11.56 -1.10
C LYS A 42 8.08 10.68 -2.19
N VAL A 43 7.79 9.44 -2.08
CA VAL A 43 8.40 8.54 -2.95
C VAL A 43 7.34 7.63 -3.48
N THR A 44 7.72 6.69 -4.27
CA THR A 44 6.82 5.72 -4.82
C THR A 44 7.38 4.34 -4.56
N TRP A 45 6.54 3.35 -4.63
CA TRP A 45 6.98 2.01 -4.47
C TRP A 45 7.45 1.53 -5.80
N LYS A 46 8.42 0.69 -5.81
CA LYS A 46 8.81 0.06 -7.01
C LYS A 46 7.77 -1.01 -7.26
N ASP A 47 7.56 -1.37 -8.49
CA ASP A 47 6.55 -2.37 -8.80
C ASP A 47 6.84 -3.68 -8.14
N ASP A 48 8.13 -3.97 -8.00
CA ASP A 48 8.60 -5.19 -7.32
C ASP A 48 8.26 -5.15 -5.84
N GLU A 49 8.19 -3.95 -5.27
CA GLU A 49 7.80 -3.80 -3.88
C GLU A 49 6.29 -4.00 -3.77
N ILE A 50 5.58 -3.48 -4.75
CA ILE A 50 4.13 -3.62 -4.83
C ILE A 50 3.73 -5.10 -4.91
N LEU A 51 4.52 -5.89 -5.63
CA LEU A 51 4.33 -7.29 -5.78
C LEU A 51 4.31 -8.01 -4.42
N LYS A 52 5.10 -7.48 -3.48
CA LYS A 52 5.17 -8.00 -2.14
C LYS A 52 3.88 -7.69 -1.42
N ALA A 53 3.48 -6.43 -1.46
CA ALA A 53 2.25 -5.95 -0.81
C ALA A 53 1.05 -6.76 -1.28
N VAL A 54 1.00 -7.02 -2.58
CA VAL A 54 -0.05 -7.82 -3.21
C VAL A 54 -0.16 -9.21 -2.58
N HIS A 55 0.97 -9.76 -2.21
CA HIS A 55 1.02 -11.08 -1.68
C HIS A 55 0.82 -11.15 -0.18
N VAL A 56 1.01 -10.05 0.49
CA VAL A 56 0.89 -10.05 1.93
C VAL A 56 -0.51 -9.70 2.29
N LEU A 57 -1.01 -8.68 1.65
CA LEU A 57 -2.28 -8.17 1.91
C LEU A 57 -3.38 -8.93 1.20
N GLU A 58 -3.00 -9.65 0.17
CA GLU A 58 -3.90 -10.36 -0.75
C GLU A 58 -4.64 -9.37 -1.61
N LEU A 59 -3.95 -8.94 -2.63
CA LEU A 59 -4.46 -8.04 -3.60
C LEU A 59 -4.43 -8.73 -4.93
N ASN A 60 -4.66 -8.02 -5.97
CA ASN A 60 -4.69 -8.54 -7.30
C ASN A 60 -4.43 -7.38 -8.21
N PRO A 61 -3.92 -7.59 -9.45
CA PRO A 61 -3.78 -6.52 -10.46
C PRO A 61 -5.07 -5.67 -10.59
N GLN A 62 -6.22 -6.30 -10.37
CA GLN A 62 -7.53 -5.66 -10.40
C GLN A 62 -7.61 -4.58 -9.30
N ASP A 63 -7.00 -4.85 -8.16
CA ASP A 63 -7.04 -4.03 -7.02
C ASP A 63 -5.94 -2.96 -7.05
N ILE A 64 -5.03 -3.05 -7.99
CA ILE A 64 -3.94 -2.08 -8.11
C ILE A 64 -4.44 -0.61 -8.32
N PRO A 65 -5.39 -0.34 -9.28
CA PRO A 65 -5.88 1.01 -9.55
C PRO A 65 -6.87 1.45 -8.48
N LYS A 66 -7.14 0.55 -7.63
CA LYS A 66 -8.03 0.76 -6.54
C LYS A 66 -7.24 1.28 -5.34
N TYR A 67 -6.17 0.60 -5.01
CA TYR A 67 -5.39 0.94 -3.84
C TYR A 67 -4.30 1.99 -4.13
N PHE A 68 -3.38 1.65 -5.02
CA PHE A 68 -2.17 2.43 -5.22
C PHE A 68 -2.33 3.56 -6.22
N PHE A 69 -3.55 3.76 -6.71
CA PHE A 69 -3.74 4.77 -7.74
C PHE A 69 -3.83 6.17 -7.13
N ASN A 70 -4.20 6.24 -5.84
CA ASN A 70 -4.44 7.46 -5.13
C ASN A 70 -5.30 8.43 -5.90
N ALA A 71 -6.37 7.91 -6.44
CA ALA A 71 -7.34 8.73 -7.07
C ALA A 71 -8.18 9.45 -6.04
N LYS A 72 -7.60 10.45 -5.45
CA LYS A 72 -8.30 11.34 -4.61
C LYS A 72 -8.49 12.64 -5.35
N VAL A 73 -9.63 13.25 -5.19
CA VAL A 73 -9.95 14.51 -5.85
C VAL A 73 -9.86 15.64 -4.79
N HIS A 74 -9.09 15.33 -3.75
CA HIS A 74 -8.87 16.14 -2.55
C HIS A 74 -10.16 16.40 -1.78
N GLY A 1 -12.23 10.61 4.30
CA GLY A 1 -12.56 9.75 3.18
C GLY A 1 -12.87 10.57 1.97
N SER A 2 -13.00 9.90 0.82
CA SER A 2 -13.26 10.55 -0.46
C SER A 2 -12.09 11.49 -0.84
N MET A 3 -11.13 10.94 -1.54
CA MET A 3 -9.93 11.65 -1.91
C MET A 3 -9.44 11.04 -3.22
N SER A 4 -8.53 11.73 -3.94
CA SER A 4 -7.90 11.22 -5.16
C SER A 4 -7.46 9.80 -4.94
N TYR A 5 -6.66 9.60 -3.93
CA TYR A 5 -6.30 8.28 -3.51
C TYR A 5 -6.38 8.16 -2.03
N ASP A 6 -7.50 7.71 -1.57
CA ASP A 6 -7.63 7.38 -0.21
C ASP A 6 -7.21 5.93 -0.10
N TYR A 7 -6.39 5.65 0.84
CA TYR A 7 -5.84 4.34 0.97
C TYR A 7 -6.54 3.59 2.09
N SER A 8 -7.75 4.00 2.42
CA SER A 8 -8.54 3.39 3.52
C SER A 8 -8.66 1.85 3.35
N SER A 9 -9.07 1.40 2.15
CA SER A 9 -9.18 -0.02 1.85
C SER A 9 -7.80 -0.70 1.91
N LEU A 10 -6.81 0.06 1.62
CA LEU A 10 -5.47 -0.40 1.55
C LEU A 10 -4.91 -0.52 2.97
N LEU A 11 -5.22 0.44 3.79
CA LEU A 11 -4.85 0.51 5.17
C LEU A 11 -5.56 -0.57 5.96
N GLY A 12 -6.81 -0.80 5.63
CA GLY A 12 -7.61 -1.79 6.29
C GLY A 12 -7.03 -3.18 6.17
N LYS A 13 -6.61 -3.56 4.96
CA LYS A 13 -6.10 -4.86 4.75
C LYS A 13 -4.73 -5.01 5.43
N ILE A 14 -4.08 -3.87 5.73
CA ILE A 14 -2.80 -3.87 6.46
C ILE A 14 -3.06 -4.31 7.88
N THR A 15 -4.07 -3.74 8.47
CA THR A 15 -4.42 -3.99 9.85
C THR A 15 -4.77 -5.46 10.09
N GLU A 16 -5.42 -6.06 9.13
CA GLU A 16 -5.87 -7.41 9.28
C GLU A 16 -4.85 -8.46 8.86
N LYS A 17 -3.85 -8.06 8.10
CA LYS A 17 -2.82 -8.95 7.71
C LYS A 17 -1.63 -8.82 8.63
N CYS A 18 -1.23 -7.61 8.84
CA CYS A 18 -0.05 -7.30 9.50
C CYS A 18 -0.40 -6.76 10.85
N GLY A 19 -1.24 -5.78 10.88
CA GLY A 19 -1.61 -5.18 12.10
C GLY A 19 -1.46 -3.71 12.07
N THR A 20 -0.29 -3.28 11.75
CA THR A 20 0.08 -1.88 11.72
C THR A 20 1.01 -1.63 10.56
N GLN A 21 1.42 -0.38 10.38
CA GLN A 21 2.35 -0.03 9.32
C GLN A 21 3.72 -0.56 9.65
N TYR A 22 3.96 -0.67 10.91
CA TYR A 22 5.18 -1.25 11.45
C TYR A 22 5.30 -2.68 11.02
N ASN A 23 4.25 -3.43 11.31
CA ASN A 23 4.19 -4.83 10.95
C ASN A 23 4.22 -5.01 9.45
N PHE A 24 3.53 -4.11 8.77
CA PHE A 24 3.50 -4.05 7.29
C PHE A 24 4.90 -3.97 6.76
N ALA A 25 5.66 -3.04 7.33
CA ALA A 25 7.06 -2.84 6.99
C ALA A 25 7.83 -4.14 7.17
N ILE A 26 7.65 -4.79 8.32
CA ILE A 26 8.30 -6.06 8.64
C ILE A 26 7.98 -7.12 7.61
N ALA A 27 6.70 -7.29 7.37
CA ALA A 27 6.20 -8.27 6.42
C ALA A 27 6.77 -8.04 5.02
N MET A 28 6.82 -6.79 4.61
CA MET A 28 7.35 -6.43 3.29
C MET A 28 8.88 -6.45 3.23
N GLY A 29 9.52 -6.47 4.38
CA GLY A 29 10.97 -6.48 4.42
C GLY A 29 11.54 -5.08 4.36
N LEU A 30 10.71 -4.14 4.72
CA LEU A 30 11.02 -2.73 4.69
C LEU A 30 11.25 -2.23 6.08
N SER A 31 11.69 -1.01 6.17
CA SER A 31 11.82 -0.36 7.43
C SER A 31 10.55 0.43 7.61
N GLU A 32 10.12 0.55 8.82
CA GLU A 32 8.88 1.21 9.15
C GLU A 32 8.89 2.68 8.78
N ARG A 33 10.04 3.30 8.89
CA ARG A 33 10.20 4.67 8.48
C ARG A 33 10.12 4.82 6.97
N THR A 34 10.66 3.87 6.25
CA THR A 34 10.66 3.87 4.80
C THR A 34 9.22 3.72 4.31
N VAL A 35 8.49 2.88 5.02
CA VAL A 35 7.10 2.66 4.83
C VAL A 35 6.33 3.86 5.11
N SER A 36 6.71 4.55 6.13
CA SER A 36 5.97 5.67 6.51
C SER A 36 6.25 6.87 5.56
N LEU A 37 7.24 6.71 4.69
CA LEU A 37 7.49 7.68 3.66
C LEU A 37 6.70 7.30 2.40
N LYS A 38 6.87 6.04 1.96
CA LYS A 38 6.23 5.50 0.78
C LYS A 38 4.73 5.43 0.88
N LEU A 39 4.26 4.92 1.99
CA LEU A 39 2.86 4.67 2.22
C LEU A 39 2.16 5.91 2.76
N ASN A 40 2.86 7.01 2.76
CA ASN A 40 2.26 8.20 3.24
C ASN A 40 2.14 9.22 2.12
N ASP A 41 3.28 9.79 1.69
CA ASP A 41 3.20 10.96 0.81
C ASP A 41 4.46 11.27 -0.01
N LYS A 42 5.63 10.75 0.34
CA LYS A 42 6.80 11.21 -0.33
C LYS A 42 7.13 10.39 -1.50
N VAL A 43 6.87 9.12 -1.42
CA VAL A 43 7.46 8.31 -2.38
C VAL A 43 6.43 7.53 -3.17
N THR A 44 6.90 6.77 -4.09
CA THR A 44 6.07 6.08 -5.01
C THR A 44 6.04 4.61 -4.74
N TRP A 45 5.05 3.98 -5.27
CA TRP A 45 5.04 2.57 -5.35
C TRP A 45 5.35 2.17 -6.74
N LYS A 46 6.56 1.73 -6.96
CA LYS A 46 6.93 1.20 -8.24
C LYS A 46 6.22 -0.13 -8.37
N ASP A 47 6.12 -0.67 -9.55
CA ASP A 47 5.40 -1.93 -9.75
C ASP A 47 6.03 -3.06 -8.92
N ASP A 48 7.36 -3.01 -8.77
CA ASP A 48 8.09 -3.97 -7.91
C ASP A 48 7.61 -3.90 -6.47
N GLU A 49 7.37 -2.66 -6.00
CA GLU A 49 6.95 -2.43 -4.61
C GLU A 49 5.60 -3.07 -4.41
N ILE A 50 4.74 -2.81 -5.40
CA ILE A 50 3.40 -3.33 -5.41
C ILE A 50 3.41 -4.86 -5.37
N LEU A 51 4.22 -5.47 -6.26
CA LEU A 51 4.35 -6.90 -6.37
C LEU A 51 4.66 -7.55 -5.03
N LYS A 52 5.61 -6.97 -4.31
CA LYS A 52 6.01 -7.50 -3.04
C LYS A 52 4.87 -7.50 -2.05
N ALA A 53 4.16 -6.38 -1.98
CA ALA A 53 3.03 -6.26 -1.07
C ALA A 53 1.92 -7.23 -1.46
N VAL A 54 1.65 -7.33 -2.75
CA VAL A 54 0.63 -8.23 -3.31
C VAL A 54 0.85 -9.67 -2.88
N HIS A 55 2.10 -10.04 -2.84
CA HIS A 55 2.47 -11.41 -2.54
C HIS A 55 2.32 -11.71 -1.05
N VAL A 56 2.58 -10.72 -0.23
CA VAL A 56 2.65 -10.91 1.21
C VAL A 56 1.28 -10.71 1.83
N LEU A 57 0.72 -9.57 1.52
CA LEU A 57 -0.54 -9.13 1.99
C LEU A 57 -1.69 -9.88 1.31
N GLU A 58 -1.34 -10.69 0.32
CA GLU A 58 -2.25 -11.53 -0.43
C GLU A 58 -3.28 -10.70 -1.17
N LEU A 59 -2.82 -10.08 -2.21
CA LEU A 59 -3.65 -9.29 -3.05
C LEU A 59 -3.67 -9.91 -4.41
N ASN A 60 -4.31 -9.28 -5.34
CA ASN A 60 -4.40 -9.79 -6.68
C ASN A 60 -4.18 -8.62 -7.64
N PRO A 61 -3.53 -8.84 -8.81
CA PRO A 61 -3.32 -7.78 -9.83
C PRO A 61 -4.62 -7.09 -10.27
N GLN A 62 -5.72 -7.80 -10.19
CA GLN A 62 -7.01 -7.23 -10.60
C GLN A 62 -7.61 -6.40 -9.48
N ASP A 63 -7.08 -6.57 -8.28
CA ASP A 63 -7.59 -5.91 -7.09
C ASP A 63 -6.78 -4.65 -6.83
N ILE A 64 -5.74 -4.48 -7.63
CA ILE A 64 -4.79 -3.39 -7.54
C ILE A 64 -5.36 -1.95 -7.66
N PRO A 65 -6.33 -1.62 -8.59
CA PRO A 65 -6.76 -0.23 -8.80
C PRO A 65 -7.53 0.31 -7.61
N LYS A 66 -7.91 -0.60 -6.76
CA LYS A 66 -8.64 -0.30 -5.55
C LYS A 66 -7.65 0.25 -4.51
N TYR A 67 -6.45 -0.29 -4.53
CA TYR A 67 -5.44 0.07 -3.58
C TYR A 67 -4.48 1.11 -4.16
N PHE A 68 -3.76 0.71 -5.19
CA PHE A 68 -2.71 1.52 -5.75
C PHE A 68 -2.98 1.66 -7.23
N PHE A 69 -3.53 2.75 -7.67
CA PHE A 69 -3.69 2.90 -9.11
C PHE A 69 -2.45 3.61 -9.69
N ASN A 70 -2.40 4.93 -9.59
CA ASN A 70 -1.20 5.65 -9.93
C ASN A 70 -0.30 5.70 -8.74
N ALA A 71 -0.61 6.63 -7.86
CA ALA A 71 0.10 6.85 -6.58
C ALA A 71 1.56 7.21 -6.82
N LYS A 72 1.79 7.74 -7.98
CA LYS A 72 3.04 8.21 -8.40
C LYS A 72 3.14 9.68 -7.98
N VAL A 73 3.68 9.91 -6.82
CA VAL A 73 3.71 11.25 -6.26
C VAL A 73 5.17 11.71 -5.98
N HIS A 74 6.09 11.26 -6.81
CA HIS A 74 7.47 11.64 -6.65
C HIS A 74 8.07 11.89 -8.01
N GLY A 1 -13.03 2.62 3.81
CA GLY A 1 -13.25 2.44 2.38
C GLY A 1 -12.74 1.11 1.97
N SER A 2 -13.37 0.52 0.98
CA SER A 2 -12.98 -0.79 0.53
C SER A 2 -13.01 -0.87 -0.99
N MET A 3 -11.83 -1.13 -1.56
CA MET A 3 -11.60 -1.28 -3.00
C MET A 3 -11.89 0.00 -3.78
N SER A 4 -11.99 1.09 -3.07
CA SER A 4 -12.23 2.36 -3.67
C SER A 4 -10.93 3.13 -3.74
N TYR A 5 -10.90 4.21 -4.52
CA TYR A 5 -9.73 5.06 -4.58
C TYR A 5 -9.57 5.87 -3.31
N ASP A 6 -9.03 5.22 -2.33
CA ASP A 6 -8.68 5.79 -1.05
C ASP A 6 -7.71 4.81 -0.45
N TYR A 7 -6.74 5.27 0.29
CA TYR A 7 -5.77 4.35 0.86
C TYR A 7 -6.36 3.51 1.99
N SER A 8 -7.59 3.81 2.39
CA SER A 8 -8.32 3.01 3.37
C SER A 8 -8.49 1.58 2.85
N SER A 9 -8.60 1.46 1.54
CA SER A 9 -8.71 0.17 0.90
C SER A 9 -7.38 -0.60 1.07
N LEU A 10 -6.29 0.11 0.89
CA LEU A 10 -4.96 -0.46 0.94
C LEU A 10 -4.61 -0.78 2.39
N LEU A 11 -4.92 0.16 3.28
CA LEU A 11 -4.68 0.05 4.65
C LEU A 11 -5.58 -1.00 5.28
N GLY A 12 -6.72 -1.24 4.67
CA GLY A 12 -7.62 -2.28 5.11
C GLY A 12 -6.96 -3.63 5.02
N LYS A 13 -6.30 -3.89 3.91
CA LYS A 13 -5.61 -5.10 3.69
C LYS A 13 -4.40 -5.20 4.58
N ILE A 14 -3.76 -4.08 4.79
CA ILE A 14 -2.65 -3.99 5.72
C ILE A 14 -3.11 -4.43 7.11
N THR A 15 -4.26 -3.93 7.50
CA THR A 15 -4.85 -4.27 8.78
C THR A 15 -5.18 -5.75 8.84
N GLU A 16 -5.79 -6.25 7.79
CA GLU A 16 -6.22 -7.62 7.72
C GLU A 16 -5.08 -8.62 7.76
N LYS A 17 -3.95 -8.28 7.19
CA LYS A 17 -2.88 -9.19 7.08
C LYS A 17 -1.86 -9.00 8.14
N CYS A 18 -1.50 -7.78 8.37
CA CYS A 18 -0.42 -7.48 9.19
C CYS A 18 -0.90 -6.86 10.46
N GLY A 19 -1.92 -6.06 10.37
CA GLY A 19 -2.40 -5.39 11.52
C GLY A 19 -2.28 -3.92 11.36
N THR A 20 -1.07 -3.47 11.29
CA THR A 20 -0.78 -2.06 11.20
C THR A 20 0.27 -1.86 10.11
N GLN A 21 0.56 -0.60 9.78
CA GLN A 21 1.55 -0.28 8.73
C GLN A 21 2.92 -0.62 9.25
N TYR A 22 3.05 -0.57 10.56
CA TYR A 22 4.25 -0.93 11.25
C TYR A 22 4.56 -2.38 10.99
N ASN A 23 3.59 -3.21 11.35
CA ASN A 23 3.70 -4.65 11.19
C ASN A 23 3.96 -5.02 9.75
N PHE A 24 3.26 -4.32 8.87
CA PHE A 24 3.41 -4.44 7.41
C PHE A 24 4.86 -4.31 7.03
N ALA A 25 5.43 -3.18 7.45
CA ALA A 25 6.83 -2.87 7.20
C ALA A 25 7.74 -4.01 7.64
N ILE A 26 7.52 -4.50 8.87
CA ILE A 26 8.33 -5.56 9.47
C ILE A 26 8.35 -6.80 8.57
N ALA A 27 7.18 -7.25 8.17
CA ALA A 27 7.02 -8.47 7.38
C ALA A 27 7.56 -8.30 5.97
N MET A 28 7.41 -7.10 5.43
CA MET A 28 7.86 -6.81 4.11
C MET A 28 9.38 -6.63 4.08
N GLY A 29 9.97 -6.40 5.23
CA GLY A 29 11.40 -6.19 5.31
C GLY A 29 11.74 -4.74 5.13
N LEU A 30 10.79 -3.91 5.44
CA LEU A 30 10.93 -2.49 5.31
C LEU A 30 10.98 -1.84 6.67
N SER A 31 11.39 -0.63 6.67
CA SER A 31 11.34 0.17 7.82
C SER A 31 10.13 1.04 7.59
N GLU A 32 9.33 1.19 8.61
CA GLU A 32 8.06 1.95 8.57
C GLU A 32 8.17 3.30 7.88
N ARG A 33 9.27 3.96 8.11
CA ARG A 33 9.54 5.27 7.57
C ARG A 33 9.57 5.23 6.05
N THR A 34 10.20 4.21 5.54
CA THR A 34 10.43 4.07 4.11
C THR A 34 9.12 3.77 3.40
N VAL A 35 8.31 2.91 4.01
CA VAL A 35 7.01 2.53 3.46
C VAL A 35 6.14 3.75 3.43
N SER A 36 6.25 4.50 4.51
CA SER A 36 5.50 5.70 4.72
C SER A 36 5.73 6.65 3.57
N LEU A 37 6.99 6.84 3.24
CA LEU A 37 7.41 7.76 2.18
C LEU A 37 6.71 7.50 0.83
N LYS A 38 6.67 6.23 0.40
CA LYS A 38 6.02 5.86 -0.84
C LYS A 38 4.52 6.00 -0.75
N LEU A 39 3.98 5.59 0.39
CA LEU A 39 2.55 5.60 0.62
C LEU A 39 2.03 7.01 0.73
N ASN A 40 2.88 7.88 1.21
CA ASN A 40 2.50 9.23 1.41
C ASN A 40 2.52 9.99 0.09
N ASP A 41 3.70 10.08 -0.56
CA ASP A 41 3.82 10.84 -1.83
C ASP A 41 5.22 10.83 -2.48
N LYS A 42 6.29 10.71 -1.65
CA LYS A 42 7.67 10.88 -2.11
C LYS A 42 8.03 10.13 -3.38
N VAL A 43 7.62 8.91 -3.49
CA VAL A 43 7.91 8.14 -4.66
C VAL A 43 6.84 7.07 -4.73
N THR A 44 6.65 6.46 -5.85
CA THR A 44 5.67 5.44 -5.95
C THR A 44 6.37 4.10 -5.66
N TRP A 45 5.61 3.08 -5.44
CA TRP A 45 6.14 1.76 -5.17
C TRP A 45 6.73 1.20 -6.42
N LYS A 46 7.86 0.57 -6.29
CA LYS A 46 8.47 -0.10 -7.39
C LYS A 46 7.70 -1.36 -7.66
N ASP A 47 7.80 -1.86 -8.86
CA ASP A 47 7.10 -3.08 -9.24
C ASP A 47 7.48 -4.25 -8.32
N ASP A 48 8.73 -4.27 -7.88
CA ASP A 48 9.21 -5.27 -6.90
C ASP A 48 8.44 -5.18 -5.60
N GLU A 49 8.12 -3.98 -5.19
CA GLU A 49 7.43 -3.76 -3.94
C GLU A 49 5.98 -4.19 -4.10
N ILE A 50 5.43 -3.84 -5.25
CA ILE A 50 4.07 -4.19 -5.60
C ILE A 50 3.90 -5.71 -5.64
N LEU A 51 4.78 -6.39 -6.39
CA LEU A 51 4.69 -7.84 -6.56
C LEU A 51 4.80 -8.60 -5.24
N LYS A 52 5.49 -8.01 -4.28
CA LYS A 52 5.59 -8.57 -2.96
C LYS A 52 4.28 -8.41 -2.22
N ALA A 53 3.81 -7.17 -2.15
CA ALA A 53 2.60 -6.82 -1.42
C ALA A 53 1.38 -7.57 -1.96
N VAL A 54 1.22 -7.58 -3.27
CA VAL A 54 0.07 -8.24 -3.94
C VAL A 54 -0.08 -9.70 -3.53
N HIS A 55 1.02 -10.39 -3.37
CA HIS A 55 0.96 -11.81 -3.11
C HIS A 55 0.73 -12.09 -1.64
N VAL A 56 1.10 -11.15 -0.81
CA VAL A 56 1.00 -11.34 0.62
C VAL A 56 -0.35 -10.90 1.09
N LEU A 57 -0.68 -9.70 0.74
CA LEU A 57 -1.87 -9.04 1.10
C LEU A 57 -3.08 -9.61 0.36
N GLU A 58 -2.81 -10.39 -0.68
CA GLU A 58 -3.82 -10.99 -1.55
C GLU A 58 -4.58 -9.92 -2.27
N LEU A 59 -3.92 -9.36 -3.25
CA LEU A 59 -4.52 -8.35 -4.05
C LEU A 59 -4.64 -8.89 -5.44
N ASN A 60 -5.44 -8.25 -6.19
CA ASN A 60 -5.68 -8.67 -7.55
C ASN A 60 -5.18 -7.56 -8.47
N PRO A 61 -4.71 -7.87 -9.71
CA PRO A 61 -4.22 -6.87 -10.66
C PRO A 61 -5.19 -5.69 -10.89
N GLN A 62 -6.46 -5.91 -10.65
CA GLN A 62 -7.45 -4.85 -10.85
C GLN A 62 -7.57 -3.95 -9.64
N ASP A 63 -6.92 -4.32 -8.57
CA ASP A 63 -6.88 -3.56 -7.38
C ASP A 63 -5.69 -2.66 -7.38
N ILE A 64 -4.74 -2.95 -8.25
CA ILE A 64 -3.51 -2.18 -8.37
C ILE A 64 -3.76 -0.67 -8.57
N PRO A 65 -4.62 -0.25 -9.57
CA PRO A 65 -4.88 1.16 -9.77
C PRO A 65 -5.71 1.72 -8.63
N LYS A 66 -6.63 0.91 -8.14
CA LYS A 66 -7.59 1.36 -7.13
C LYS A 66 -6.91 1.67 -5.78
N TYR A 67 -5.94 0.84 -5.43
CA TYR A 67 -5.23 0.98 -4.17
C TYR A 67 -4.06 1.95 -4.28
N PHE A 68 -3.06 1.56 -5.04
CA PHE A 68 -1.80 2.28 -5.11
C PHE A 68 -1.91 3.57 -5.89
N PHE A 69 -2.50 3.50 -7.06
CA PHE A 69 -2.64 4.67 -7.92
C PHE A 69 -3.90 5.38 -7.61
N ASN A 70 -3.98 5.78 -6.36
CA ASN A 70 -5.12 6.38 -5.69
C ASN A 70 -5.60 7.65 -6.35
N ALA A 71 -6.15 7.48 -7.54
CA ALA A 71 -6.58 8.52 -8.44
C ALA A 71 -5.41 9.40 -8.75
N LYS A 72 -4.27 8.79 -8.61
CA LYS A 72 -3.01 9.42 -8.71
C LYS A 72 -2.27 8.80 -9.81
N VAL A 73 -2.68 9.17 -10.94
CA VAL A 73 -2.06 8.84 -12.13
C VAL A 73 -1.45 10.14 -12.59
N HIS A 74 -0.20 10.32 -12.29
CA HIS A 74 0.44 11.58 -12.48
C HIS A 74 1.82 11.36 -13.05
N GLY A 1 -11.92 17.75 -4.67
CA GLY A 1 -10.93 18.23 -3.71
C GLY A 1 -9.60 18.41 -4.37
N SER A 2 -8.70 19.16 -3.75
CA SER A 2 -7.36 19.38 -4.29
C SER A 2 -6.54 18.10 -4.22
N MET A 3 -6.82 17.31 -3.22
CA MET A 3 -6.19 16.05 -3.03
C MET A 3 -7.28 14.99 -2.91
N SER A 4 -7.11 13.92 -3.61
CA SER A 4 -8.11 12.87 -3.60
C SER A 4 -7.49 11.51 -3.28
N TYR A 5 -6.19 11.46 -3.15
CA TYR A 5 -5.53 10.22 -2.81
C TYR A 5 -5.50 10.09 -1.29
N ASP A 6 -6.60 9.59 -0.77
CA ASP A 6 -6.84 9.46 0.67
C ASP A 6 -6.41 8.13 1.21
N TYR A 7 -6.29 7.16 0.30
CA TYR A 7 -5.85 5.79 0.59
C TYR A 7 -6.85 5.03 1.45
N SER A 8 -8.02 5.58 1.67
CA SER A 8 -9.01 5.02 2.58
C SER A 8 -9.34 3.53 2.32
N SER A 9 -9.52 3.15 1.06
CA SER A 9 -9.78 1.75 0.70
C SER A 9 -8.57 0.86 1.05
N LEU A 10 -7.40 1.44 0.92
CA LEU A 10 -6.14 0.74 1.13
C LEU A 10 -5.89 0.65 2.64
N LEU A 11 -6.16 1.74 3.34
CA LEU A 11 -6.00 1.85 4.76
C LEU A 11 -6.87 0.84 5.51
N GLY A 12 -8.02 0.51 4.94
CA GLY A 12 -8.88 -0.49 5.53
C GLY A 12 -8.26 -1.86 5.43
N LYS A 13 -7.70 -2.17 4.27
CA LYS A 13 -7.08 -3.44 4.00
C LYS A 13 -5.85 -3.63 4.84
N ILE A 14 -5.18 -2.54 5.12
CA ILE A 14 -4.02 -2.55 6.02
C ILE A 14 -4.42 -3.14 7.36
N THR A 15 -5.48 -2.60 7.93
CA THR A 15 -6.00 -3.04 9.21
C THR A 15 -6.47 -4.49 9.14
N GLU A 16 -7.11 -4.80 8.05
CA GLU A 16 -7.66 -6.10 7.83
C GLU A 16 -6.60 -7.20 7.75
N LYS A 17 -5.52 -6.93 7.09
CA LYS A 17 -4.55 -7.92 6.80
C LYS A 17 -3.44 -7.94 7.80
N CYS A 18 -2.98 -6.78 8.14
CA CYS A 18 -1.85 -6.65 8.91
C CYS A 18 -2.22 -6.10 10.24
N GLY A 19 -3.09 -5.12 10.25
CA GLY A 19 -3.39 -4.45 11.46
C GLY A 19 -3.13 -2.98 11.36
N THR A 20 -1.88 -2.67 11.29
CA THR A 20 -1.43 -1.28 11.32
C THR A 20 -0.36 -1.09 10.25
N GLN A 21 0.19 0.12 10.15
CA GLN A 21 1.22 0.40 9.17
C GLN A 21 2.56 -0.24 9.58
N TYR A 22 2.72 -0.51 10.87
CA TYR A 22 3.89 -1.23 11.38
C TYR A 22 3.84 -2.64 10.88
N ASN A 23 2.75 -3.27 11.21
CA ASN A 23 2.45 -4.65 10.84
C ASN A 23 2.51 -4.81 9.32
N PHE A 24 1.98 -3.82 8.61
CA PHE A 24 2.01 -3.73 7.15
C PHE A 24 3.45 -3.85 6.68
N ALA A 25 4.28 -3.02 7.28
CA ALA A 25 5.71 -3.00 6.99
C ALA A 25 6.34 -4.38 7.24
N ILE A 26 5.93 -5.03 8.34
CA ILE A 26 6.39 -6.38 8.71
C ILE A 26 6.06 -7.37 7.60
N ALA A 27 4.79 -7.41 7.26
CA ALA A 27 4.26 -8.33 6.29
C ALA A 27 4.86 -8.11 4.89
N MET A 28 5.20 -6.87 4.58
CA MET A 28 5.85 -6.56 3.32
C MET A 28 7.35 -6.81 3.36
N GLY A 29 7.95 -6.59 4.51
CA GLY A 29 9.37 -6.80 4.64
C GLY A 29 10.17 -5.51 4.57
N LEU A 30 9.58 -4.44 5.03
CA LEU A 30 10.23 -3.15 5.06
C LEU A 30 10.20 -2.63 6.46
N SER A 31 10.97 -1.62 6.72
CA SER A 31 10.89 -0.94 7.97
C SER A 31 9.68 -0.01 7.87
N GLU A 32 9.09 0.33 9.00
CA GLU A 32 7.93 1.20 9.00
C GLU A 32 8.27 2.57 8.43
N ARG A 33 9.54 2.95 8.59
CA ARG A 33 10.06 4.22 8.10
C ARG A 33 9.86 4.29 6.58
N THR A 34 10.25 3.22 5.90
CA THR A 34 10.21 3.15 4.45
C THR A 34 8.78 3.16 3.97
N VAL A 35 7.96 2.40 4.65
CA VAL A 35 6.58 2.31 4.40
C VAL A 35 5.91 3.60 4.59
N SER A 36 6.29 4.28 5.61
CA SER A 36 5.60 5.44 5.92
C SER A 36 6.03 6.62 4.99
N LEU A 37 7.10 6.41 4.23
CA LEU A 37 7.51 7.39 3.24
C LEU A 37 6.80 7.12 1.92
N LYS A 38 6.89 5.87 1.46
CA LYS A 38 6.27 5.45 0.24
C LYS A 38 4.78 5.47 0.32
N LEU A 39 4.26 4.85 1.36
CA LEU A 39 2.84 4.78 1.59
C LEU A 39 2.38 6.01 2.33
N ASN A 40 2.68 7.11 1.72
CA ASN A 40 2.29 8.36 2.19
C ASN A 40 2.17 9.29 0.99
N ASP A 41 3.33 9.72 0.48
CA ASP A 41 3.40 10.64 -0.69
C ASP A 41 4.85 11.01 -1.03
N LYS A 42 5.86 10.56 -0.25
CA LYS A 42 7.18 11.07 -0.39
C LYS A 42 7.86 10.39 -1.50
N VAL A 43 7.66 9.11 -1.59
CA VAL A 43 8.41 8.40 -2.53
C VAL A 43 7.45 7.65 -3.43
N THR A 44 7.97 6.98 -4.39
CA THR A 44 7.17 6.35 -5.39
C THR A 44 7.05 4.84 -5.13
N TRP A 45 6.09 4.25 -5.78
CA TRP A 45 5.90 2.82 -5.78
C TRP A 45 6.33 2.28 -7.11
N LYS A 46 7.34 1.47 -7.10
CA LYS A 46 7.76 0.79 -8.28
C LYS A 46 6.87 -0.42 -8.44
N ASP A 47 6.81 -0.99 -9.63
CA ASP A 47 5.94 -2.16 -9.87
C ASP A 47 6.33 -3.32 -8.95
N ASP A 48 7.63 -3.44 -8.69
CA ASP A 48 8.16 -4.47 -7.78
C ASP A 48 7.67 -4.24 -6.34
N GLU A 49 7.38 -3.00 -5.99
CA GLU A 49 6.85 -2.66 -4.67
C GLU A 49 5.37 -3.00 -4.65
N ILE A 50 4.71 -2.65 -5.75
CA ILE A 50 3.29 -2.88 -5.91
C ILE A 50 2.97 -4.38 -5.87
N LEU A 51 3.74 -5.18 -6.62
CA LEU A 51 3.53 -6.63 -6.66
C LEU A 51 3.75 -7.27 -5.32
N LYS A 52 4.56 -6.63 -4.49
CA LYS A 52 4.84 -7.12 -3.19
C LYS A 52 3.60 -6.97 -2.35
N ALA A 53 3.07 -5.76 -2.34
CA ALA A 53 1.87 -5.44 -1.61
C ALA A 53 0.69 -6.30 -2.06
N VAL A 54 0.59 -6.52 -3.37
CA VAL A 54 -0.47 -7.37 -3.95
C VAL A 54 -0.47 -8.76 -3.32
N HIS A 55 0.71 -9.34 -3.18
CA HIS A 55 0.83 -10.69 -2.67
C HIS A 55 0.58 -10.73 -1.18
N VAL A 56 0.83 -9.65 -0.54
CA VAL A 56 0.76 -9.58 0.91
C VAL A 56 -0.65 -9.26 1.35
N LEU A 57 -1.20 -8.25 0.74
CA LEU A 57 -2.49 -7.76 0.99
C LEU A 57 -3.56 -8.60 0.30
N GLU A 58 -3.12 -9.56 -0.50
CA GLU A 58 -3.98 -10.51 -1.21
C GLU A 58 -4.87 -9.77 -2.23
N LEU A 59 -4.27 -8.80 -2.91
CA LEU A 59 -4.94 -7.97 -3.88
C LEU A 59 -4.75 -8.53 -5.28
N ASN A 60 -5.04 -7.72 -6.26
CA ASN A 60 -4.89 -8.07 -7.65
C ASN A 60 -4.18 -6.91 -8.36
N PRO A 61 -3.29 -7.20 -9.34
CA PRO A 61 -2.52 -6.17 -10.08
C PRO A 61 -3.41 -5.23 -10.92
N GLN A 62 -4.67 -5.58 -11.13
CA GLN A 62 -5.56 -4.73 -11.88
C GLN A 62 -6.60 -4.10 -10.97
N ASP A 63 -6.43 -4.29 -9.68
CA ASP A 63 -7.36 -3.72 -8.66
C ASP A 63 -6.67 -2.54 -8.00
N ILE A 64 -5.44 -2.36 -8.42
CA ILE A 64 -4.49 -1.37 -7.94
C ILE A 64 -4.96 0.14 -7.91
N PRO A 65 -5.82 0.67 -8.87
CA PRO A 65 -6.14 2.09 -8.87
C PRO A 65 -7.16 2.43 -7.80
N LYS A 66 -7.64 1.41 -7.17
CA LYS A 66 -8.53 1.57 -6.05
C LYS A 66 -7.72 1.76 -4.79
N TYR A 67 -6.47 1.34 -4.85
CA TYR A 67 -5.63 1.36 -3.71
C TYR A 67 -4.54 2.39 -3.80
N PHE A 68 -3.55 2.12 -4.61
CA PHE A 68 -2.35 2.94 -4.65
C PHE A 68 -2.55 4.23 -5.42
N PHE A 69 -3.59 4.27 -6.22
CA PHE A 69 -3.87 5.47 -6.98
C PHE A 69 -5.33 5.81 -6.84
N ASN A 70 -5.85 5.57 -5.66
CA ASN A 70 -7.22 5.88 -5.32
C ASN A 70 -7.44 7.38 -5.50
N ALA A 71 -8.53 7.73 -6.10
CA ALA A 71 -8.78 9.13 -6.40
C ALA A 71 -10.04 9.59 -5.71
N LYS A 72 -10.35 8.91 -4.63
CA LYS A 72 -11.53 9.15 -3.79
C LYS A 72 -12.80 9.24 -4.58
N VAL A 73 -13.49 8.12 -4.61
CA VAL A 73 -14.74 7.96 -5.27
C VAL A 73 -14.55 8.22 -6.76
N HIS A 74 -13.97 7.28 -7.42
CA HIS A 74 -13.71 7.41 -8.83
C HIS A 74 -14.70 6.54 -9.62
N GLY A 1 -17.10 8.25 -5.63
CA GLY A 1 -16.37 8.34 -4.35
C GLY A 1 -15.33 9.43 -4.38
N SER A 2 -15.41 10.33 -3.43
CA SER A 2 -14.46 11.40 -3.31
C SER A 2 -13.26 10.94 -2.50
N MET A 3 -12.18 11.72 -2.53
CA MET A 3 -10.88 11.33 -1.96
C MET A 3 -10.34 10.17 -2.75
N SER A 4 -9.94 10.47 -3.98
CA SER A 4 -9.51 9.48 -4.96
C SER A 4 -8.51 8.49 -4.41
N TYR A 5 -7.31 8.90 -4.22
CA TYR A 5 -6.35 8.00 -3.70
C TYR A 5 -5.79 8.44 -2.40
N ASP A 6 -6.59 8.18 -1.40
CA ASP A 6 -6.24 8.33 -0.01
C ASP A 6 -5.69 6.98 0.44
N TYR A 7 -5.77 6.04 -0.52
CA TYR A 7 -5.31 4.68 -0.40
C TYR A 7 -6.17 3.92 0.58
N SER A 8 -7.40 4.39 0.74
CA SER A 8 -8.34 3.83 1.68
C SER A 8 -8.59 2.34 1.37
N SER A 9 -8.70 2.02 0.08
CA SER A 9 -8.90 0.67 -0.41
C SER A 9 -7.71 -0.24 -0.02
N LEU A 10 -6.54 0.36 0.00
CA LEU A 10 -5.32 -0.33 0.33
C LEU A 10 -5.19 -0.47 1.81
N LEU A 11 -5.36 0.62 2.49
CA LEU A 11 -5.26 0.69 3.90
C LEU A 11 -6.20 -0.30 4.58
N GLY A 12 -7.42 -0.41 4.07
CA GLY A 12 -8.38 -1.35 4.61
C GLY A 12 -7.91 -2.79 4.46
N LYS A 13 -7.28 -3.08 3.34
CA LYS A 13 -6.78 -4.37 3.02
C LYS A 13 -5.56 -4.68 3.89
N ILE A 14 -4.74 -3.66 4.11
CA ILE A 14 -3.59 -3.74 4.99
C ILE A 14 -4.06 -4.07 6.40
N THR A 15 -5.16 -3.46 6.79
CA THR A 15 -5.76 -3.68 8.10
C THR A 15 -6.13 -5.16 8.25
N GLU A 16 -6.52 -5.76 7.17
CA GLU A 16 -6.95 -7.12 7.14
C GLU A 16 -5.80 -8.11 7.22
N LYS A 17 -4.72 -7.79 6.56
CA LYS A 17 -3.65 -8.71 6.46
C LYS A 17 -2.61 -8.49 7.50
N CYS A 18 -2.36 -7.28 7.77
CA CYS A 18 -1.32 -6.91 8.60
C CYS A 18 -1.89 -6.27 9.83
N GLY A 19 -2.79 -5.36 9.64
CA GLY A 19 -3.32 -4.65 10.73
C GLY A 19 -3.16 -3.19 10.58
N THR A 20 -1.93 -2.77 10.52
CA THR A 20 -1.59 -1.36 10.51
C THR A 20 -0.47 -1.12 9.51
N GLN A 21 -0.10 0.15 9.32
CA GLN A 21 1.02 0.50 8.42
C GLN A 21 2.31 -0.02 9.01
N TYR A 22 2.34 -0.09 10.32
CA TYR A 22 3.50 -0.59 11.05
C TYR A 22 3.67 -2.05 10.76
N ASN A 23 2.60 -2.79 10.95
CA ASN A 23 2.60 -4.22 10.70
C ASN A 23 2.92 -4.51 9.24
N PHE A 24 2.39 -3.67 8.36
CA PHE A 24 2.68 -3.73 6.90
C PHE A 24 4.18 -3.65 6.70
N ALA A 25 4.77 -2.66 7.35
CA ALA A 25 6.21 -2.45 7.34
C ALA A 25 6.95 -3.71 7.79
N ILE A 26 6.45 -4.33 8.86
CA ILE A 26 6.99 -5.57 9.41
C ILE A 26 6.91 -6.70 8.37
N ALA A 27 5.72 -6.87 7.79
CA ALA A 27 5.46 -7.90 6.79
C ALA A 27 6.40 -7.74 5.61
N MET A 28 6.50 -6.52 5.12
CA MET A 28 7.41 -6.19 4.02
C MET A 28 8.85 -6.43 4.40
N GLY A 29 9.20 -6.01 5.58
CA GLY A 29 10.57 -6.05 6.01
C GLY A 29 11.22 -4.76 5.60
N LEU A 30 10.43 -3.73 5.56
CA LEU A 30 10.81 -2.44 5.12
C LEU A 30 10.77 -1.55 6.33
N SER A 31 11.47 -0.47 6.28
CA SER A 31 11.56 0.42 7.40
C SER A 31 10.24 1.18 7.53
N GLU A 32 9.89 1.51 8.76
CA GLU A 32 8.65 2.22 9.08
C GLU A 32 8.58 3.52 8.30
N ARG A 33 9.68 4.27 8.30
CA ARG A 33 9.76 5.56 7.63
C ARG A 33 9.57 5.36 6.11
N THR A 34 10.11 4.28 5.59
CA THR A 34 10.07 4.00 4.16
C THR A 34 8.64 3.71 3.73
N VAL A 35 7.95 2.95 4.55
CA VAL A 35 6.58 2.67 4.37
C VAL A 35 5.79 3.90 4.48
N SER A 36 6.13 4.68 5.44
CA SER A 36 5.37 5.81 5.73
C SER A 36 5.59 6.94 4.68
N LEU A 37 6.58 6.75 3.80
CA LEU A 37 6.78 7.64 2.67
C LEU A 37 5.97 7.16 1.46
N LYS A 38 6.22 5.92 1.07
CA LYS A 38 5.58 5.29 -0.06
C LYS A 38 4.09 5.15 0.13
N LEU A 39 3.72 4.65 1.27
CA LEU A 39 2.34 4.33 1.59
C LEU A 39 1.64 5.56 2.18
N ASN A 40 2.21 6.72 1.95
CA ASN A 40 1.58 7.92 2.40
C ASN A 40 1.13 8.70 1.19
N ASP A 41 2.14 9.15 0.39
CA ASP A 41 1.88 9.93 -0.84
C ASP A 41 3.20 10.47 -1.48
N LYS A 42 4.37 10.12 -0.93
CA LYS A 42 5.56 10.75 -1.39
C LYS A 42 6.08 10.00 -2.55
N VAL A 43 6.11 8.72 -2.41
CA VAL A 43 6.81 7.97 -3.35
C VAL A 43 5.91 6.90 -3.87
N THR A 44 6.40 6.20 -4.81
CA THR A 44 5.70 5.14 -5.41
C THR A 44 6.27 3.83 -4.92
N TRP A 45 5.67 2.77 -5.30
CA TRP A 45 6.17 1.47 -5.01
C TRP A 45 6.90 0.97 -6.22
N LYS A 46 8.00 0.30 -6.02
CA LYS A 46 8.71 -0.31 -7.09
C LYS A 46 7.94 -1.52 -7.53
N ASP A 47 8.19 -1.99 -8.72
CA ASP A 47 7.45 -3.14 -9.30
C ASP A 47 7.51 -4.34 -8.37
N ASP A 48 8.70 -4.60 -7.86
CA ASP A 48 8.91 -5.69 -6.90
C ASP A 48 8.08 -5.49 -5.66
N GLU A 49 7.94 -4.25 -5.23
CA GLU A 49 7.26 -3.94 -3.98
C GLU A 49 5.77 -4.12 -4.15
N ILE A 50 5.30 -3.76 -5.34
CA ILE A 50 3.91 -3.94 -5.71
C ILE A 50 3.60 -5.43 -5.66
N LEU A 51 4.45 -6.22 -6.30
CA LEU A 51 4.33 -7.63 -6.35
C LEU A 51 4.38 -8.26 -4.96
N LYS A 52 5.28 -7.78 -4.11
CA LYS A 52 5.40 -8.27 -2.76
C LYS A 52 4.13 -8.02 -1.97
N ALA A 53 3.52 -6.86 -2.20
CA ALA A 53 2.29 -6.51 -1.53
C ALA A 53 1.14 -7.37 -2.06
N VAL A 54 1.04 -7.50 -3.39
CA VAL A 54 0.01 -8.34 -4.04
C VAL A 54 0.05 -9.77 -3.49
N HIS A 55 1.24 -10.23 -3.18
CA HIS A 55 1.48 -11.58 -2.68
C HIS A 55 0.93 -11.74 -1.27
N VAL A 56 1.05 -10.72 -0.48
CA VAL A 56 0.69 -10.77 0.94
C VAL A 56 -0.76 -10.40 1.13
N LEU A 57 -1.08 -9.25 0.62
CA LEU A 57 -2.36 -8.66 0.70
C LEU A 57 -3.38 -9.45 -0.10
N GLU A 58 -2.91 -10.14 -1.14
CA GLU A 58 -3.71 -10.90 -2.07
C GLU A 58 -4.54 -9.99 -2.92
N LEU A 59 -3.92 -9.50 -3.93
CA LEU A 59 -4.51 -8.58 -4.84
C LEU A 59 -4.52 -9.18 -6.23
N ASN A 60 -4.88 -8.39 -7.20
CA ASN A 60 -4.95 -8.84 -8.56
C ASN A 60 -4.40 -7.73 -9.45
N PRO A 61 -3.71 -8.05 -10.58
CA PRO A 61 -3.16 -7.05 -11.50
C PRO A 61 -4.21 -6.02 -12.01
N GLN A 62 -5.46 -6.41 -12.04
CA GLN A 62 -6.53 -5.52 -12.47
C GLN A 62 -6.98 -4.64 -11.35
N ASP A 63 -6.80 -5.12 -10.16
CA ASP A 63 -7.24 -4.42 -8.93
C ASP A 63 -6.22 -3.36 -8.55
N ILE A 64 -5.03 -3.46 -9.14
CA ILE A 64 -3.87 -2.58 -8.89
C ILE A 64 -4.13 -1.03 -8.83
N PRO A 65 -4.90 -0.40 -9.79
CA PRO A 65 -5.02 1.08 -9.81
C PRO A 65 -5.74 1.59 -8.59
N LYS A 66 -6.51 0.74 -7.99
CA LYS A 66 -7.32 1.08 -6.84
C LYS A 66 -6.43 1.24 -5.61
N TYR A 67 -5.20 0.74 -5.71
CA TYR A 67 -4.28 0.76 -4.62
C TYR A 67 -3.05 1.59 -4.97
N PHE A 68 -2.35 1.20 -6.01
CA PHE A 68 -1.03 1.74 -6.29
C PHE A 68 -1.03 2.70 -7.46
N PHE A 69 -2.14 3.37 -7.75
CA PHE A 69 -2.15 4.29 -8.88
C PHE A 69 -1.54 5.63 -8.48
N ASN A 70 -1.52 5.90 -7.17
CA ASN A 70 -1.03 7.10 -6.57
C ASN A 70 -1.57 8.37 -7.20
N ALA A 71 -2.77 8.33 -7.73
CA ALA A 71 -3.34 9.50 -8.33
C ALA A 71 -4.06 10.35 -7.32
N LYS A 72 -3.29 10.91 -6.40
CA LYS A 72 -3.80 11.84 -5.45
C LYS A 72 -3.99 13.14 -6.13
N VAL A 73 -5.24 13.41 -6.44
CA VAL A 73 -5.64 14.57 -7.19
C VAL A 73 -4.97 14.50 -8.59
N HIS A 74 -5.06 13.29 -9.16
CA HIS A 74 -4.53 12.92 -10.47
C HIS A 74 -2.99 12.97 -10.48
N GLY A 1 -10.33 12.64 0.81
CA GLY A 1 -11.21 11.82 1.63
C GLY A 1 -10.71 10.41 1.68
N SER A 2 -11.60 9.49 1.97
CA SER A 2 -11.27 8.08 2.00
C SER A 2 -11.63 7.45 0.67
N MET A 3 -10.71 6.64 0.15
CA MET A 3 -10.85 5.95 -1.13
C MET A 3 -10.71 6.92 -2.30
N SER A 4 -10.78 6.40 -3.52
CA SER A 4 -10.61 7.19 -4.73
C SER A 4 -9.16 7.71 -4.80
N TYR A 5 -8.24 6.74 -4.99
CA TYR A 5 -6.79 6.95 -5.12
C TYR A 5 -6.19 7.32 -3.76
N ASP A 6 -6.94 7.00 -2.77
CA ASP A 6 -6.56 7.18 -1.39
C ASP A 6 -6.23 5.84 -0.79
N TYR A 7 -5.32 5.83 0.16
CA TYR A 7 -4.81 4.59 0.70
C TYR A 7 -5.73 3.96 1.76
N SER A 8 -6.91 4.50 2.03
CA SER A 8 -7.79 3.93 3.08
C SER A 8 -8.10 2.44 2.81
N SER A 9 -8.35 2.10 1.55
CA SER A 9 -8.61 0.71 1.15
C SER A 9 -7.36 -0.15 1.44
N LEU A 10 -6.23 0.48 1.33
CA LEU A 10 -4.95 -0.16 1.44
C LEU A 10 -4.58 -0.29 2.92
N LEU A 11 -4.80 0.76 3.69
CA LEU A 11 -4.56 0.81 5.10
C LEU A 11 -5.45 -0.21 5.83
N GLY A 12 -6.67 -0.35 5.33
CA GLY A 12 -7.57 -1.34 5.85
C GLY A 12 -7.06 -2.75 5.63
N LYS A 13 -6.40 -2.96 4.50
CA LYS A 13 -5.83 -4.21 4.13
C LYS A 13 -4.55 -4.47 4.95
N ILE A 14 -3.81 -3.40 5.21
CA ILE A 14 -2.62 -3.47 6.04
C ILE A 14 -2.98 -3.93 7.43
N THR A 15 -3.94 -3.26 8.02
CA THR A 15 -4.38 -3.56 9.37
C THR A 15 -4.98 -4.98 9.44
N GLU A 16 -5.49 -5.43 8.33
CA GLU A 16 -6.13 -6.69 8.22
C GLU A 16 -5.12 -7.83 8.21
N LYS A 17 -4.13 -7.69 7.40
CA LYS A 17 -3.17 -8.71 7.18
C LYS A 17 -2.05 -8.63 8.12
N CYS A 18 -1.54 -7.47 8.27
CA CYS A 18 -0.37 -7.26 8.95
C CYS A 18 -0.68 -6.79 10.33
N GLY A 19 -1.58 -5.85 10.41
CA GLY A 19 -1.86 -5.28 11.68
C GLY A 19 -1.69 -3.81 11.67
N THR A 20 -0.51 -3.38 11.40
CA THR A 20 -0.13 -1.98 11.42
C THR A 20 0.90 -1.72 10.34
N GLN A 21 1.33 -0.47 10.19
CA GLN A 21 2.36 -0.11 9.21
C GLN A 21 3.69 -0.73 9.62
N TYR A 22 3.85 -0.90 10.92
CA TYR A 22 5.01 -1.52 11.51
C TYR A 22 5.10 -2.94 11.05
N ASN A 23 4.06 -3.67 11.34
CA ASN A 23 3.92 -5.07 10.97
C ASN A 23 4.05 -5.25 9.45
N PHE A 24 3.46 -4.31 8.72
CA PHE A 24 3.52 -4.26 7.25
C PHE A 24 4.96 -4.22 6.83
N ALA A 25 5.68 -3.30 7.44
CA ALA A 25 7.08 -3.12 7.23
C ALA A 25 7.82 -4.43 7.49
N ILE A 26 7.58 -5.02 8.68
CA ILE A 26 8.20 -6.27 9.13
C ILE A 26 8.05 -7.37 8.09
N ALA A 27 6.82 -7.56 7.63
CA ALA A 27 6.49 -8.61 6.68
C ALA A 27 7.12 -8.36 5.31
N MET A 28 7.33 -7.10 4.98
CA MET A 28 7.95 -6.74 3.72
C MET A 28 9.48 -6.70 3.82
N GLY A 29 9.99 -6.73 5.03
CA GLY A 29 11.43 -6.67 5.22
C GLY A 29 11.90 -5.22 5.27
N LEU A 30 11.00 -4.35 5.63
CA LEU A 30 11.24 -2.93 5.70
C LEU A 30 11.18 -2.47 7.14
N SER A 31 11.47 -1.22 7.35
CA SER A 31 11.34 -0.64 8.64
C SER A 31 10.13 0.28 8.59
N GLU A 32 9.51 0.56 9.73
CA GLU A 32 8.26 1.33 9.78
C GLU A 32 8.41 2.69 9.09
N ARG A 33 9.50 3.38 9.34
CA ARG A 33 9.70 4.69 8.75
C ARG A 33 9.98 4.57 7.27
N THR A 34 10.67 3.53 6.90
CA THR A 34 11.02 3.25 5.49
C THR A 34 9.72 3.05 4.71
N VAL A 35 8.81 2.36 5.33
CA VAL A 35 7.50 2.16 4.84
C VAL A 35 6.78 3.42 4.77
N SER A 36 6.94 4.22 5.77
CA SER A 36 6.22 5.41 5.82
C SER A 36 6.70 6.44 4.76
N LEU A 37 7.85 6.17 4.14
CA LEU A 37 8.33 6.98 3.05
C LEU A 37 7.59 6.58 1.78
N LYS A 38 7.62 5.28 1.51
CA LYS A 38 7.04 4.66 0.33
C LYS A 38 5.54 4.66 0.34
N LEU A 39 5.00 4.35 1.48
CA LEU A 39 3.57 4.23 1.68
C LEU A 39 2.94 5.58 1.98
N ASN A 40 3.66 6.61 1.66
CA ASN A 40 3.14 7.92 1.80
C ASN A 40 3.16 8.59 0.44
N ASP A 41 4.35 9.05 0.03
CA ASP A 41 4.54 9.71 -1.29
C ASP A 41 5.97 10.28 -1.48
N LYS A 42 6.89 10.06 -0.54
CA LYS A 42 8.21 10.65 -0.63
C LYS A 42 8.98 9.93 -1.72
N VAL A 43 8.75 8.65 -1.76
CA VAL A 43 9.19 7.77 -2.77
C VAL A 43 7.99 6.86 -2.98
N THR A 44 7.72 6.50 -4.18
CA THR A 44 6.57 5.69 -4.44
C THR A 44 7.03 4.32 -4.93
N TRP A 45 6.17 3.35 -4.79
CA TRP A 45 6.48 1.98 -5.15
C TRP A 45 6.75 1.85 -6.62
N LYS A 46 7.84 1.21 -6.90
CA LYS A 46 8.15 0.80 -8.23
C LYS A 46 7.38 -0.48 -8.49
N ASP A 47 7.38 -0.97 -9.69
CA ASP A 47 6.60 -2.17 -10.03
C ASP A 47 7.06 -3.37 -9.21
N ASP A 48 8.36 -3.47 -9.00
CA ASP A 48 8.96 -4.54 -8.18
C ASP A 48 8.48 -4.42 -6.74
N GLU A 49 8.32 -3.20 -6.29
CA GLU A 49 7.95 -2.90 -4.92
C GLU A 49 6.49 -3.29 -4.69
N ILE A 50 5.68 -3.04 -5.71
CA ILE A 50 4.28 -3.41 -5.66
C ILE A 50 4.17 -4.92 -5.55
N LEU A 51 4.98 -5.62 -6.35
CA LEU A 51 5.03 -7.05 -6.37
C LEU A 51 5.41 -7.62 -5.01
N LYS A 52 6.24 -6.89 -4.26
CA LYS A 52 6.63 -7.32 -2.94
C LYS A 52 5.39 -7.38 -2.05
N ALA A 53 4.58 -6.33 -2.12
CA ALA A 53 3.37 -6.24 -1.31
C ALA A 53 2.31 -7.26 -1.75
N VAL A 54 2.11 -7.39 -3.06
CA VAL A 54 1.13 -8.35 -3.66
C VAL A 54 1.39 -9.77 -3.16
N HIS A 55 2.65 -10.07 -2.95
CA HIS A 55 3.10 -11.39 -2.54
C HIS A 55 2.78 -11.65 -1.07
N VAL A 56 2.88 -10.61 -0.28
CA VAL A 56 2.76 -10.73 1.17
C VAL A 56 1.33 -10.55 1.61
N LEU A 57 0.78 -9.44 1.22
CA LEU A 57 -0.55 -9.03 1.52
C LEU A 57 -1.58 -9.86 0.77
N GLU A 58 -1.10 -10.53 -0.27
CA GLU A 58 -1.88 -11.42 -1.13
C GLU A 58 -2.97 -10.65 -1.82
N LEU A 59 -2.59 -10.04 -2.93
CA LEU A 59 -3.45 -9.15 -3.67
C LEU A 59 -3.62 -9.63 -5.09
N ASN A 60 -4.50 -8.99 -5.81
CA ASN A 60 -4.78 -9.38 -7.18
C ASN A 60 -4.27 -8.29 -8.12
N PRO A 61 -3.74 -8.68 -9.30
CA PRO A 61 -3.17 -7.72 -10.28
C PRO A 61 -4.18 -6.67 -10.77
N GLN A 62 -5.45 -6.98 -10.75
CA GLN A 62 -6.46 -6.05 -11.26
C GLN A 62 -6.97 -5.14 -10.17
N ASP A 63 -6.63 -5.47 -8.95
CA ASP A 63 -7.12 -4.72 -7.81
C ASP A 63 -6.05 -3.74 -7.37
N ILE A 64 -4.88 -3.87 -7.98
CA ILE A 64 -3.69 -3.06 -7.70
C ILE A 64 -3.87 -1.52 -7.83
N PRO A 65 -4.52 -0.98 -8.92
CA PRO A 65 -4.59 0.49 -9.13
C PRO A 65 -5.53 1.17 -8.17
N LYS A 66 -6.18 0.37 -7.40
CA LYS A 66 -7.10 0.81 -6.38
C LYS A 66 -6.31 1.06 -5.09
N TYR A 67 -5.16 0.40 -4.98
CA TYR A 67 -4.33 0.50 -3.81
C TYR A 67 -3.03 1.27 -4.10
N PHE A 68 -2.17 0.70 -4.93
CA PHE A 68 -0.84 1.19 -5.13
C PHE A 68 -0.66 1.47 -6.61
N PHE A 69 -0.68 2.68 -7.03
CA PHE A 69 -0.31 2.91 -8.40
C PHE A 69 0.69 4.07 -8.51
N ASN A 70 0.21 5.29 -8.60
CA ASN A 70 1.04 6.42 -8.60
C ASN A 70 0.28 7.54 -7.87
N ALA A 71 0.32 7.48 -6.57
CA ALA A 71 -0.38 8.44 -5.73
C ALA A 71 0.58 9.49 -5.22
N LYS A 72 1.55 9.79 -6.04
CA LYS A 72 2.56 10.71 -5.70
C LYS A 72 2.19 12.11 -6.19
N VAL A 73 2.70 13.09 -5.47
CA VAL A 73 2.64 14.50 -5.77
C VAL A 73 1.27 15.00 -6.19
N HIS A 74 0.37 14.99 -5.27
CA HIS A 74 -0.87 15.62 -5.49
C HIS A 74 -1.28 16.41 -4.27
#